data_2HZD
#
_entry.id   2HZD
#
_entity_poly.entity_id   1
_entity_poly.type   'polypeptide(L)'
_entity_poly.pdbx_seq_one_letter_code
;MDNDAEGVWSPDIEQSFQEALSIYPPCGRRKIILSDEGKMYGRNELIARYIKLRTGKTRTRKQVSSHIQVLARRKSRDLV
PR
;
_entity_poly.pdbx_strand_id   A
#
# COMPACT_ATOMS: atom_id res chain seq x y z
N MET A 1 20.76 17.14 1.75
CA MET A 1 19.53 17.02 2.58
C MET A 1 18.62 18.24 2.38
N ASP A 2 17.87 18.24 1.28
CA ASP A 2 16.97 19.33 0.97
C ASP A 2 15.91 19.49 2.06
N ASN A 3 15.29 20.67 2.10
CA ASN A 3 14.27 20.95 3.09
C ASN A 3 13.08 20.02 2.94
N ASP A 4 12.93 19.44 1.76
CA ASP A 4 11.83 18.52 1.48
C ASP A 4 11.94 17.27 2.33
N ALA A 5 13.14 16.98 2.83
CA ALA A 5 13.38 15.82 3.66
C ALA A 5 13.26 16.16 5.14
N GLU A 6 12.52 17.22 5.46
CA GLU A 6 12.34 17.64 6.83
C GLU A 6 11.04 17.11 7.42
N GLY A 7 10.52 16.09 6.78
CA GLY A 7 9.28 15.48 7.21
C GLY A 7 8.13 16.47 7.28
N VAL A 8 8.07 17.36 6.31
CA VAL A 8 7.01 18.37 6.26
C VAL A 8 5.63 17.72 6.18
N TRP A 9 5.59 16.51 5.65
CA TRP A 9 4.33 15.78 5.51
C TRP A 9 3.81 15.32 6.87
N SER A 10 2.50 15.40 7.05
CA SER A 10 1.88 15.00 8.31
C SER A 10 2.15 13.53 8.60
N PRO A 11 2.36 13.17 9.88
CA PRO A 11 2.63 11.80 10.29
C PRO A 11 1.41 10.89 10.17
N ASP A 12 0.24 11.50 10.16
CA ASP A 12 -1.01 10.76 10.04
C ASP A 12 -1.18 10.17 8.65
N ILE A 13 -0.52 10.79 7.67
CA ILE A 13 -0.60 10.33 6.30
C ILE A 13 0.30 9.12 6.10
N GLU A 14 1.52 9.23 6.61
CA GLU A 14 2.47 8.14 6.51
C GLU A 14 2.03 6.97 7.38
N GLN A 15 1.23 7.28 8.39
CA GLN A 15 0.71 6.26 9.28
C GLN A 15 -0.40 5.47 8.62
N SER A 16 -1.26 6.18 7.91
CA SER A 16 -2.35 5.57 7.20
C SER A 16 -1.83 4.68 6.07
N PHE A 17 -0.61 4.97 5.63
CA PHE A 17 0.03 4.21 4.57
C PHE A 17 0.41 2.83 5.04
N GLN A 18 0.94 2.76 6.26
CA GLN A 18 1.34 1.48 6.83
C GLN A 18 0.12 0.64 7.14
N GLU A 19 -0.98 1.31 7.45
CA GLU A 19 -2.22 0.64 7.77
C GLU A 19 -2.79 -0.05 6.52
N ALA A 20 -2.55 0.56 5.38
CA ALA A 20 -3.03 0.00 4.12
C ALA A 20 -2.04 -1.03 3.60
N LEU A 21 -0.78 -0.83 3.92
CA LEU A 21 0.26 -1.75 3.51
C LEU A 21 0.33 -2.94 4.47
N SER A 22 -0.06 -2.69 5.73
CA SER A 22 -0.07 -3.74 6.73
C SER A 22 -1.29 -4.63 6.55
N ILE A 23 -2.38 -4.01 6.13
CA ILE A 23 -3.62 -4.73 5.90
C ILE A 23 -3.58 -5.46 4.56
N TYR A 24 -2.95 -4.82 3.59
CA TYR A 24 -2.82 -5.37 2.26
C TYR A 24 -1.36 -5.63 1.92
N PRO A 25 -0.82 -6.81 2.32
CA PRO A 25 0.57 -7.17 2.05
C PRO A 25 0.74 -7.80 0.67
N PRO A 26 1.99 -8.07 0.27
CA PRO A 26 2.30 -8.67 -1.03
C PRO A 26 1.81 -10.12 -1.14
N CYS A 27 1.42 -10.69 -0.01
CA CYS A 27 0.94 -12.07 0.02
C CYS A 27 -0.09 -12.27 1.13
N GLY A 28 -0.67 -13.46 1.17
CA GLY A 28 -1.67 -13.75 2.19
C GLY A 28 -3.00 -14.16 1.58
N ARG A 29 -3.40 -13.49 0.51
CA ARG A 29 -4.65 -13.78 -0.17
C ARG A 29 -4.63 -13.27 -1.60
N ARG A 30 -5.03 -14.12 -2.54
CA ARG A 30 -5.07 -13.75 -3.94
C ARG A 30 -6.29 -14.33 -4.63
N LYS A 31 -7.40 -13.62 -4.57
CA LYS A 31 -8.64 -14.06 -5.19
C LYS A 31 -9.49 -12.87 -5.63
N ILE A 32 -10.26 -13.06 -6.69
CA ILE A 32 -11.12 -12.00 -7.20
C ILE A 32 -12.23 -12.57 -8.09
N ILE A 33 -13.31 -13.01 -7.45
CA ILE A 33 -14.44 -13.57 -8.16
C ILE A 33 -15.26 -12.49 -8.85
N LEU A 34 -14.77 -12.00 -9.98
CA LEU A 34 -15.46 -10.97 -10.74
C LEU A 34 -16.67 -11.53 -11.48
N SER A 35 -16.63 -12.83 -11.75
CA SER A 35 -17.73 -13.49 -12.45
C SER A 35 -19.04 -13.36 -11.66
N ASP A 36 -18.91 -13.13 -10.36
CA ASP A 36 -20.08 -12.99 -9.50
C ASP A 36 -20.41 -11.51 -9.26
N GLU A 37 -19.52 -10.82 -8.57
CA GLU A 37 -19.72 -9.41 -8.28
C GLU A 37 -19.68 -8.56 -9.54
N GLY A 38 -18.81 -8.94 -10.47
CA GLY A 38 -18.69 -8.20 -11.71
C GLY A 38 -18.31 -6.75 -11.51
N LYS A 39 -17.79 -6.44 -10.32
CA LYS A 39 -17.37 -5.09 -10.00
C LYS A 39 -16.15 -5.13 -9.09
N MET A 40 -14.97 -5.13 -9.69
CA MET A 40 -13.72 -5.16 -8.96
C MET A 40 -12.63 -4.42 -9.72
N TYR A 41 -12.57 -3.11 -9.50
CA TYR A 41 -11.57 -2.27 -10.16
C TYR A 41 -10.17 -2.57 -9.64
N GLY A 42 -9.19 -1.80 -10.10
CA GLY A 42 -7.82 -2.01 -9.68
C GLY A 42 -7.68 -2.04 -8.17
N ARG A 43 -6.85 -2.95 -7.68
CA ARG A 43 -6.62 -3.09 -6.24
C ARG A 43 -6.13 -1.78 -5.63
N ASN A 44 -5.48 -0.97 -6.44
CA ASN A 44 -4.95 0.32 -5.99
C ASN A 44 -6.05 1.16 -5.34
N GLU A 45 -7.27 0.94 -5.79
CA GLU A 45 -8.42 1.67 -5.25
C GLU A 45 -8.77 1.18 -3.85
N LEU A 46 -8.34 -0.04 -3.53
CA LEU A 46 -8.62 -0.63 -2.23
C LEU A 46 -7.69 -0.05 -1.17
N ILE A 47 -6.46 0.25 -1.56
CA ILE A 47 -5.50 0.82 -0.64
C ILE A 47 -5.76 2.29 -0.43
N ALA A 48 -6.25 2.94 -1.48
CA ALA A 48 -6.55 4.36 -1.41
C ALA A 48 -7.86 4.59 -0.65
N ARG A 49 -8.74 3.59 -0.70
CA ARG A 49 -10.01 3.67 0.00
C ARG A 49 -9.79 3.61 1.50
N TYR A 50 -8.72 2.92 1.89
CA TYR A 50 -8.38 2.79 3.30
C TYR A 50 -7.93 4.11 3.86
N ILE A 51 -6.94 4.69 3.20
CA ILE A 51 -6.40 5.98 3.62
C ILE A 51 -7.47 7.05 3.56
N LYS A 52 -8.44 6.87 2.66
CA LYS A 52 -9.53 7.82 2.52
C LYS A 52 -10.49 7.72 3.69
N LEU A 53 -10.56 6.54 4.29
CA LEU A 53 -11.43 6.30 5.43
C LEU A 53 -10.75 6.68 6.74
N ARG A 54 -9.43 6.82 6.71
CA ARG A 54 -8.66 7.16 7.90
C ARG A 54 -9.18 8.44 8.54
N THR A 55 -9.16 9.52 7.77
CA THR A 55 -9.63 10.82 8.25
C THR A 55 -9.92 11.75 7.08
N GLY A 56 -10.33 11.19 5.95
CA GLY A 56 -10.64 11.98 4.78
C GLY A 56 -9.42 12.73 4.24
N LYS A 57 -8.23 12.33 4.70
CA LYS A 57 -7.00 12.96 4.26
C LYS A 57 -6.63 12.49 2.86
N THR A 58 -5.43 12.86 2.41
CA THR A 58 -4.96 12.47 1.08
C THR A 58 -5.18 10.98 0.84
N ARG A 59 -4.98 10.55 -0.40
CA ARG A 59 -5.15 9.16 -0.76
C ARG A 59 -4.32 8.81 -1.97
N THR A 60 -3.00 8.86 -1.81
CA THR A 60 -2.08 8.54 -2.89
C THR A 60 -2.26 7.10 -3.34
N ARG A 61 -2.18 6.87 -4.65
CA ARG A 61 -2.33 5.53 -5.19
C ARG A 61 -1.00 5.01 -5.74
N LYS A 62 -0.26 5.90 -6.36
CA LYS A 62 1.03 5.54 -6.94
C LYS A 62 2.07 5.32 -5.84
N GLN A 63 1.90 6.03 -4.74
CA GLN A 63 2.81 5.92 -3.61
C GLN A 63 2.51 4.67 -2.80
N VAL A 64 1.25 4.27 -2.79
CA VAL A 64 0.84 3.09 -2.06
C VAL A 64 1.14 1.83 -2.85
N SER A 65 1.32 1.97 -4.16
CA SER A 65 1.63 0.84 -5.02
C SER A 65 3.12 0.60 -5.01
N SER A 66 3.86 1.68 -4.91
CA SER A 66 5.31 1.63 -4.88
C SER A 66 5.79 1.03 -3.56
N HIS A 67 5.03 1.30 -2.50
CA HIS A 67 5.36 0.79 -1.18
C HIS A 67 5.18 -0.71 -1.10
N ILE A 68 4.17 -1.21 -1.80
CA ILE A 68 3.89 -2.64 -1.82
C ILE A 68 4.94 -3.38 -2.63
N GLN A 69 5.49 -2.71 -3.62
CA GLN A 69 6.50 -3.28 -4.48
C GLN A 69 7.83 -3.41 -3.73
N VAL A 70 8.03 -2.52 -2.76
CA VAL A 70 9.25 -2.52 -1.96
C VAL A 70 9.27 -3.71 -1.01
N LEU A 71 8.09 -4.14 -0.60
CA LEU A 71 7.97 -5.27 0.31
C LEU A 71 8.34 -6.57 -0.38
N ALA A 72 8.11 -6.62 -1.70
CA ALA A 72 8.43 -7.79 -2.49
C ALA A 72 9.93 -7.96 -2.62
N ARG A 73 10.65 -6.85 -2.56
CA ARG A 73 12.10 -6.86 -2.66
C ARG A 73 12.73 -7.49 -1.42
N ARG A 74 12.04 -7.37 -0.29
CA ARG A 74 12.52 -7.91 0.97
C ARG A 74 12.46 -9.44 0.96
N LYS A 75 11.49 -9.96 0.22
CA LYS A 75 11.30 -11.41 0.11
C LYS A 75 12.29 -12.01 -0.86
N SER A 76 12.74 -11.21 -1.82
CA SER A 76 13.69 -11.66 -2.82
C SER A 76 15.07 -11.91 -2.21
N ARG A 77 15.29 -11.38 -1.01
CA ARG A 77 16.56 -11.54 -0.32
C ARG A 77 16.58 -12.79 0.56
N ASP A 78 15.66 -13.72 0.28
CA ASP A 78 15.58 -14.96 1.04
C ASP A 78 16.35 -16.09 0.36
N LEU A 79 17.35 -15.73 -0.44
CA LEU A 79 18.15 -16.71 -1.15
C LEU A 79 18.94 -17.57 -0.17
N VAL A 80 18.39 -18.74 0.17
CA VAL A 80 19.05 -19.65 1.09
C VAL A 80 20.43 -20.06 0.57
N PRO A 81 21.51 -19.57 1.23
CA PRO A 81 22.88 -19.90 0.82
C PRO A 81 23.23 -21.37 1.05
N ARG A 82 22.38 -22.07 1.81
CA ARG A 82 22.61 -23.48 2.10
C ARG A 82 23.93 -23.67 2.85
N MET A 1 6.10 25.02 -8.73
CA MET A 1 6.98 24.68 -7.58
C MET A 1 6.47 23.47 -6.82
N ASP A 2 7.26 22.40 -6.82
CA ASP A 2 6.89 21.18 -6.14
C ASP A 2 6.71 21.41 -4.64
N ASN A 3 5.48 21.70 -4.24
CA ASN A 3 5.17 21.94 -2.83
C ASN A 3 5.49 20.72 -1.98
N ASP A 4 5.54 19.56 -2.61
CA ASP A 4 5.83 18.31 -1.91
C ASP A 4 7.20 18.37 -1.23
N ALA A 5 8.06 19.27 -1.72
CA ALA A 5 9.40 19.41 -1.17
C ALA A 5 9.45 20.53 -0.12
N GLU A 6 8.29 20.81 0.49
CA GLU A 6 8.21 21.85 1.51
C GLU A 6 8.27 21.26 2.91
N GLY A 7 8.77 20.05 2.98
CA GLY A 7 8.90 19.35 4.24
C GLY A 7 7.55 18.87 4.77
N VAL A 8 6.61 18.64 3.87
CA VAL A 8 5.29 18.16 4.23
C VAL A 8 5.35 16.78 4.87
N TRP A 9 6.45 16.07 4.65
CA TRP A 9 6.62 14.74 5.21
C TRP A 9 6.53 14.76 6.73
N SER A 10 5.69 13.88 7.28
CA SER A 10 5.51 13.80 8.71
C SER A 10 5.50 12.34 9.18
N PRO A 11 5.92 12.08 10.43
CA PRO A 11 5.96 10.72 10.98
C PRO A 11 4.57 10.10 11.12
N ASP A 12 3.56 10.96 11.17
CA ASP A 12 2.18 10.51 11.30
C ASP A 12 1.69 9.89 10.00
N ILE A 13 2.31 10.27 8.90
CA ILE A 13 1.94 9.73 7.60
C ILE A 13 2.52 8.35 7.40
N GLU A 14 3.78 8.20 7.78
CA GLU A 14 4.46 6.92 7.67
C GLU A 14 3.86 5.93 8.65
N GLN A 15 3.27 6.45 9.72
CA GLN A 15 2.64 5.62 10.73
C GLN A 15 1.32 5.08 10.23
N SER A 16 0.55 5.95 9.61
CA SER A 16 -0.74 5.57 9.06
C SER A 16 -0.54 4.54 7.95
N PHE A 17 0.65 4.57 7.35
CA PHE A 17 1.00 3.64 6.28
C PHE A 17 1.01 2.22 6.79
N GLN A 18 1.54 2.04 7.99
CA GLN A 18 1.60 0.72 8.60
C GLN A 18 0.19 0.21 8.88
N GLU A 19 -0.73 1.14 9.10
CA GLU A 19 -2.11 0.80 9.39
C GLU A 19 -2.75 0.12 8.18
N ALA A 20 -2.38 0.59 7.00
CA ALA A 20 -2.91 0.02 5.77
C ALA A 20 -2.21 -1.29 5.43
N LEU A 21 -0.94 -1.36 5.82
CA LEU A 21 -0.15 -2.56 5.57
C LEU A 21 -0.45 -3.62 6.63
N SER A 22 -0.81 -3.15 7.82
CA SER A 22 -1.14 -4.05 8.91
C SER A 22 -2.54 -4.61 8.72
N ILE A 23 -3.41 -3.79 8.15
CA ILE A 23 -4.79 -4.19 7.89
C ILE A 23 -4.88 -5.02 6.62
N TYR A 24 -4.07 -4.64 5.65
CA TYR A 24 -4.02 -5.32 4.36
C TYR A 24 -2.65 -5.95 4.12
N PRO A 25 -2.42 -7.16 4.66
CA PRO A 25 -1.16 -7.86 4.51
C PRO A 25 -1.11 -8.70 3.23
N PRO A 26 0.07 -9.24 2.87
CA PRO A 26 0.23 -10.06 1.67
C PRO A 26 -0.47 -11.41 1.78
N CYS A 27 -0.82 -11.79 3.00
CA CYS A 27 -1.50 -13.05 3.25
C CYS A 27 -2.89 -13.06 2.61
N GLY A 28 -3.33 -14.24 2.17
CA GLY A 28 -4.63 -14.36 1.55
C GLY A 28 -4.78 -13.47 0.33
N ARG A 29 -3.79 -13.51 -0.56
CA ARG A 29 -3.80 -12.71 -1.77
C ARG A 29 -5.02 -13.05 -2.63
N ARG A 30 -6.05 -12.22 -2.54
CA ARG A 30 -7.28 -12.43 -3.30
C ARG A 30 -6.98 -12.42 -4.80
N LYS A 31 -8.03 -12.46 -5.61
CA LYS A 31 -7.89 -12.45 -7.06
C LYS A 31 -9.09 -11.79 -7.72
N ILE A 32 -8.81 -10.90 -8.67
CA ILE A 32 -9.86 -10.20 -9.38
C ILE A 32 -9.37 -9.75 -10.76
N ILE A 33 -10.31 -9.54 -11.68
CA ILE A 33 -9.97 -9.11 -13.03
C ILE A 33 -11.21 -8.64 -13.79
N LEU A 34 -11.14 -7.47 -14.39
CA LEU A 34 -12.25 -6.90 -15.14
C LEU A 34 -12.50 -7.68 -16.43
N SER A 35 -11.42 -8.24 -16.98
CA SER A 35 -11.51 -9.02 -18.21
C SER A 35 -12.34 -10.29 -18.00
N ASP A 36 -12.49 -10.69 -16.75
CA ASP A 36 -13.25 -11.89 -16.43
C ASP A 36 -14.36 -11.57 -15.41
N GLU A 37 -13.94 -11.28 -14.18
CA GLU A 37 -14.89 -10.96 -13.12
C GLU A 37 -15.62 -9.65 -13.41
N GLY A 38 -15.01 -8.81 -14.22
CA GLY A 38 -15.61 -7.53 -14.57
C GLY A 38 -15.81 -6.64 -13.36
N LYS A 39 -15.14 -6.96 -12.26
CA LYS A 39 -15.24 -6.18 -11.05
C LYS A 39 -13.91 -6.18 -10.31
N MET A 40 -13.09 -5.20 -10.63
CA MET A 40 -11.78 -5.07 -10.00
C MET A 40 -11.38 -3.60 -9.91
N TYR A 41 -11.81 -2.94 -8.84
CA TYR A 41 -11.50 -1.53 -8.64
C TYR A 41 -10.04 -1.36 -8.23
N GLY A 42 -9.57 -0.10 -8.25
CA GLY A 42 -8.21 0.18 -7.88
C GLY A 42 -7.87 -0.26 -6.47
N ARG A 43 -7.13 -1.36 -6.34
CA ARG A 43 -6.74 -1.87 -5.03
C ARG A 43 -5.97 -0.83 -4.23
N ASN A 44 -5.30 0.06 -4.94
CA ASN A 44 -4.52 1.11 -4.30
C ASN A 44 -5.42 2.11 -3.59
N GLU A 45 -6.65 2.23 -4.07
CA GLU A 45 -7.61 3.15 -3.49
C GLU A 45 -8.08 2.65 -2.14
N LEU A 46 -8.04 1.33 -1.95
CA LEU A 46 -8.45 0.72 -0.70
C LEU A 46 -7.44 0.99 0.40
N ILE A 47 -6.18 0.82 0.06
CA ILE A 47 -5.10 1.04 1.01
C ILE A 47 -4.91 2.54 1.24
N ALA A 48 -5.17 3.32 0.22
CA ALA A 48 -5.04 4.76 0.31
C ALA A 48 -6.24 5.36 1.03
N ARG A 49 -7.36 4.65 1.00
CA ARG A 49 -8.57 5.10 1.67
C ARG A 49 -8.42 4.91 3.17
N TYR A 50 -7.59 3.95 3.55
CA TYR A 50 -7.34 3.68 4.95
C TYR A 50 -6.54 4.80 5.58
N ILE A 51 -5.42 5.10 4.96
CA ILE A 51 -4.55 6.16 5.43
C ILE A 51 -5.27 7.51 5.40
N LYS A 52 -6.15 7.65 4.43
CA LYS A 52 -6.93 8.87 4.28
C LYS A 52 -7.95 9.01 5.41
N LEU A 53 -8.37 7.88 5.95
CA LEU A 53 -9.34 7.85 7.03
C LEU A 53 -8.66 8.01 8.39
N ARG A 54 -7.34 7.79 8.42
CA ARG A 54 -6.58 7.90 9.65
C ARG A 54 -6.78 9.25 10.31
N THR A 55 -6.64 10.30 9.51
CA THR A 55 -6.79 11.66 10.00
C THR A 55 -7.00 12.64 8.86
N GLY A 56 -7.60 12.16 7.77
CA GLY A 56 -7.84 13.01 6.62
C GLY A 56 -6.56 13.53 5.99
N LYS A 57 -5.43 12.92 6.36
CA LYS A 57 -4.14 13.33 5.83
C LYS A 57 -3.93 12.77 4.43
N THR A 58 -2.71 12.93 3.90
CA THR A 58 -2.38 12.42 2.57
C THR A 58 -2.86 10.98 2.40
N ARG A 59 -2.79 10.47 1.18
CA ARG A 59 -3.20 9.12 0.90
C ARG A 59 -2.50 8.60 -0.35
N THR A 60 -1.19 8.45 -0.25
CA THR A 60 -0.40 7.96 -1.38
C THR A 60 -0.83 6.55 -1.76
N ARG A 61 -0.79 6.25 -3.06
CA ARG A 61 -1.19 4.94 -3.55
C ARG A 61 0.02 4.16 -4.05
N LYS A 62 0.89 4.85 -4.76
CA LYS A 62 2.09 4.22 -5.30
C LYS A 62 3.08 3.90 -4.20
N GLN A 63 3.05 4.68 -3.14
CA GLN A 63 3.94 4.48 -2.01
C GLN A 63 3.44 3.35 -1.12
N VAL A 64 2.12 3.18 -1.08
CA VAL A 64 1.52 2.14 -0.28
C VAL A 64 1.57 0.80 -0.99
N SER A 65 1.73 0.83 -2.32
CA SER A 65 1.81 -0.38 -3.10
C SER A 65 3.25 -0.89 -3.11
N SER A 66 4.18 0.05 -3.05
CA SER A 66 5.59 -0.26 -3.03
C SER A 66 5.98 -0.89 -1.70
N HIS A 67 5.31 -0.44 -0.65
CA HIS A 67 5.57 -0.93 0.70
C HIS A 67 5.11 -2.37 0.85
N ILE A 68 3.99 -2.71 0.22
CA ILE A 68 3.46 -4.06 0.28
C ILE A 68 4.31 -5.01 -0.55
N GLN A 69 4.95 -4.47 -1.58
CA GLN A 69 5.80 -5.26 -2.45
C GLN A 69 7.10 -5.62 -1.74
N VAL A 70 7.50 -4.77 -0.80
CA VAL A 70 8.73 -5.00 -0.04
C VAL A 70 8.55 -6.16 0.92
N LEU A 71 7.33 -6.36 1.38
CA LEU A 71 7.02 -7.45 2.30
C LEU A 71 7.13 -8.79 1.62
N ALA A 72 6.86 -8.80 0.32
CA ALA A 72 6.94 -10.03 -0.46
C ALA A 72 8.38 -10.47 -0.64
N ARG A 73 9.29 -9.52 -0.60
CA ARG A 73 10.71 -9.81 -0.75
C ARG A 73 11.24 -10.53 0.49
N ARG A 74 10.63 -10.26 1.63
CA ARG A 74 11.03 -10.89 2.88
C ARG A 74 10.68 -12.37 2.88
N LYS A 75 9.61 -12.71 2.19
CA LYS A 75 9.16 -14.09 2.10
C LYS A 75 9.92 -14.85 1.02
N SER A 76 10.44 -14.11 0.05
CA SER A 76 11.19 -14.71 -1.05
C SER A 76 12.53 -15.28 -0.57
N ARG A 77 12.92 -14.94 0.65
CA ARG A 77 14.18 -15.42 1.21
C ARG A 77 14.23 -16.94 1.20
N ASP A 78 13.07 -17.57 1.14
CA ASP A 78 12.99 -19.03 1.12
C ASP A 78 13.58 -19.59 -0.17
N LEU A 79 13.61 -18.76 -1.21
CA LEU A 79 14.14 -19.18 -2.50
C LEU A 79 15.61 -19.56 -2.39
N VAL A 80 15.86 -20.82 -2.05
CA VAL A 80 17.24 -21.31 -1.91
C VAL A 80 17.98 -21.25 -3.24
N PRO A 81 19.14 -20.57 -3.28
CA PRO A 81 19.95 -20.45 -4.49
C PRO A 81 20.54 -21.79 -4.94
N ARG A 82 20.48 -22.79 -4.07
CA ARG A 82 21.00 -24.11 -4.40
C ARG A 82 22.50 -24.04 -4.67
N MET A 1 14.56 26.77 10.42
CA MET A 1 14.56 27.18 8.99
C MET A 1 13.35 26.62 8.26
N ASP A 2 12.92 27.31 7.21
CA ASP A 2 11.77 26.88 6.42
C ASP A 2 12.02 25.50 5.82
N ASN A 3 11.18 24.54 6.19
CA ASN A 3 11.30 23.18 5.68
C ASN A 3 10.22 22.89 4.64
N ASP A 4 9.81 23.94 3.91
CA ASP A 4 8.79 23.79 2.88
C ASP A 4 9.22 22.79 1.82
N ALA A 5 10.53 22.58 1.70
CA ALA A 5 11.07 21.64 0.73
C ALA A 5 11.94 20.57 1.38
N GLU A 6 12.03 20.62 2.71
CA GLU A 6 12.83 19.65 3.45
C GLU A 6 11.97 18.54 4.02
N GLY A 7 10.81 18.39 3.44
CA GLY A 7 9.88 17.36 3.86
C GLY A 7 8.74 17.92 4.70
N VAL A 8 8.15 19.01 4.23
CA VAL A 8 7.04 19.63 4.94
C VAL A 8 5.87 18.67 5.13
N TRP A 9 5.83 17.64 4.30
CA TRP A 9 4.76 16.64 4.37
C TRP A 9 4.77 15.94 5.73
N SER A 10 3.62 15.96 6.39
CA SER A 10 3.49 15.32 7.71
C SER A 10 3.82 13.83 7.62
N PRO A 11 4.40 13.27 8.70
CA PRO A 11 4.76 11.85 8.74
C PRO A 11 3.55 10.93 8.80
N ASP A 12 2.38 11.51 9.08
CA ASP A 12 1.15 10.73 9.17
C ASP A 12 0.83 10.07 7.84
N ILE A 13 1.35 10.63 6.75
CA ILE A 13 1.12 10.10 5.43
C ILE A 13 1.87 8.79 5.25
N GLU A 14 3.17 8.85 5.45
CA GLU A 14 4.01 7.66 5.34
C GLU A 14 3.58 6.62 6.36
N GLN A 15 2.97 7.09 7.45
CA GLN A 15 2.51 6.20 8.50
C GLN A 15 1.25 5.48 8.07
N SER A 16 0.36 6.23 7.44
CA SER A 16 -0.89 5.66 6.94
C SER A 16 -0.60 4.62 5.88
N PHE A 17 0.55 4.75 5.22
CA PHE A 17 0.95 3.81 4.18
C PHE A 17 1.17 2.44 4.78
N GLN A 18 1.76 2.40 5.96
CA GLN A 18 2.00 1.14 6.63
C GLN A 18 0.69 0.48 7.01
N GLU A 19 -0.33 1.29 7.22
CA GLU A 19 -1.64 0.80 7.59
C GLU A 19 -2.23 -0.02 6.46
N ALA A 20 -2.00 0.42 5.24
CA ALA A 20 -2.50 -0.28 4.07
C ALA A 20 -1.64 -1.51 3.77
N LEU A 21 -0.36 -1.41 4.10
CA LEU A 21 0.56 -2.51 3.88
C LEU A 21 0.44 -3.53 4.99
N SER A 22 0.09 -3.05 6.18
CA SER A 22 -0.08 -3.92 7.33
C SER A 22 -1.41 -4.65 7.25
N ILE A 23 -2.40 -3.98 6.68
CA ILE A 23 -3.73 -4.54 6.52
C ILE A 23 -3.80 -5.39 5.25
N TYR A 24 -3.11 -4.92 4.23
CA TYR A 24 -3.07 -5.61 2.95
C TYR A 24 -1.66 -6.08 2.61
N PRO A 25 -1.25 -7.26 3.12
CA PRO A 25 0.06 -7.82 2.88
C PRO A 25 0.12 -8.61 1.58
N PRO A 26 1.33 -9.06 1.18
CA PRO A 26 1.51 -9.83 -0.05
C PRO A 26 0.87 -11.21 0.02
N CYS A 27 0.72 -11.72 1.23
CA CYS A 27 0.14 -13.02 1.45
C CYS A 27 -1.35 -13.02 1.11
N GLY A 28 -1.94 -14.21 1.05
CA GLY A 28 -3.36 -14.33 0.75
C GLY A 28 -3.71 -13.71 -0.59
N ARG A 29 -3.08 -14.21 -1.65
CA ARG A 29 -3.33 -13.71 -2.99
C ARG A 29 -4.81 -13.87 -3.38
N ARG A 30 -5.59 -12.83 -3.12
CA ARG A 30 -7.01 -12.84 -3.42
C ARG A 30 -7.25 -13.08 -4.91
N LYS A 31 -8.41 -13.63 -5.24
CA LYS A 31 -8.77 -13.90 -6.62
C LYS A 31 -10.28 -13.83 -6.83
N ILE A 32 -10.71 -12.92 -7.69
CA ILE A 32 -12.13 -12.75 -7.98
C ILE A 32 -12.33 -12.16 -9.38
N ILE A 33 -13.58 -12.21 -9.84
CA ILE A 33 -13.92 -11.68 -11.16
C ILE A 33 -15.32 -11.07 -11.16
N LEU A 34 -15.45 -9.92 -11.81
CA LEU A 34 -16.73 -9.23 -11.88
C LEU A 34 -17.76 -10.07 -12.62
N SER A 35 -17.30 -11.05 -13.39
CA SER A 35 -18.18 -11.92 -14.14
C SER A 35 -19.16 -12.65 -13.23
N ASP A 36 -18.79 -12.76 -11.95
CA ASP A 36 -19.63 -13.43 -10.97
C ASP A 36 -19.93 -12.51 -9.79
N GLU A 37 -18.91 -12.24 -8.99
CA GLU A 37 -19.07 -11.38 -7.82
C GLU A 37 -19.56 -9.99 -8.23
N GLY A 38 -19.33 -9.63 -9.48
CA GLY A 38 -19.76 -8.33 -9.97
C GLY A 38 -19.11 -7.18 -9.22
N LYS A 39 -18.02 -7.47 -8.53
CA LYS A 39 -17.28 -6.46 -7.79
C LYS A 39 -15.79 -6.77 -7.82
N MET A 40 -15.13 -6.22 -8.82
CA MET A 40 -13.70 -6.40 -8.98
C MET A 40 -13.07 -5.17 -9.63
N TYR A 41 -12.71 -4.20 -8.80
CA TYR A 41 -12.10 -2.97 -9.27
C TYR A 41 -10.59 -2.98 -9.02
N GLY A 42 -9.94 -1.86 -9.33
CA GLY A 42 -8.50 -1.77 -9.12
C GLY A 42 -8.12 -1.98 -7.68
N ARG A 43 -7.24 -2.95 -7.43
CA ARG A 43 -6.79 -3.25 -6.08
C ARG A 43 -6.12 -2.03 -5.45
N ASN A 44 -5.58 -1.16 -6.29
CA ASN A 44 -4.90 0.04 -5.81
C ASN A 44 -5.88 0.98 -5.12
N GLU A 45 -7.15 0.89 -5.49
CA GLU A 45 -8.18 1.72 -4.90
C GLU A 45 -8.49 1.28 -3.48
N LEU A 46 -8.28 0.00 -3.22
CA LEU A 46 -8.55 -0.56 -1.90
C LEU A 46 -7.47 -0.14 -0.91
N ILE A 47 -6.23 -0.13 -1.37
CA ILE A 47 -5.12 0.25 -0.53
C ILE A 47 -5.06 1.76 -0.38
N ALA A 48 -5.48 2.46 -1.42
CA ALA A 48 -5.51 3.90 -1.40
C ALA A 48 -6.72 4.41 -0.64
N ARG A 49 -7.76 3.58 -0.58
CA ARG A 49 -8.97 3.92 0.12
C ARG A 49 -8.72 3.84 1.63
N TYR A 50 -7.79 2.97 2.01
CA TYR A 50 -7.44 2.79 3.41
C TYR A 50 -6.74 4.02 3.94
N ILE A 51 -5.68 4.41 3.23
CA ILE A 51 -4.90 5.57 3.61
C ILE A 51 -5.75 6.83 3.54
N LYS A 52 -6.69 6.83 2.61
CA LYS A 52 -7.58 7.97 2.44
C LYS A 52 -8.59 8.05 3.58
N LEU A 53 -8.88 6.90 4.18
CA LEU A 53 -9.82 6.83 5.28
C LEU A 53 -9.14 7.13 6.62
N ARG A 54 -7.80 7.07 6.62
CA ARG A 54 -7.03 7.32 7.84
C ARG A 54 -7.38 8.67 8.44
N THR A 55 -7.38 9.70 7.59
CA THR A 55 -7.69 11.05 8.03
C THR A 55 -8.02 11.95 6.83
N GLY A 56 -8.56 11.34 5.79
CA GLY A 56 -8.91 12.11 4.60
C GLY A 56 -7.71 12.75 3.93
N LYS A 57 -6.52 12.31 4.31
CA LYS A 57 -5.29 12.85 3.74
C LYS A 57 -5.04 12.27 2.35
N THR A 58 -3.86 12.55 1.79
CA THR A 58 -3.51 12.07 0.47
C THR A 58 -3.81 10.58 0.34
N ARG A 59 -3.72 10.06 -0.89
CA ARG A 59 -3.97 8.66 -1.14
C ARG A 59 -3.24 8.21 -2.41
N THR A 60 -1.92 8.21 -2.33
CA THR A 60 -1.09 7.80 -3.45
C THR A 60 -1.43 6.38 -3.89
N ARG A 61 -1.22 6.08 -5.17
CA ARG A 61 -1.52 4.77 -5.69
C ARG A 61 -0.24 4.04 -6.06
N LYS A 62 0.45 4.56 -7.05
CA LYS A 62 1.70 3.98 -7.52
C LYS A 62 2.69 3.83 -6.37
N GLN A 63 2.60 4.71 -5.40
CA GLN A 63 3.48 4.68 -4.25
C GLN A 63 3.08 3.56 -3.29
N VAL A 64 1.80 3.26 -3.25
CA VAL A 64 1.30 2.21 -2.38
C VAL A 64 1.51 0.83 -3.00
N SER A 65 1.75 0.80 -4.31
CA SER A 65 1.98 -0.45 -5.00
C SER A 65 3.46 -0.79 -4.95
N SER A 66 4.28 0.25 -4.93
CA SER A 66 5.72 0.09 -4.86
C SER A 66 6.14 -0.36 -3.47
N HIS A 67 5.38 0.07 -2.47
CA HIS A 67 5.66 -0.28 -1.09
C HIS A 67 5.37 -1.75 -0.83
N ILE A 68 4.36 -2.28 -1.50
CA ILE A 68 3.98 -3.67 -1.34
C ILE A 68 4.99 -4.59 -2.02
N GLN A 69 5.65 -4.05 -3.05
CA GLN A 69 6.64 -4.81 -3.79
C GLN A 69 7.92 -4.96 -2.99
N VAL A 70 8.18 -3.97 -2.12
CA VAL A 70 9.37 -4.00 -1.29
C VAL A 70 9.24 -5.03 -0.19
N LEU A 71 8.02 -5.29 0.22
CA LEU A 71 7.75 -6.28 1.27
C LEU A 71 7.99 -7.69 0.75
N ALA A 72 7.78 -7.87 -0.54
CA ALA A 72 7.98 -9.17 -1.18
C ALA A 72 9.45 -9.53 -1.25
N ARG A 73 10.29 -8.50 -1.32
CA ARG A 73 11.73 -8.69 -1.40
C ARG A 73 12.29 -9.17 -0.06
N ARG A 74 11.61 -8.78 1.03
CA ARG A 74 12.03 -9.17 2.36
C ARG A 74 11.71 -10.63 2.64
N LYS A 75 10.71 -11.15 1.95
CA LYS A 75 10.30 -12.54 2.11
C LYS A 75 11.05 -13.45 1.14
N SER A 76 11.51 -12.88 0.03
CA SER A 76 12.24 -13.65 -0.98
C SER A 76 13.63 -14.01 -0.50
N ARG A 77 14.13 -13.29 0.49
CA ARG A 77 15.45 -13.54 1.04
C ARG A 77 15.53 -14.92 1.68
N ASP A 78 14.36 -15.52 1.93
CA ASP A 78 14.30 -16.84 2.55
C ASP A 78 14.86 -17.91 1.63
N LEU A 79 14.86 -17.63 0.34
CA LEU A 79 15.37 -18.57 -0.66
C LEU A 79 16.87 -18.78 -0.49
N VAL A 80 17.24 -19.57 0.50
CA VAL A 80 18.65 -19.85 0.76
C VAL A 80 19.28 -20.62 -0.40
N PRO A 81 20.50 -20.23 -0.81
CA PRO A 81 21.22 -20.89 -1.92
C PRO A 81 21.61 -22.32 -1.58
N ARG A 82 20.64 -23.22 -1.61
CA ARG A 82 20.90 -24.63 -1.31
C ARG A 82 21.44 -24.79 0.11
N MET A 1 13.50 18.95 -3.57
CA MET A 1 12.58 17.82 -3.85
C MET A 1 11.95 17.28 -2.58
N ASP A 2 12.78 16.65 -1.74
CA ASP A 2 12.32 16.09 -0.48
C ASP A 2 11.78 17.18 0.43
N ASN A 3 10.48 17.42 0.36
CA ASN A 3 9.83 18.43 1.18
C ASN A 3 9.99 18.12 2.66
N ASP A 4 10.27 16.85 2.97
CA ASP A 4 10.44 16.43 4.35
C ASP A 4 11.57 17.19 5.04
N ALA A 5 12.46 17.76 4.24
CA ALA A 5 13.58 18.53 4.77
C ALA A 5 13.10 19.70 5.62
N GLU A 6 11.90 20.18 5.34
CA GLU A 6 11.32 21.29 6.07
C GLU A 6 10.35 20.81 7.12
N GLY A 7 10.46 19.55 7.46
CA GLY A 7 9.60 18.94 8.46
C GLY A 7 8.13 19.18 8.18
N VAL A 8 7.79 19.41 6.92
CA VAL A 8 6.41 19.65 6.53
C VAL A 8 5.60 18.37 6.55
N TRP A 9 6.28 17.24 6.35
CA TRP A 9 5.63 15.94 6.35
C TRP A 9 5.23 15.52 7.76
N SER A 10 4.42 14.48 7.85
CA SER A 10 3.97 13.98 9.14
C SER A 10 4.04 12.45 9.18
N PRO A 11 4.29 11.87 10.36
CA PRO A 11 4.38 10.41 10.53
C PRO A 11 3.05 9.71 10.28
N ASP A 12 1.97 10.49 10.31
CA ASP A 12 0.64 9.93 10.07
C ASP A 12 0.52 9.35 8.67
N ILE A 13 1.37 9.85 7.76
CA ILE A 13 1.36 9.38 6.38
C ILE A 13 1.94 7.98 6.30
N GLU A 14 3.15 7.83 6.79
CA GLU A 14 3.83 6.54 6.79
C GLU A 14 3.08 5.57 7.69
N GLN A 15 2.34 6.12 8.65
CA GLN A 15 1.57 5.32 9.58
C GLN A 15 0.29 4.83 8.92
N SER A 16 -0.34 5.74 8.19
CA SER A 16 -1.58 5.42 7.49
C SER A 16 -1.29 4.46 6.35
N PHE A 17 -0.05 4.46 5.88
CA PHE A 17 0.36 3.59 4.79
C PHE A 17 0.44 2.15 5.27
N GLN A 18 0.89 1.96 6.50
CA GLN A 18 1.01 0.63 7.07
C GLN A 18 -0.36 0.01 7.25
N GLU A 19 -1.36 0.86 7.44
CA GLU A 19 -2.73 0.42 7.63
C GLU A 19 -3.25 -0.25 6.37
N ALA A 20 -2.91 0.33 5.23
CA ALA A 20 -3.33 -0.22 3.95
C ALA A 20 -2.48 -1.43 3.57
N LEU A 21 -1.23 -1.39 3.98
CA LEU A 21 -0.31 -2.49 3.71
C LEU A 21 -0.53 -3.63 4.70
N SER A 22 -1.03 -3.29 5.87
CA SER A 22 -1.29 -4.28 6.91
C SER A 22 -2.64 -4.95 6.67
N ILE A 23 -3.57 -4.19 6.12
CA ILE A 23 -4.91 -4.68 5.85
C ILE A 23 -4.97 -5.34 4.47
N TYR A 24 -4.03 -5.01 3.60
CA TYR A 24 -3.99 -5.57 2.26
C TYR A 24 -2.68 -6.32 2.01
N PRO A 25 -2.58 -7.57 2.48
CA PRO A 25 -1.40 -8.40 2.32
C PRO A 25 -1.43 -9.20 1.01
N PRO A 26 -0.54 -8.86 0.06
CA PRO A 26 -0.47 -9.56 -1.23
C PRO A 26 0.06 -10.97 -1.10
N CYS A 27 0.64 -11.29 0.06
CA CYS A 27 1.19 -12.61 0.31
C CYS A 27 0.10 -13.67 0.26
N GLY A 28 -0.14 -14.21 -0.93
CA GLY A 28 -1.15 -15.23 -1.09
C GLY A 28 -2.49 -14.67 -1.51
N ARG A 29 -2.87 -13.54 -0.91
CA ARG A 29 -4.14 -12.90 -1.23
C ARG A 29 -4.21 -12.53 -2.71
N ARG A 30 -4.88 -13.37 -3.49
CA ARG A 30 -5.03 -13.15 -4.91
C ARG A 30 -6.43 -13.53 -5.38
N LYS A 31 -7.35 -12.58 -5.36
CA LYS A 31 -8.71 -12.82 -5.79
C LYS A 31 -9.35 -11.55 -6.34
N ILE A 32 -9.84 -11.63 -7.57
CA ILE A 32 -10.47 -10.48 -8.22
C ILE A 32 -11.29 -10.91 -9.42
N ILE A 33 -12.60 -10.72 -9.33
CA ILE A 33 -13.51 -11.08 -10.41
C ILE A 33 -14.88 -10.42 -10.23
N LEU A 34 -15.17 -9.45 -11.10
CA LEU A 34 -16.44 -8.74 -11.05
C LEU A 34 -17.60 -9.60 -11.55
N SER A 35 -17.27 -10.59 -12.38
CA SER A 35 -18.28 -11.48 -12.93
C SER A 35 -18.98 -12.26 -11.82
N ASP A 36 -18.32 -12.39 -10.68
CA ASP A 36 -18.88 -13.12 -9.55
C ASP A 36 -18.88 -12.25 -8.30
N GLU A 37 -17.68 -12.00 -7.76
CA GLU A 37 -17.54 -11.18 -6.56
C GLU A 37 -17.99 -9.75 -6.80
N GLY A 38 -18.04 -9.36 -8.06
CA GLY A 38 -18.46 -8.00 -8.41
C GLY A 38 -17.49 -6.95 -7.88
N LYS A 39 -16.22 -7.31 -7.83
CA LYS A 39 -15.19 -6.41 -7.37
C LYS A 39 -13.90 -6.66 -8.14
N MET A 40 -13.75 -5.93 -9.23
CA MET A 40 -12.56 -6.05 -10.08
C MET A 40 -12.24 -4.71 -10.73
N TYR A 41 -11.48 -3.89 -10.01
CA TYR A 41 -11.10 -2.58 -10.50
C TYR A 41 -9.70 -2.20 -10.01
N GLY A 42 -9.27 -0.99 -10.32
CA GLY A 42 -7.96 -0.53 -9.89
C GLY A 42 -7.74 -0.71 -8.39
N ARG A 43 -7.00 -1.75 -8.03
CA ARG A 43 -6.71 -2.03 -6.62
C ARG A 43 -6.06 -0.83 -5.93
N ASN A 44 -5.40 0.00 -6.72
CA ASN A 44 -4.73 1.19 -6.19
C ASN A 44 -5.72 2.12 -5.52
N GLU A 45 -6.97 2.06 -5.97
CA GLU A 45 -8.01 2.90 -5.41
C GLU A 45 -8.48 2.35 -4.06
N LEU A 46 -8.31 1.04 -3.89
CA LEU A 46 -8.71 0.38 -2.66
C LEU A 46 -7.72 0.68 -1.54
N ILE A 47 -6.44 0.67 -1.89
CA ILE A 47 -5.40 0.95 -0.94
C ILE A 47 -5.34 2.43 -0.61
N ALA A 48 -5.64 3.25 -1.61
CA ALA A 48 -5.64 4.68 -1.43
C ALA A 48 -6.90 5.15 -0.72
N ARG A 49 -7.95 4.35 -0.83
CA ARG A 49 -9.21 4.67 -0.17
C ARG A 49 -9.11 4.36 1.31
N TYR A 50 -8.25 3.40 1.64
CA TYR A 50 -8.03 3.01 3.02
C TYR A 50 -7.30 4.09 3.78
N ILE A 51 -6.18 4.53 3.21
CA ILE A 51 -5.38 5.57 3.81
C ILE A 51 -6.17 6.87 3.91
N LYS A 52 -7.00 7.09 2.90
CA LYS A 52 -7.84 8.29 2.87
C LYS A 52 -8.90 8.24 3.96
N LEU A 53 -9.23 7.02 4.39
CA LEU A 53 -10.24 6.82 5.42
C LEU A 53 -9.70 7.20 6.78
N ARG A 54 -8.38 7.07 6.96
CA ARG A 54 -7.74 7.39 8.22
C ARG A 54 -7.50 8.89 8.35
N THR A 55 -6.74 9.43 7.41
CA THR A 55 -6.42 10.85 7.40
C THR A 55 -7.62 11.69 6.98
N GLY A 56 -8.51 11.08 6.21
CA GLY A 56 -9.69 11.79 5.75
C GLY A 56 -9.37 12.89 4.74
N LYS A 57 -8.11 12.95 4.29
CA LYS A 57 -7.68 13.95 3.34
C LYS A 57 -6.27 13.65 2.83
N THR A 58 -6.18 12.86 1.79
CA THR A 58 -4.90 12.50 1.20
C THR A 58 -5.02 12.27 -0.31
N ARG A 59 -3.89 12.13 -0.97
CA ARG A 59 -3.85 11.89 -2.40
C ARG A 59 -2.56 11.18 -2.78
N THR A 60 -2.42 9.95 -2.32
CA THR A 60 -1.25 9.16 -2.60
C THR A 60 -1.64 7.70 -2.87
N ARG A 61 -1.75 7.35 -4.15
CA ARG A 61 -2.11 6.01 -4.55
C ARG A 61 -0.95 5.28 -5.19
N LYS A 62 -0.12 6.04 -5.90
CA LYS A 62 1.04 5.48 -6.57
C LYS A 62 2.12 5.10 -5.56
N GLN A 63 2.16 5.83 -4.46
CA GLN A 63 3.14 5.57 -3.42
C GLN A 63 2.77 4.32 -2.63
N VAL A 64 1.47 4.01 -2.59
CA VAL A 64 0.99 2.84 -1.88
C VAL A 64 1.21 1.57 -2.68
N SER A 65 1.42 1.72 -3.99
CA SER A 65 1.65 0.58 -4.86
C SER A 65 3.12 0.22 -4.82
N SER A 66 3.95 1.24 -4.73
CA SER A 66 5.38 1.08 -4.67
C SER A 66 5.79 0.44 -3.36
N HIS A 67 5.05 0.79 -2.31
CA HIS A 67 5.31 0.26 -0.97
C HIS A 67 5.04 -1.23 -0.91
N ILE A 68 4.02 -1.67 -1.63
CA ILE A 68 3.65 -3.08 -1.66
C ILE A 68 4.69 -3.89 -2.41
N GLN A 69 5.37 -3.24 -3.35
CA GLN A 69 6.39 -3.90 -4.15
C GLN A 69 7.63 -4.15 -3.32
N VAL A 70 7.86 -3.30 -2.33
CA VAL A 70 9.01 -3.42 -1.46
C VAL A 70 8.86 -4.62 -0.53
N LEU A 71 7.62 -4.99 -0.24
CA LEU A 71 7.33 -6.12 0.62
C LEU A 71 7.67 -7.43 -0.07
N ALA A 72 7.57 -7.43 -1.39
CA ALA A 72 7.87 -8.62 -2.18
C ALA A 72 9.36 -8.90 -2.18
N ARG A 73 10.16 -7.85 -2.04
CA ARG A 73 11.60 -7.98 -2.01
C ARG A 73 12.06 -8.65 -0.72
N ARG A 74 11.28 -8.47 0.34
CA ARG A 74 11.60 -9.05 1.63
C ARG A 74 11.41 -10.56 1.61
N LYS A 75 10.50 -11.02 0.75
CA LYS A 75 10.23 -12.44 0.62
C LYS A 75 11.37 -13.16 -0.07
N SER A 76 12.11 -12.43 -0.91
CA SER A 76 13.22 -12.99 -1.65
C SER A 76 14.39 -13.32 -0.70
N ARG A 77 14.36 -12.75 0.50
CA ARG A 77 15.41 -12.99 1.48
C ARG A 77 15.49 -14.47 1.84
N ASP A 78 14.44 -15.23 1.53
CA ASP A 78 14.40 -16.65 1.83
C ASP A 78 15.56 -17.39 1.16
N LEU A 79 16.09 -16.79 0.10
CA LEU A 79 17.21 -17.38 -0.63
C LEU A 79 18.45 -17.48 0.25
N VAL A 80 18.50 -18.51 1.09
CA VAL A 80 19.64 -18.71 1.99
C VAL A 80 20.94 -18.87 1.20
N PRO A 81 22.02 -18.21 1.64
CA PRO A 81 23.32 -18.30 0.97
C PRO A 81 23.95 -19.67 1.06
N ARG A 82 23.75 -20.49 0.04
CA ARG A 82 24.29 -21.84 0.00
C ARG A 82 24.36 -22.37 -1.43
N MET A 1 12.44 30.28 -0.18
CA MET A 1 12.28 29.40 1.01
C MET A 1 11.24 28.31 0.76
N ASP A 2 11.70 27.11 0.45
CA ASP A 2 10.81 25.99 0.19
C ASP A 2 9.95 25.68 1.40
N ASN A 3 8.68 25.38 1.16
CA ASN A 3 7.75 25.07 2.25
C ASN A 3 8.19 23.83 3.02
N ASP A 4 8.98 22.98 2.36
CA ASP A 4 9.48 21.76 2.98
C ASP A 4 10.33 22.07 4.21
N ALA A 5 10.82 23.31 4.29
CA ALA A 5 11.65 23.73 5.41
C ALA A 5 10.88 23.65 6.73
N GLU A 6 9.55 23.60 6.64
CA GLU A 6 8.72 23.53 7.83
C GLU A 6 8.32 22.09 8.14
N GLY A 7 9.06 21.17 7.57
CA GLY A 7 8.81 19.77 7.78
C GLY A 7 7.41 19.36 7.38
N VAL A 8 6.97 19.83 6.23
CA VAL A 8 5.62 19.51 5.73
C VAL A 8 5.43 18.01 5.58
N TRP A 9 6.53 17.29 5.39
CA TRP A 9 6.48 15.84 5.23
C TRP A 9 6.13 15.17 6.55
N SER A 10 4.86 14.82 6.70
CA SER A 10 4.38 14.17 7.91
C SER A 10 4.67 12.67 7.87
N PRO A 11 5.13 12.09 8.99
CA PRO A 11 5.44 10.66 9.08
C PRO A 11 4.19 9.78 9.08
N ASP A 12 3.03 10.41 9.33
CA ASP A 12 1.77 9.69 9.36
C ASP A 12 1.45 9.07 8.01
N ILE A 13 2.04 9.61 6.96
CA ILE A 13 1.81 9.11 5.61
C ILE A 13 2.56 7.81 5.40
N GLU A 14 3.82 7.82 5.76
CA GLU A 14 4.68 6.64 5.63
C GLU A 14 4.24 5.58 6.63
N GLN A 15 3.60 6.02 7.71
CA GLN A 15 3.12 5.12 8.74
C GLN A 15 1.84 4.45 8.29
N SER A 16 0.98 5.23 7.66
CA SER A 16 -0.29 4.73 7.17
C SER A 16 -0.04 3.75 6.02
N PHE A 17 1.10 3.90 5.37
CA PHE A 17 1.46 3.04 4.25
C PHE A 17 1.78 1.63 4.75
N GLN A 18 2.36 1.55 5.93
CA GLN A 18 2.70 0.26 6.51
C GLN A 18 1.44 -0.51 6.86
N GLU A 19 0.42 0.23 7.28
CA GLU A 19 -0.85 -0.38 7.66
C GLU A 19 -1.48 -1.07 6.46
N ALA A 20 -1.26 -0.51 5.28
CA ALA A 20 -1.79 -1.07 4.06
C ALA A 20 -0.92 -2.23 3.57
N LEU A 21 0.36 -2.15 3.89
CA LEU A 21 1.29 -3.19 3.50
C LEU A 21 1.24 -4.35 4.49
N SER A 22 0.94 -4.02 5.75
CA SER A 22 0.83 -5.02 6.79
C SER A 22 -0.50 -5.75 6.68
N ILE A 23 -1.52 -5.00 6.24
CA ILE A 23 -2.85 -5.55 6.07
C ILE A 23 -3.02 -6.10 4.67
N TYR A 24 -2.45 -5.40 3.71
CA TYR A 24 -2.50 -5.78 2.31
C TYR A 24 -1.11 -6.10 1.77
N PRO A 25 -0.65 -7.36 1.97
CA PRO A 25 0.65 -7.80 1.49
C PRO A 25 0.62 -8.29 0.05
N PRO A 26 1.79 -8.60 -0.52
CA PRO A 26 1.89 -9.08 -1.91
C PRO A 26 1.24 -10.46 -2.10
N CYS A 27 0.92 -11.12 -0.99
CA CYS A 27 0.31 -12.44 -1.05
C CYS A 27 -0.65 -12.63 0.12
N GLY A 28 -1.55 -13.61 -0.01
CA GLY A 28 -2.51 -13.90 1.04
C GLY A 28 -3.90 -14.13 0.50
N ARG A 29 -4.20 -13.53 -0.65
CA ARG A 29 -5.50 -13.68 -1.28
C ARG A 29 -5.43 -13.34 -2.76
N ARG A 30 -5.61 -14.36 -3.60
CA ARG A 30 -5.56 -14.17 -5.05
C ARG A 30 -6.63 -13.16 -5.50
N LYS A 31 -6.70 -12.93 -6.81
CA LYS A 31 -7.67 -12.00 -7.37
C LYS A 31 -9.09 -12.43 -7.04
N ILE A 32 -10.06 -11.69 -7.56
CA ILE A 32 -11.46 -12.00 -7.33
C ILE A 32 -12.31 -11.67 -8.55
N ILE A 33 -12.86 -12.71 -9.17
CA ILE A 33 -13.68 -12.54 -10.36
C ILE A 33 -15.06 -12.00 -9.99
N LEU A 34 -15.36 -10.79 -10.47
CA LEU A 34 -16.64 -10.15 -10.19
C LEU A 34 -17.34 -9.75 -11.49
N SER A 35 -17.09 -10.50 -12.56
CA SER A 35 -17.70 -10.22 -13.85
C SER A 35 -19.22 -10.12 -13.73
N ASP A 36 -19.76 -10.79 -12.73
CA ASP A 36 -21.20 -10.79 -12.49
C ASP A 36 -21.63 -9.50 -11.80
N GLU A 37 -20.96 -9.17 -10.70
CA GLU A 37 -21.28 -7.96 -9.95
C GLU A 37 -20.96 -6.71 -10.75
N GLY A 38 -19.99 -6.84 -11.65
CA GLY A 38 -19.59 -5.72 -12.48
C GLY A 38 -19.01 -4.57 -11.68
N LYS A 39 -18.44 -4.91 -10.52
CA LYS A 39 -17.83 -3.92 -9.67
C LYS A 39 -16.62 -4.52 -8.96
N MET A 40 -15.47 -4.37 -9.58
CA MET A 40 -14.22 -4.88 -9.04
C MET A 40 -13.05 -4.01 -9.47
N TYR A 41 -12.80 -2.96 -8.71
CA TYR A 41 -11.71 -2.04 -9.00
C TYR A 41 -10.36 -2.70 -8.77
N GLY A 42 -9.29 -2.03 -9.19
CA GLY A 42 -7.96 -2.56 -9.02
C GLY A 42 -7.62 -2.82 -7.57
N ARG A 43 -6.71 -3.77 -7.33
CA ARG A 43 -6.31 -4.11 -5.97
C ARG A 43 -5.62 -2.92 -5.29
N ASN A 44 -5.05 -2.04 -6.08
CA ASN A 44 -4.37 -0.86 -5.57
C ASN A 44 -5.35 0.08 -4.87
N GLU A 45 -6.61 0.01 -5.28
CA GLU A 45 -7.66 0.85 -4.70
C GLU A 45 -7.99 0.41 -3.28
N LEU A 46 -7.74 -0.86 -2.99
CA LEU A 46 -8.02 -1.41 -1.68
C LEU A 46 -6.99 -0.95 -0.65
N ILE A 47 -5.74 -0.84 -1.11
CA ILE A 47 -4.66 -0.41 -0.23
C ILE A 47 -4.72 1.10 -0.03
N ALA A 48 -5.15 1.80 -1.06
CA ALA A 48 -5.28 3.24 -1.00
C ALA A 48 -6.51 3.64 -0.20
N ARG A 49 -7.47 2.73 -0.14
CA ARG A 49 -8.70 2.98 0.61
C ARG A 49 -8.41 2.92 2.10
N TYR A 50 -7.41 2.10 2.46
CA TYR A 50 -7.01 1.96 3.85
C TYR A 50 -6.37 3.23 4.35
N ILE A 51 -5.36 3.68 3.63
CA ILE A 51 -4.65 4.90 3.99
C ILE A 51 -5.59 6.10 3.89
N LYS A 52 -6.53 6.02 2.96
CA LYS A 52 -7.50 7.08 2.76
C LYS A 52 -8.51 7.12 3.90
N LEU A 53 -8.73 5.97 4.51
CA LEU A 53 -9.67 5.85 5.61
C LEU A 53 -9.02 6.19 6.94
N ARG A 54 -7.71 5.96 7.02
CA ARG A 54 -6.96 6.23 8.24
C ARG A 54 -6.75 7.73 8.43
N THR A 55 -6.11 8.35 7.46
CA THR A 55 -5.83 9.77 7.50
C THR A 55 -7.05 10.58 7.07
N GLY A 56 -7.94 9.95 6.32
CA GLY A 56 -9.13 10.63 5.86
C GLY A 56 -8.85 11.67 4.80
N LYS A 57 -7.61 11.72 4.33
CA LYS A 57 -7.21 12.69 3.30
C LYS A 57 -5.85 12.34 2.73
N THR A 58 -5.83 11.50 1.71
CA THR A 58 -4.59 11.09 1.06
C THR A 58 -4.82 10.80 -0.42
N ARG A 59 -3.73 10.62 -1.15
CA ARG A 59 -3.79 10.33 -2.56
C ARG A 59 -2.53 9.61 -3.00
N THR A 60 -2.36 8.39 -2.51
CA THR A 60 -1.19 7.58 -2.83
C THR A 60 -1.59 6.12 -3.04
N ARG A 61 -1.79 5.74 -4.30
CA ARG A 61 -2.15 4.38 -4.64
C ARG A 61 -1.01 3.67 -5.34
N LYS A 62 -0.50 4.31 -6.38
CA LYS A 62 0.61 3.76 -7.15
C LYS A 62 1.84 3.58 -6.26
N GLN A 63 1.95 4.43 -5.25
CA GLN A 63 3.07 4.37 -4.32
C GLN A 63 2.95 3.16 -3.42
N VAL A 64 1.72 2.69 -3.23
CA VAL A 64 1.47 1.53 -2.38
C VAL A 64 1.94 0.25 -3.05
N SER A 65 1.94 0.26 -4.38
CA SER A 65 2.38 -0.90 -5.15
C SER A 65 3.89 -0.96 -5.18
N SER A 66 4.50 0.22 -5.16
CA SER A 66 5.94 0.34 -5.16
C SER A 66 6.51 -0.10 -3.83
N HIS A 67 5.79 0.23 -2.78
CA HIS A 67 6.20 -0.13 -1.42
C HIS A 67 6.16 -1.64 -1.22
N ILE A 68 5.31 -2.31 -2.00
CA ILE A 68 5.19 -3.76 -1.90
C ILE A 68 6.36 -4.46 -2.59
N GLN A 69 7.00 -3.75 -3.52
CA GLN A 69 8.13 -4.30 -4.25
C GLN A 69 9.39 -4.25 -3.41
N VAL A 70 9.49 -3.22 -2.57
CA VAL A 70 10.65 -3.07 -1.71
C VAL A 70 10.52 -3.97 -0.49
N LEU A 71 9.29 -4.20 -0.07
CA LEU A 71 9.02 -5.05 1.07
C LEU A 71 9.17 -6.51 0.68
N ALA A 72 8.97 -6.80 -0.60
CA ALA A 72 9.10 -8.15 -1.10
C ALA A 72 10.55 -8.57 -1.18
N ARG A 73 11.44 -7.59 -1.35
CA ARG A 73 12.87 -7.86 -1.44
C ARG A 73 13.43 -8.23 -0.07
N ARG A 74 12.83 -7.67 0.97
CA ARG A 74 13.26 -7.94 2.33
C ARG A 74 12.77 -9.30 2.80
N LYS A 75 11.63 -9.72 2.25
CA LYS A 75 11.03 -11.00 2.61
C LYS A 75 11.66 -12.14 1.81
N SER A 76 12.31 -11.80 0.70
CA SER A 76 12.95 -12.79 -0.16
C SER A 76 13.98 -13.60 0.61
N ARG A 77 14.45 -13.05 1.72
CA ARG A 77 15.46 -13.73 2.54
C ARG A 77 14.92 -15.06 3.07
N ASP A 78 13.59 -15.23 3.01
CA ASP A 78 12.96 -16.45 3.48
C ASP A 78 13.31 -17.63 2.58
N LEU A 79 13.74 -17.34 1.36
CA LEU A 79 14.09 -18.38 0.40
C LEU A 79 15.23 -19.23 0.92
N VAL A 80 14.91 -20.26 1.70
CA VAL A 80 15.91 -21.14 2.26
C VAL A 80 16.00 -22.45 1.48
N PRO A 81 16.90 -22.52 0.48
CA PRO A 81 17.08 -23.71 -0.34
C PRO A 81 17.62 -24.90 0.46
N ARG A 82 18.09 -24.63 1.66
CA ARG A 82 18.63 -25.69 2.53
C ARG A 82 17.57 -26.74 2.82
N MET A 1 21.12 19.60 8.22
CA MET A 1 20.18 20.72 8.53
C MET A 1 19.29 21.02 7.33
N ASP A 2 18.88 19.97 6.61
CA ASP A 2 18.02 20.14 5.45
C ASP A 2 16.69 20.78 5.83
N ASN A 3 15.86 21.07 4.83
CA ASN A 3 14.56 21.68 5.07
C ASN A 3 13.68 20.77 5.92
N ASP A 4 13.99 19.47 5.92
CA ASP A 4 13.23 18.50 6.69
C ASP A 4 13.33 18.80 8.19
N ALA A 5 14.33 19.58 8.58
CA ALA A 5 14.52 19.92 9.98
C ALA A 5 13.29 20.65 10.55
N GLU A 6 12.47 21.21 9.67
CA GLU A 6 11.28 21.93 10.08
C GLU A 6 10.05 21.05 10.01
N GLY A 7 10.29 19.76 9.97
CA GLY A 7 9.21 18.79 9.90
C GLY A 7 8.25 19.06 8.75
N VAL A 8 8.76 19.61 7.67
CA VAL A 8 7.94 19.94 6.51
C VAL A 8 7.38 18.66 5.87
N TRP A 9 8.12 17.57 6.03
CA TRP A 9 7.70 16.29 5.47
C TRP A 9 6.54 15.69 6.26
N SER A 10 5.32 15.89 5.78
CA SER A 10 4.13 15.37 6.44
C SER A 10 4.23 13.85 6.63
N PRO A 11 4.41 13.39 7.87
CA PRO A 11 4.52 11.96 8.17
C PRO A 11 3.18 11.25 8.13
N ASP A 12 2.09 12.02 8.16
CA ASP A 12 0.75 11.46 8.13
C ASP A 12 0.48 10.76 6.80
N ILE A 13 1.20 11.16 5.77
CA ILE A 13 1.03 10.57 4.45
C ILE A 13 1.71 9.21 4.38
N GLU A 14 2.95 9.18 4.84
CA GLU A 14 3.71 7.96 4.87
C GLU A 14 3.15 7.00 5.91
N GLN A 15 2.46 7.57 6.90
CA GLN A 15 1.86 6.79 7.95
C GLN A 15 0.57 6.15 7.46
N SER A 16 -0.20 6.92 6.71
CA SER A 16 -1.46 6.45 6.16
C SER A 16 -1.19 5.38 5.11
N PHE A 17 0.00 5.44 4.51
CA PHE A 17 0.38 4.47 3.49
C PHE A 17 0.62 3.10 4.10
N GLN A 18 1.20 3.08 5.29
CA GLN A 18 1.47 1.84 5.99
C GLN A 18 0.17 1.17 6.40
N GLU A 19 -0.87 1.97 6.57
CA GLU A 19 -2.17 1.46 6.96
C GLU A 19 -2.77 0.62 5.84
N ALA A 20 -2.55 1.04 4.62
CA ALA A 20 -3.06 0.32 3.47
C ALA A 20 -2.17 -0.87 3.15
N LEU A 21 -0.88 -0.72 3.44
CA LEU A 21 0.08 -1.78 3.20
C LEU A 21 0.03 -2.80 4.35
N SER A 22 -0.34 -2.32 5.53
CA SER A 22 -0.45 -3.17 6.69
C SER A 22 -1.74 -3.98 6.62
N ILE A 23 -2.77 -3.35 6.10
CA ILE A 23 -4.07 -3.99 5.96
C ILE A 23 -4.09 -4.89 4.73
N TYR A 24 -3.44 -4.41 3.68
CA TYR A 24 -3.36 -5.15 2.42
C TYR A 24 -1.91 -5.51 2.10
N PRO A 25 -1.42 -6.64 2.64
CA PRO A 25 -0.06 -7.10 2.40
C PRO A 25 0.07 -7.92 1.12
N PRO A 26 1.30 -8.09 0.62
CA PRO A 26 1.56 -8.85 -0.61
C PRO A 26 1.29 -10.34 -0.45
N CYS A 27 1.07 -10.78 0.79
CA CYS A 27 0.80 -12.17 1.08
C CYS A 27 -0.20 -12.32 2.21
N GLY A 28 -0.81 -13.50 2.31
CA GLY A 28 -1.78 -13.74 3.36
C GLY A 28 -3.21 -13.70 2.85
N ARG A 29 -3.50 -12.72 2.00
CA ARG A 29 -4.84 -12.57 1.43
C ARG A 29 -5.22 -13.79 0.60
N ARG A 30 -6.33 -13.69 -0.11
CA ARG A 30 -6.81 -14.79 -0.95
C ARG A 30 -7.38 -14.26 -2.26
N LYS A 31 -6.85 -14.74 -3.37
CA LYS A 31 -7.30 -14.33 -4.69
C LYS A 31 -8.78 -14.65 -4.88
N ILE A 32 -9.36 -14.11 -5.94
CA ILE A 32 -10.77 -14.33 -6.24
C ILE A 32 -11.05 -14.16 -7.73
N ILE A 33 -12.32 -14.23 -8.10
CA ILE A 33 -12.73 -14.09 -9.49
C ILE A 33 -14.08 -13.40 -9.60
N LEU A 34 -14.09 -12.25 -10.26
CA LEU A 34 -15.32 -11.49 -10.44
C LEU A 34 -16.33 -12.26 -11.28
N SER A 35 -15.87 -13.27 -12.00
CA SER A 35 -16.74 -14.08 -12.84
C SER A 35 -17.88 -14.70 -12.03
N ASP A 36 -17.70 -14.79 -10.72
CA ASP A 36 -18.70 -15.36 -9.85
C ASP A 36 -19.41 -14.26 -9.04
N GLU A 37 -18.69 -13.68 -8.09
CA GLU A 37 -19.25 -12.62 -7.25
C GLU A 37 -19.73 -11.45 -8.09
N GLY A 38 -19.16 -11.29 -9.28
CA GLY A 38 -19.56 -10.21 -10.16
C GLY A 38 -19.30 -8.85 -9.55
N LYS A 39 -18.47 -8.80 -8.51
CA LYS A 39 -18.13 -7.57 -7.86
C LYS A 39 -16.69 -7.61 -7.37
N MET A 40 -15.78 -7.15 -8.22
CA MET A 40 -14.37 -7.12 -7.89
C MET A 40 -13.68 -5.96 -8.59
N TYR A 41 -13.71 -4.80 -7.97
CA TYR A 41 -13.09 -3.61 -8.53
C TYR A 41 -11.58 -3.72 -8.51
N GLY A 42 -10.90 -2.69 -9.04
CA GLY A 42 -9.46 -2.70 -9.07
C GLY A 42 -8.84 -2.79 -7.69
N ARG A 43 -7.82 -3.63 -7.54
CA ARG A 43 -7.16 -3.81 -6.26
C ARG A 43 -6.50 -2.51 -5.80
N ASN A 44 -6.14 -1.66 -6.75
CA ASN A 44 -5.50 -0.39 -6.45
C ASN A 44 -6.49 0.58 -5.82
N GLU A 45 -7.76 0.42 -6.15
CA GLU A 45 -8.81 1.27 -5.61
C GLU A 45 -9.10 0.91 -4.16
N LEU A 46 -8.75 -0.31 -3.77
CA LEU A 46 -8.97 -0.77 -2.40
C LEU A 46 -7.92 -0.22 -1.45
N ILE A 47 -6.71 -0.08 -1.95
CA ILE A 47 -5.62 0.45 -1.14
C ILE A 47 -5.71 1.97 -1.03
N ALA A 48 -6.23 2.58 -2.07
CA ALA A 48 -6.39 4.03 -2.10
C ALA A 48 -7.62 4.44 -1.30
N ARG A 49 -8.58 3.53 -1.18
CA ARG A 49 -9.78 3.80 -0.41
C ARG A 49 -9.47 3.79 1.07
N TYR A 50 -8.47 3.00 1.44
CA TYR A 50 -8.05 2.91 2.83
C TYR A 50 -7.40 4.20 3.28
N ILE A 51 -6.43 4.63 2.52
CA ILE A 51 -5.71 5.86 2.82
C ILE A 51 -6.64 7.05 2.67
N LYS A 52 -7.53 6.96 1.71
CA LYS A 52 -8.50 8.01 1.45
C LYS A 52 -9.56 8.06 2.53
N LEU A 53 -9.79 6.92 3.17
CA LEU A 53 -10.79 6.82 4.23
C LEU A 53 -10.19 7.19 5.58
N ARG A 54 -8.88 7.02 5.72
CA ARG A 54 -8.18 7.33 6.95
C ARG A 54 -8.00 8.82 7.11
N THR A 55 -7.31 9.42 6.16
CA THR A 55 -7.04 10.85 6.19
C THR A 55 -8.27 11.65 5.75
N GLY A 56 -9.14 11.01 4.98
CA GLY A 56 -10.34 11.66 4.51
C GLY A 56 -10.07 12.71 3.44
N LYS A 57 -8.81 12.80 3.00
CA LYS A 57 -8.44 13.76 1.97
C LYS A 57 -7.03 13.46 1.44
N THR A 58 -6.96 12.59 0.43
CA THR A 58 -5.70 12.22 -0.16
C THR A 58 -5.87 11.89 -1.65
N ARG A 59 -4.76 11.73 -2.35
CA ARG A 59 -4.77 11.39 -3.76
C ARG A 59 -3.48 10.68 -4.13
N THR A 60 -3.31 9.49 -3.59
CA THR A 60 -2.13 8.68 -3.85
C THR A 60 -2.51 7.21 -4.02
N ARG A 61 -2.73 6.80 -5.27
CA ARG A 61 -3.10 5.42 -5.55
C ARG A 61 -1.97 4.68 -6.25
N LYS A 62 -1.28 5.39 -7.13
CA LYS A 62 -0.18 4.81 -7.88
C LYS A 62 1.03 4.61 -6.97
N GLN A 63 1.16 5.47 -5.98
CA GLN A 63 2.26 5.38 -5.03
C GLN A 63 2.04 4.24 -4.06
N VAL A 64 0.78 3.88 -3.84
CA VAL A 64 0.43 2.80 -2.93
C VAL A 64 0.63 1.44 -3.59
N SER A 65 0.67 1.42 -4.92
CA SER A 65 0.86 0.18 -5.64
C SER A 65 2.35 -0.12 -5.77
N SER A 66 3.12 0.95 -5.86
CA SER A 66 4.57 0.84 -5.97
C SER A 66 5.16 0.40 -4.65
N HIS A 67 4.53 0.84 -3.56
CA HIS A 67 4.99 0.50 -2.22
C HIS A 67 4.78 -0.98 -1.93
N ILE A 68 3.72 -1.54 -2.48
CA ILE A 68 3.42 -2.95 -2.28
C ILE A 68 4.37 -3.83 -3.07
N GLN A 69 4.90 -3.29 -4.16
CA GLN A 69 5.82 -4.01 -5.00
C GLN A 69 7.21 -4.08 -4.36
N VAL A 70 7.53 -3.07 -3.56
CA VAL A 70 8.81 -3.02 -2.88
C VAL A 70 8.85 -4.01 -1.72
N LEU A 71 7.68 -4.28 -1.16
CA LEU A 71 7.58 -5.21 -0.04
C LEU A 71 7.78 -6.65 -0.53
N ALA A 72 7.43 -6.90 -1.79
CA ALA A 72 7.58 -8.22 -2.38
C ALA A 72 9.04 -8.54 -2.62
N ARG A 73 9.84 -7.50 -2.83
CA ARG A 73 11.26 -7.67 -3.07
C ARG A 73 11.99 -8.08 -1.79
N ARG A 74 11.44 -7.66 -0.65
CA ARG A 74 12.03 -7.98 0.64
C ARG A 74 11.80 -9.45 0.98
N LYS A 75 10.73 -10.02 0.46
CA LYS A 75 10.40 -11.41 0.70
C LYS A 75 11.30 -12.34 -0.10
N SER A 76 11.84 -11.83 -1.20
CA SER A 76 12.72 -12.62 -2.06
C SER A 76 14.00 -12.99 -1.33
N ARG A 77 14.29 -12.30 -0.24
CA ARG A 77 15.49 -12.57 0.55
C ARG A 77 15.48 -14.00 1.10
N ASP A 78 14.31 -14.62 1.10
CA ASP A 78 14.17 -15.98 1.59
C ASP A 78 14.94 -16.97 0.73
N LEU A 79 15.18 -16.59 -0.53
CA LEU A 79 15.90 -17.43 -1.46
C LEU A 79 17.35 -17.61 -1.04
N VAL A 80 17.57 -18.44 -0.02
CA VAL A 80 18.91 -18.69 0.48
C VAL A 80 19.80 -19.31 -0.61
N PRO A 81 20.80 -18.54 -1.11
CA PRO A 81 21.71 -19.03 -2.15
C PRO A 81 22.65 -20.12 -1.64
N ARG A 82 22.06 -21.25 -1.24
CA ARG A 82 22.85 -22.37 -0.74
C ARG A 82 22.04 -23.67 -0.84
N MET A 1 19.22 22.80 -1.56
CA MET A 1 18.36 23.82 -0.90
C MET A 1 16.94 23.79 -1.45
N ASP A 2 16.06 23.08 -0.75
CA ASP A 2 14.67 22.96 -1.16
C ASP A 2 13.75 22.82 0.06
N ASN A 3 12.75 23.70 0.15
CA ASN A 3 11.81 23.67 1.26
C ASN A 3 11.04 22.35 1.29
N ASP A 4 10.98 21.68 0.14
CA ASP A 4 10.27 20.41 0.04
C ASP A 4 10.92 19.35 0.92
N ALA A 5 12.18 19.56 1.27
CA ALA A 5 12.91 18.62 2.10
C ALA A 5 12.83 19.00 3.58
N GLU A 6 11.79 19.75 3.95
CA GLU A 6 11.62 20.18 5.32
C GLU A 6 10.65 19.27 6.07
N GLY A 7 10.48 18.09 5.54
CA GLY A 7 9.59 17.11 6.14
C GLY A 7 8.17 17.62 6.25
N VAL A 8 7.79 18.51 5.35
CA VAL A 8 6.45 19.07 5.35
C VAL A 8 5.40 18.00 5.13
N TRP A 9 5.80 16.87 4.55
CA TRP A 9 4.89 15.77 4.29
C TRP A 9 4.33 15.20 5.60
N SER A 10 3.01 15.23 5.74
CA SER A 10 2.36 14.72 6.93
C SER A 10 2.68 13.24 7.15
N PRO A 11 3.50 12.92 8.16
CA PRO A 11 3.88 11.53 8.47
C PRO A 11 2.71 10.70 8.96
N ASP A 12 1.63 11.37 9.35
CA ASP A 12 0.44 10.68 9.85
C ASP A 12 -0.18 9.81 8.76
N ILE A 13 0.08 10.15 7.51
CA ILE A 13 -0.46 9.40 6.39
C ILE A 13 0.29 8.10 6.23
N GLU A 14 1.61 8.20 6.30
CA GLU A 14 2.47 7.03 6.18
C GLU A 14 2.18 6.05 7.32
N GLN A 15 1.63 6.58 8.41
CA GLN A 15 1.29 5.77 9.55
C GLN A 15 0.06 4.94 9.27
N SER A 16 -1.01 5.61 8.87
CA SER A 16 -2.25 4.94 8.53
C SER A 16 -2.05 4.09 7.29
N PHE A 17 -1.04 4.43 6.50
CA PHE A 17 -0.74 3.70 5.29
C PHE A 17 -0.09 2.36 5.62
N GLN A 18 0.63 2.33 6.74
CA GLN A 18 1.29 1.10 7.16
C GLN A 18 0.26 0.05 7.53
N GLU A 19 -0.84 0.49 8.11
CA GLU A 19 -1.91 -0.42 8.50
C GLU A 19 -2.43 -1.17 7.28
N ALA A 20 -2.47 -0.48 6.16
CA ALA A 20 -2.92 -1.07 4.92
C ALA A 20 -1.81 -1.90 4.29
N LEU A 21 -0.57 -1.51 4.56
CA LEU A 21 0.59 -2.21 4.04
C LEU A 21 0.86 -3.47 4.86
N SER A 22 0.54 -3.40 6.15
CA SER A 22 0.73 -4.52 7.04
C SER A 22 -0.38 -5.55 6.83
N ILE A 23 -1.57 -5.05 6.52
CA ILE A 23 -2.73 -5.89 6.29
C ILE A 23 -2.70 -6.46 4.87
N TYR A 24 -2.19 -5.65 3.95
CA TYR A 24 -2.10 -6.05 2.55
C TYR A 24 -0.66 -6.39 2.17
N PRO A 25 -0.17 -7.57 2.59
CA PRO A 25 1.19 -8.02 2.30
C PRO A 25 1.48 -8.05 0.80
N PRO A 26 2.74 -8.33 0.42
CA PRO A 26 3.15 -8.37 -0.99
C PRO A 26 2.53 -9.55 -1.74
N CYS A 27 1.90 -10.46 -1.00
CA CYS A 27 1.28 -11.62 -1.61
C CYS A 27 -0.01 -12.00 -0.86
N GLY A 28 -0.98 -12.52 -1.61
CA GLY A 28 -2.24 -12.91 -1.01
C GLY A 28 -3.44 -12.28 -1.69
N ARG A 29 -3.39 -12.21 -3.02
CA ARG A 29 -4.47 -11.62 -3.80
C ARG A 29 -5.77 -12.40 -3.61
N ARG A 30 -6.68 -11.86 -2.82
CA ARG A 30 -7.96 -12.51 -2.56
C ARG A 30 -8.76 -12.67 -3.85
N LYS A 31 -9.64 -13.67 -3.87
CA LYS A 31 -10.46 -13.94 -5.04
C LYS A 31 -11.33 -12.72 -5.38
N ILE A 32 -12.26 -12.90 -6.32
CA ILE A 32 -13.14 -11.84 -6.74
C ILE A 32 -14.31 -12.38 -7.56
N ILE A 33 -15.45 -11.69 -7.50
CA ILE A 33 -16.63 -12.09 -8.22
C ILE A 33 -16.92 -11.13 -9.38
N LEU A 34 -16.40 -11.45 -10.56
CA LEU A 34 -16.60 -10.62 -11.73
C LEU A 34 -18.07 -10.56 -12.13
N SER A 35 -18.85 -11.52 -11.64
CA SER A 35 -20.27 -11.57 -11.94
C SER A 35 -21.01 -10.34 -11.41
N ASP A 36 -20.37 -9.63 -10.48
CA ASP A 36 -20.95 -8.44 -9.89
C ASP A 36 -20.92 -7.27 -10.87
N GLU A 37 -19.71 -6.80 -11.18
CA GLU A 37 -19.55 -5.68 -12.09
C GLU A 37 -18.80 -6.10 -13.36
N GLY A 38 -18.01 -7.16 -13.25
CA GLY A 38 -17.25 -7.64 -14.39
C GLY A 38 -15.90 -6.96 -14.53
N LYS A 39 -15.70 -5.86 -13.80
CA LYS A 39 -14.45 -5.15 -13.84
C LYS A 39 -14.14 -4.56 -12.46
N MET A 40 -13.43 -5.33 -11.66
CA MET A 40 -13.05 -4.91 -10.32
C MET A 40 -11.72 -5.54 -9.93
N TYR A 41 -10.64 -4.88 -10.30
CA TYR A 41 -9.30 -5.35 -9.98
C TYR A 41 -8.35 -4.19 -9.73
N GLY A 42 -8.25 -3.77 -8.47
CA GLY A 42 -7.37 -2.68 -8.12
C GLY A 42 -6.90 -2.77 -6.68
N ARG A 43 -5.67 -3.23 -6.48
CA ARG A 43 -5.10 -3.35 -5.15
C ARG A 43 -4.80 -1.98 -4.53
N ASN A 44 -4.57 -1.01 -5.40
CA ASN A 44 -4.27 0.35 -4.95
C ASN A 44 -5.50 1.03 -4.38
N GLU A 45 -6.66 0.66 -4.91
CA GLU A 45 -7.92 1.23 -4.45
C GLU A 45 -8.30 0.67 -3.09
N LEU A 46 -7.88 -0.56 -2.83
CA LEU A 46 -8.16 -1.22 -1.56
C LEU A 46 -7.34 -0.60 -0.45
N ILE A 47 -6.14 -0.16 -0.79
CA ILE A 47 -5.24 0.46 0.17
C ILE A 47 -5.72 1.85 0.54
N ALA A 48 -6.15 2.58 -0.47
CA ALA A 48 -6.65 3.93 -0.27
C ALA A 48 -8.01 3.90 0.43
N ARG A 49 -8.74 2.82 0.22
CA ARG A 49 -10.04 2.66 0.85
C ARG A 49 -9.87 2.41 2.34
N TYR A 50 -8.73 1.85 2.71
CA TYR A 50 -8.44 1.58 4.11
C TYR A 50 -8.23 2.87 4.88
N ILE A 51 -7.34 3.70 4.35
CA ILE A 51 -7.04 4.98 4.97
C ILE A 51 -8.23 5.90 4.89
N LYS A 52 -8.98 5.79 3.81
CA LYS A 52 -10.16 6.61 3.61
C LYS A 52 -11.32 6.12 4.48
N LEU A 53 -11.27 4.84 4.84
CA LEU A 53 -12.31 4.25 5.66
C LEU A 53 -12.09 4.55 7.14
N ARG A 54 -10.83 4.79 7.50
CA ARG A 54 -10.48 5.09 8.89
C ARG A 54 -10.07 6.54 9.06
N THR A 55 -9.04 6.93 8.34
CA THR A 55 -8.52 8.30 8.41
C THR A 55 -9.36 9.26 7.59
N GLY A 56 -9.31 9.09 6.28
CA GLY A 56 -10.06 9.95 5.39
C GLY A 56 -9.18 10.93 4.64
N LYS A 57 -7.92 11.02 5.05
CA LYS A 57 -6.97 11.93 4.42
C LYS A 57 -6.57 11.43 3.04
N THR A 58 -5.56 12.07 2.44
CA THR A 58 -5.09 11.67 1.12
C THR A 58 -4.90 10.16 1.02
N ARG A 59 -4.69 9.67 -0.19
CA ARG A 59 -4.49 8.25 -0.41
C ARG A 59 -3.66 8.02 -1.67
N THR A 60 -2.41 8.43 -1.61
CA THR A 60 -1.49 8.27 -2.74
C THR A 60 -1.44 6.80 -3.18
N ARG A 61 -1.20 6.57 -4.46
CA ARG A 61 -1.14 5.22 -4.99
C ARG A 61 0.29 4.84 -5.39
N LYS A 62 1.05 5.84 -5.83
CA LYS A 62 2.41 5.61 -6.25
C LYS A 62 3.33 5.37 -5.06
N GLN A 63 3.04 6.06 -3.96
CA GLN A 63 3.82 5.92 -2.76
C GLN A 63 3.49 4.63 -2.03
N VAL A 64 2.25 4.18 -2.18
CA VAL A 64 1.79 2.95 -1.55
C VAL A 64 2.24 1.75 -2.36
N SER A 65 2.58 1.95 -3.62
CA SER A 65 3.03 0.87 -4.47
C SER A 65 4.51 0.62 -4.26
N SER A 66 5.22 1.69 -3.95
CA SER A 66 6.64 1.61 -3.69
C SER A 66 6.91 0.92 -2.37
N HIS A 67 6.02 1.15 -1.42
CA HIS A 67 6.14 0.57 -0.09
C HIS A 67 5.92 -0.94 -0.14
N ILE A 68 5.02 -1.37 -1.00
CA ILE A 68 4.72 -2.79 -1.15
C ILE A 68 5.86 -3.51 -1.85
N GLN A 69 6.55 -2.80 -2.72
CA GLN A 69 7.67 -3.37 -3.46
C GLN A 69 8.88 -3.52 -2.54
N VAL A 70 8.94 -2.67 -1.52
CA VAL A 70 10.03 -2.71 -0.57
C VAL A 70 9.91 -3.92 0.36
N LEU A 71 8.68 -4.32 0.62
CA LEU A 71 8.41 -5.46 1.47
C LEU A 71 8.81 -6.76 0.78
N ALA A 72 8.76 -6.75 -0.54
CA ALA A 72 9.10 -7.93 -1.33
C ALA A 72 10.60 -8.15 -1.33
N ARG A 73 11.36 -7.07 -1.18
CA ARG A 73 12.81 -7.15 -1.16
C ARG A 73 13.31 -7.72 0.16
N ARG A 74 12.57 -7.45 1.22
CA ARG A 74 12.91 -7.92 2.55
C ARG A 74 12.60 -9.41 2.70
N LYS A 75 11.61 -9.87 1.95
CA LYS A 75 11.19 -11.26 1.99
C LYS A 75 12.10 -12.12 1.12
N SER A 76 12.78 -11.49 0.17
CA SER A 76 13.69 -12.21 -0.72
C SER A 76 14.80 -12.90 0.05
N ARG A 77 15.05 -12.43 1.27
CA ARG A 77 16.08 -13.01 2.11
C ARG A 77 15.79 -14.48 2.43
N ASP A 78 14.55 -14.89 2.20
CA ASP A 78 14.15 -16.27 2.46
C ASP A 78 14.82 -17.24 1.49
N LEU A 79 15.28 -16.71 0.36
CA LEU A 79 15.96 -17.53 -0.65
C LEU A 79 17.27 -18.09 -0.11
N VAL A 80 17.18 -19.13 0.71
CA VAL A 80 18.35 -19.75 1.28
C VAL A 80 19.23 -20.39 0.20
N PRO A 81 20.56 -20.20 0.28
CA PRO A 81 21.50 -20.75 -0.70
C PRO A 81 21.59 -22.27 -0.62
N ARG A 82 20.48 -22.95 -0.89
CA ARG A 82 20.44 -24.40 -0.85
C ARG A 82 20.80 -24.91 0.54
N MET A 1 7.41 26.68 -5.14
CA MET A 1 8.12 26.22 -3.90
C MET A 1 7.61 24.86 -3.45
N ASP A 2 8.54 23.93 -3.22
CA ASP A 2 8.18 22.58 -2.78
C ASP A 2 7.45 22.63 -1.44
N ASN A 3 6.12 22.76 -1.49
CA ASN A 3 5.32 22.81 -0.29
C ASN A 3 5.48 21.53 0.54
N ASP A 4 5.92 20.47 -0.12
CA ASP A 4 6.12 19.19 0.56
C ASP A 4 7.15 19.30 1.69
N ALA A 5 7.97 20.34 1.62
CA ALA A 5 9.00 20.58 2.63
C ALA A 5 8.50 21.51 3.73
N GLU A 6 7.19 21.56 3.91
CA GLU A 6 6.59 22.41 4.93
C GLU A 6 6.26 21.63 6.19
N GLY A 7 6.91 20.49 6.32
CA GLY A 7 6.70 19.63 7.46
C GLY A 7 5.41 18.85 7.38
N VAL A 8 4.92 18.64 6.15
CA VAL A 8 3.68 17.90 5.93
C VAL A 8 3.81 16.45 6.40
N TRP A 9 5.05 15.98 6.53
CA TRP A 9 5.31 14.61 6.96
C TRP A 9 4.71 14.35 8.34
N SER A 10 3.89 13.32 8.44
CA SER A 10 3.25 12.96 9.70
C SER A 10 3.30 11.46 9.93
N PRO A 11 3.38 11.02 11.19
CA PRO A 11 3.44 9.60 11.54
C PRO A 11 2.14 8.86 11.21
N ASP A 12 1.06 9.62 11.07
CA ASP A 12 -0.24 9.05 10.75
C ASP A 12 -0.28 8.56 9.32
N ILE A 13 0.57 9.12 8.47
CA ILE A 13 0.63 8.73 7.08
C ILE A 13 1.38 7.43 6.92
N GLU A 14 2.51 7.33 7.60
CA GLU A 14 3.32 6.13 7.56
C GLU A 14 2.59 4.98 8.25
N GLN A 15 1.68 5.33 9.15
CA GLN A 15 0.91 4.35 9.88
C GLN A 15 -0.15 3.74 8.98
N SER A 16 -0.79 4.59 8.19
CA SER A 16 -1.82 4.16 7.27
C SER A 16 -1.21 3.25 6.20
N PHE A 17 0.10 3.37 6.02
CA PHE A 17 0.82 2.57 5.04
C PHE A 17 0.87 1.12 5.49
N GLN A 18 1.18 0.91 6.75
CA GLN A 18 1.24 -0.44 7.29
C GLN A 18 -0.14 -1.07 7.30
N GLU A 19 -1.16 -0.23 7.43
CA GLU A 19 -2.53 -0.71 7.46
C GLU A 19 -2.94 -1.25 6.10
N ALA A 20 -2.39 -0.65 5.05
CA ALA A 20 -2.68 -1.09 3.70
C ALA A 20 -1.82 -2.27 3.32
N LEU A 21 -0.62 -2.31 3.88
CA LEU A 21 0.31 -3.39 3.63
C LEU A 21 -0.01 -4.58 4.52
N SER A 22 -0.57 -4.30 5.69
CA SER A 22 -0.95 -5.33 6.62
C SER A 22 -2.24 -5.99 6.19
N ILE A 23 -3.10 -5.19 5.56
CA ILE A 23 -4.38 -5.68 5.08
C ILE A 23 -4.23 -6.34 3.71
N TYR A 24 -3.40 -5.71 2.87
CA TYR A 24 -3.15 -6.21 1.53
C TYR A 24 -1.77 -6.88 1.44
N PRO A 25 -1.64 -8.10 1.97
CA PRO A 25 -0.39 -8.85 1.93
C PRO A 25 0.02 -9.23 0.52
N PRO A 26 1.33 -9.47 0.29
CA PRO A 26 1.85 -9.84 -1.03
C PRO A 26 1.20 -11.12 -1.57
N CYS A 27 0.64 -11.91 -0.67
CA CYS A 27 -0.01 -13.15 -1.04
C CYS A 27 -0.98 -13.62 0.05
N GLY A 28 -1.71 -14.69 -0.23
CA GLY A 28 -2.65 -15.22 0.74
C GLY A 28 -4.09 -15.02 0.32
N ARG A 29 -4.39 -13.83 -0.20
CA ARG A 29 -5.74 -13.51 -0.65
C ARG A 29 -5.73 -12.36 -1.64
N ARG A 30 -6.87 -12.14 -2.30
CA ARG A 30 -6.99 -11.07 -3.27
C ARG A 30 -8.36 -10.41 -3.17
N LYS A 31 -8.45 -9.38 -2.34
CA LYS A 31 -9.71 -8.66 -2.15
C LYS A 31 -10.08 -7.86 -3.40
N ILE A 32 -11.23 -8.20 -3.98
CA ILE A 32 -11.71 -7.52 -5.18
C ILE A 32 -13.22 -7.38 -5.15
N ILE A 33 -13.70 -6.14 -5.08
CA ILE A 33 -15.13 -5.88 -5.04
C ILE A 33 -15.76 -6.07 -6.41
N LEU A 34 -15.98 -7.32 -6.79
CA LEU A 34 -16.57 -7.64 -8.08
C LEU A 34 -18.10 -7.57 -8.03
N SER A 35 -18.65 -7.72 -6.82
CA SER A 35 -20.09 -7.68 -6.63
C SER A 35 -20.65 -6.32 -7.00
N ASP A 36 -19.80 -5.29 -6.94
CA ASP A 36 -20.21 -3.94 -7.27
C ASP A 36 -20.30 -3.75 -8.79
N GLU A 37 -19.16 -3.79 -9.45
CA GLU A 37 -19.10 -3.62 -10.89
C GLU A 37 -18.66 -4.91 -11.59
N GLY A 38 -17.94 -5.75 -10.87
CA GLY A 38 -17.47 -7.00 -11.42
C GLY A 38 -16.30 -6.83 -12.36
N LYS A 39 -15.84 -5.59 -12.54
CA LYS A 39 -14.72 -5.30 -13.40
C LYS A 39 -13.92 -4.14 -12.85
N MET A 40 -12.94 -4.46 -12.02
CA MET A 40 -12.08 -3.45 -11.42
C MET A 40 -10.68 -4.01 -11.19
N TYR A 41 -9.84 -3.93 -12.20
CA TYR A 41 -8.48 -4.43 -12.11
C TYR A 41 -7.53 -3.34 -11.64
N GLY A 42 -7.45 -3.14 -10.33
CA GLY A 42 -6.58 -2.12 -9.78
C GLY A 42 -6.14 -2.43 -8.37
N ARG A 43 -4.91 -2.93 -8.22
CA ARG A 43 -4.39 -3.28 -6.91
C ARG A 43 -3.81 -2.06 -6.21
N ASN A 44 -3.26 -1.15 -7.00
CA ASN A 44 -2.66 0.07 -6.47
C ASN A 44 -3.75 1.06 -6.03
N GLU A 45 -4.93 0.92 -6.61
CA GLU A 45 -6.04 1.79 -6.27
C GLU A 45 -6.69 1.33 -4.97
N LEU A 46 -6.51 0.05 -4.64
CA LEU A 46 -7.08 -0.51 -3.43
C LEU A 46 -6.27 -0.08 -2.21
N ILE A 47 -4.96 -0.05 -2.38
CA ILE A 47 -4.07 0.34 -1.29
C ILE A 47 -4.12 1.85 -1.09
N ALA A 48 -4.24 2.57 -2.20
CA ALA A 48 -4.32 4.02 -2.15
C ALA A 48 -5.69 4.47 -1.66
N ARG A 49 -6.69 3.63 -1.88
CA ARG A 49 -8.04 3.94 -1.43
C ARG A 49 -8.12 3.81 0.08
N TYR A 50 -7.28 2.94 0.63
CA TYR A 50 -7.24 2.72 2.07
C TYR A 50 -6.69 3.95 2.77
N ILE A 51 -5.52 4.37 2.34
CA ILE A 51 -4.86 5.53 2.91
C ILE A 51 -5.72 6.78 2.72
N LYS A 52 -6.47 6.79 1.63
CA LYS A 52 -7.35 7.91 1.32
C LYS A 52 -8.53 7.95 2.28
N LEU A 53 -8.91 6.78 2.79
CA LEU A 53 -10.03 6.66 3.70
C LEU A 53 -9.58 6.89 5.15
N ARG A 54 -8.27 6.81 5.39
CA ARG A 54 -7.72 6.99 6.73
C ARG A 54 -8.23 8.27 7.37
N THR A 55 -7.97 9.39 6.71
CA THR A 55 -8.40 10.69 7.21
C THR A 55 -8.35 11.74 6.10
N GLY A 56 -8.56 11.31 4.87
CA GLY A 56 -8.54 12.22 3.74
C GLY A 56 -7.16 12.82 3.50
N LYS A 57 -6.15 12.26 4.14
CA LYS A 57 -4.79 12.74 4.00
C LYS A 57 -4.18 12.23 2.70
N THR A 58 -2.87 12.46 2.52
CA THR A 58 -2.17 12.02 1.32
C THR A 58 -2.50 10.56 1.00
N ARG A 59 -2.12 10.11 -0.18
CA ARG A 59 -2.37 8.75 -0.60
C ARG A 59 -1.35 8.32 -1.65
N THR A 60 -0.11 8.22 -1.24
CA THR A 60 0.97 7.82 -2.13
C THR A 60 0.71 6.42 -2.69
N ARG A 61 1.00 6.22 -3.96
CA ARG A 61 0.80 4.93 -4.60
C ARG A 61 2.12 4.25 -4.93
N LYS A 62 3.10 5.05 -5.27
CA LYS A 62 4.42 4.54 -5.63
C LYS A 62 5.14 4.02 -4.39
N GLN A 63 4.98 4.73 -3.28
CA GLN A 63 5.60 4.35 -2.03
C GLN A 63 4.92 3.12 -1.44
N VAL A 64 3.64 2.97 -1.72
CA VAL A 64 2.87 1.85 -1.22
C VAL A 64 3.10 0.61 -2.07
N SER A 65 3.59 0.80 -3.29
CA SER A 65 3.86 -0.31 -4.19
C SER A 65 5.27 -0.84 -3.94
N SER A 66 6.14 0.07 -3.53
CA SER A 66 7.51 -0.28 -3.23
C SER A 66 7.59 -1.04 -1.92
N HIS A 67 6.69 -0.71 -1.01
CA HIS A 67 6.63 -1.35 0.30
C HIS A 67 6.18 -2.79 0.18
N ILE A 68 5.29 -3.05 -0.78
CA ILE A 68 4.78 -4.40 -0.99
C ILE A 68 5.84 -5.28 -1.64
N GLN A 69 6.73 -4.67 -2.41
CA GLN A 69 7.79 -5.39 -3.07
C GLN A 69 8.86 -5.80 -2.07
N VAL A 70 9.00 -5.01 -1.01
CA VAL A 70 9.98 -5.28 0.02
C VAL A 70 9.56 -6.48 0.87
N LEU A 71 8.26 -6.67 0.98
CA LEU A 71 7.72 -7.79 1.76
C LEU A 71 7.98 -9.11 1.05
N ALA A 72 8.05 -9.06 -0.27
CA ALA A 72 8.30 -10.24 -1.07
C ALA A 72 9.74 -10.72 -0.90
N ARG A 73 10.62 -9.79 -0.60
CA ARG A 73 12.03 -10.10 -0.39
C ARG A 73 12.22 -10.87 0.91
N ARG A 74 11.33 -10.65 1.85
CA ARG A 74 11.41 -11.32 3.15
C ARG A 74 11.06 -12.79 3.01
N LYS A 75 10.20 -13.09 2.06
CA LYS A 75 9.77 -14.47 1.82
C LYS A 75 10.85 -15.24 1.06
N SER A 76 11.62 -14.52 0.26
CA SER A 76 12.69 -15.12 -0.53
C SER A 76 13.90 -15.48 0.34
N ARG A 77 13.89 -15.01 1.59
CA ARG A 77 14.98 -15.27 2.52
C ARG A 77 15.27 -16.76 2.62
N ASP A 78 14.26 -17.58 2.33
CA ASP A 78 14.40 -19.02 2.39
C ASP A 78 15.34 -19.52 1.29
N LEU A 79 15.35 -18.81 0.18
CA LEU A 79 16.20 -19.17 -0.95
C LEU A 79 17.64 -18.76 -0.71
N VAL A 80 18.34 -19.53 0.11
CA VAL A 80 19.74 -19.24 0.44
C VAL A 80 20.59 -19.18 -0.84
N PRO A 81 21.48 -18.17 -0.94
CA PRO A 81 22.35 -18.01 -2.11
C PRO A 81 23.40 -19.11 -2.21
N ARG A 82 23.34 -19.88 -3.30
CA ARG A 82 24.29 -20.96 -3.51
C ARG A 82 24.21 -21.99 -2.39
N MET A 1 5.91 21.41 -7.34
CA MET A 1 5.53 22.34 -6.25
C MET A 1 4.75 21.63 -5.15
N ASP A 2 5.18 20.40 -4.84
CA ASP A 2 4.53 19.61 -3.80
C ASP A 2 4.57 20.33 -2.46
N ASN A 3 3.45 20.93 -2.08
CA ASN A 3 3.35 21.65 -0.82
C ASN A 3 3.59 20.72 0.37
N ASP A 4 3.44 19.43 0.14
CA ASP A 4 3.63 18.43 1.19
C ASP A 4 5.05 18.50 1.75
N ALA A 5 5.97 19.04 0.96
CA ALA A 5 7.36 19.15 1.37
C ALA A 5 7.64 20.52 1.98
N GLU A 6 6.60 21.17 2.50
CA GLU A 6 6.75 22.49 3.10
C GLU A 6 6.84 22.39 4.62
N GLY A 7 7.18 21.21 5.08
CA GLY A 7 7.30 20.96 6.50
C GLY A 7 6.15 20.17 7.06
N VAL A 8 5.00 20.22 6.37
CA VAL A 8 3.81 19.50 6.81
C VAL A 8 4.06 18.00 6.87
N TRP A 9 5.09 17.54 6.17
CA TRP A 9 5.43 16.12 6.15
C TRP A 9 5.67 15.59 7.55
N SER A 10 4.93 14.55 7.92
CA SER A 10 5.07 13.95 9.24
C SER A 10 5.07 12.42 9.14
N PRO A 11 5.61 11.74 10.18
CA PRO A 11 5.68 10.28 10.20
C PRO A 11 4.30 9.63 10.31
N ASP A 12 3.28 10.43 10.60
CA ASP A 12 1.92 9.93 10.74
C ASP A 12 1.46 9.23 9.47
N ILE A 13 2.08 9.59 8.36
CA ILE A 13 1.75 9.00 7.07
C ILE A 13 2.30 7.60 6.97
N GLU A 14 3.57 7.48 7.33
CA GLU A 14 4.26 6.19 7.31
C GLU A 14 3.59 5.24 8.29
N GLN A 15 2.95 5.79 9.31
CA GLN A 15 2.26 5.00 10.30
C GLN A 15 0.96 4.45 9.74
N SER A 16 0.18 5.33 9.15
CA SER A 16 -1.07 4.94 8.54
C SER A 16 -0.81 3.98 7.38
N PHE A 17 0.40 4.05 6.85
CA PHE A 17 0.80 3.20 5.74
C PHE A 17 0.89 1.74 6.19
N GLN A 18 1.34 1.55 7.42
CA GLN A 18 1.46 0.20 7.97
C GLN A 18 0.10 -0.43 8.11
N GLU A 19 -0.89 0.39 8.44
CA GLU A 19 -2.25 -0.09 8.61
C GLU A 19 -2.78 -0.65 7.30
N ALA A 20 -2.45 0.02 6.21
CA ALA A 20 -2.89 -0.43 4.89
C ALA A 20 -2.07 -1.63 4.44
N LEU A 21 -0.85 -1.71 4.93
CA LEU A 21 0.04 -2.82 4.58
C LEU A 21 -0.27 -4.03 5.44
N SER A 22 -0.68 -3.77 6.68
CA SER A 22 -1.03 -4.84 7.60
C SER A 22 -2.42 -5.37 7.27
N ILE A 23 -3.27 -4.48 6.80
CA ILE A 23 -4.63 -4.84 6.43
C ILE A 23 -4.69 -5.26 4.97
N TYR A 24 -3.90 -4.59 4.15
CA TYR A 24 -3.85 -4.87 2.73
C TYR A 24 -2.45 -5.29 2.30
N PRO A 25 -2.08 -6.57 2.54
CA PRO A 25 -0.78 -7.10 2.19
C PRO A 25 -0.76 -7.68 0.78
N PRO A 26 0.44 -7.95 0.22
CA PRO A 26 0.59 -8.51 -1.12
C PRO A 26 -0.14 -9.83 -1.28
N CYS A 27 0.34 -10.84 -0.58
CA CYS A 27 -0.25 -12.17 -0.63
C CYS A 27 -1.49 -12.25 0.26
N GLY A 28 -2.23 -13.36 0.14
CA GLY A 28 -3.42 -13.54 0.94
C GLY A 28 -4.42 -12.41 0.76
N ARG A 29 -4.57 -11.95 -0.48
CA ARG A 29 -5.50 -10.86 -0.78
C ARG A 29 -6.93 -11.25 -0.41
N ARG A 30 -7.62 -10.34 0.27
CA ARG A 30 -9.00 -10.59 0.67
C ARG A 30 -9.89 -10.86 -0.54
N LYS A 31 -11.20 -10.95 -0.30
CA LYS A 31 -12.15 -11.20 -1.37
C LYS A 31 -11.93 -10.25 -2.54
N ILE A 32 -11.37 -10.79 -3.63
CA ILE A 32 -11.09 -10.00 -4.82
C ILE A 32 -12.39 -9.58 -5.53
N ILE A 33 -12.29 -8.53 -6.34
CA ILE A 33 -13.45 -8.03 -7.07
C ILE A 33 -13.79 -8.96 -8.24
N LEU A 34 -14.86 -8.61 -8.97
CA LEU A 34 -15.30 -9.40 -10.10
C LEU A 34 -14.50 -9.08 -11.37
N SER A 35 -13.21 -8.78 -11.20
CA SER A 35 -12.34 -8.46 -12.34
C SER A 35 -12.56 -9.41 -13.50
N ASP A 36 -12.95 -10.64 -13.18
CA ASP A 36 -13.20 -11.66 -14.20
C ASP A 36 -14.28 -11.20 -15.17
N GLU A 37 -15.40 -10.73 -14.63
CA GLU A 37 -16.51 -10.27 -15.45
C GLU A 37 -16.23 -8.89 -16.03
N GLY A 38 -15.57 -8.06 -15.24
CA GLY A 38 -15.24 -6.72 -15.66
C GLY A 38 -15.46 -5.68 -14.59
N LYS A 39 -14.84 -5.92 -13.45
CA LYS A 39 -14.93 -5.02 -12.32
C LYS A 39 -13.63 -5.01 -11.54
N MET A 40 -12.76 -4.10 -11.92
CA MET A 40 -11.47 -3.97 -11.26
C MET A 40 -10.99 -2.51 -11.28
N TYR A 41 -11.43 -1.75 -10.29
CA TYR A 41 -11.05 -0.35 -10.19
C TYR A 41 -9.64 -0.20 -9.65
N GLY A 42 -9.21 1.04 -9.44
CA GLY A 42 -7.88 1.29 -8.93
C GLY A 42 -7.65 0.67 -7.56
N ARG A 43 -6.97 -0.47 -7.53
CA ARG A 43 -6.69 -1.16 -6.28
C ARG A 43 -5.90 -0.27 -5.32
N ASN A 44 -5.10 0.62 -5.89
CA ASN A 44 -4.29 1.52 -5.08
C ASN A 44 -5.18 2.51 -4.33
N GLU A 45 -6.34 2.79 -4.89
CA GLU A 45 -7.28 3.70 -4.27
C GLU A 45 -7.82 3.11 -2.97
N LEU A 46 -7.85 1.78 -2.91
CA LEU A 46 -8.34 1.08 -1.73
C LEU A 46 -7.38 1.26 -0.56
N ILE A 47 -6.11 0.98 -0.82
CA ILE A 47 -5.09 1.12 0.20
C ILE A 47 -4.83 2.59 0.49
N ALA A 48 -5.02 3.42 -0.52
CA ALA A 48 -4.83 4.85 -0.37
C ALA A 48 -6.02 5.48 0.34
N ARG A 49 -7.18 4.85 0.22
CA ARG A 49 -8.37 5.34 0.88
C ARG A 49 -8.29 5.11 2.37
N TYR A 50 -7.54 4.08 2.76
CA TYR A 50 -7.36 3.76 4.15
C TYR A 50 -6.50 4.80 4.84
N ILE A 51 -5.34 5.05 4.26
CA ILE A 51 -4.43 6.03 4.80
C ILE A 51 -5.04 7.42 4.77
N LYS A 52 -5.91 7.65 3.79
CA LYS A 52 -6.59 8.93 3.66
C LYS A 52 -7.64 9.09 4.76
N LEU A 53 -8.15 7.97 5.25
CA LEU A 53 -9.16 7.97 6.29
C LEU A 53 -8.53 8.00 7.68
N ARG A 54 -7.25 7.65 7.76
CA ARG A 54 -6.54 7.63 9.03
C ARG A 54 -6.53 9.00 9.69
N THR A 55 -6.33 10.03 8.89
CA THR A 55 -6.30 11.40 9.40
C THR A 55 -6.48 12.41 8.27
N GLY A 56 -7.17 12.02 7.22
CA GLY A 56 -7.41 12.91 6.10
C GLY A 56 -6.12 13.42 5.47
N LYS A 57 -5.02 12.74 5.75
CA LYS A 57 -3.72 13.13 5.21
C LYS A 57 -3.55 12.62 3.78
N THR A 58 -2.34 12.77 3.24
CA THR A 58 -2.07 12.32 1.89
C THR A 58 -2.36 10.83 1.72
N ARG A 59 -2.34 10.35 0.49
CA ARG A 59 -2.59 8.95 0.21
C ARG A 59 -1.93 8.54 -1.10
N THR A 60 -0.60 8.55 -1.09
CA THR A 60 0.17 8.18 -2.27
C THR A 60 -0.19 6.77 -2.73
N ARG A 61 -0.04 6.52 -4.02
CA ARG A 61 -0.35 5.21 -4.59
C ARG A 61 0.93 4.49 -5.03
N LYS A 62 1.88 5.26 -5.52
CA LYS A 62 3.15 4.71 -5.97
C LYS A 62 3.98 4.24 -4.79
N GLN A 63 3.80 4.88 -3.65
CA GLN A 63 4.52 4.52 -2.44
C GLN A 63 4.00 3.21 -1.87
N VAL A 64 2.74 2.90 -2.15
CA VAL A 64 2.12 1.68 -1.67
C VAL A 64 2.55 0.48 -2.49
N SER A 65 3.05 0.72 -3.70
CA SER A 65 3.50 -0.35 -4.57
C SER A 65 4.93 -0.74 -4.21
N SER A 66 5.65 0.21 -3.64
CA SER A 66 7.03 -0.01 -3.23
C SER A 66 7.07 -0.93 -2.01
N HIS A 67 6.07 -0.79 -1.16
CA HIS A 67 5.98 -1.59 0.05
C HIS A 67 5.74 -3.06 -0.29
N ILE A 68 4.83 -3.29 -1.23
CA ILE A 68 4.52 -4.64 -1.65
C ILE A 68 5.68 -5.27 -2.41
N GLN A 69 6.49 -4.41 -3.02
CA GLN A 69 7.65 -4.87 -3.77
C GLN A 69 8.76 -5.29 -2.84
N VAL A 70 8.83 -4.66 -1.68
CA VAL A 70 9.84 -4.97 -0.68
C VAL A 70 9.55 -6.32 -0.02
N LEU A 71 8.28 -6.67 0.04
CA LEU A 71 7.86 -7.93 0.63
C LEU A 71 8.25 -9.10 -0.26
N ALA A 72 8.34 -8.83 -1.56
CA ALA A 72 8.70 -9.85 -2.54
C ALA A 72 10.17 -10.24 -2.39
N ARG A 73 10.98 -9.27 -1.96
CA ARG A 73 12.40 -9.51 -1.78
C ARG A 73 12.66 -10.42 -0.59
N ARG A 74 11.77 -10.34 0.39
CA ARG A 74 11.90 -11.16 1.59
C ARG A 74 11.58 -12.62 1.29
N LYS A 75 10.77 -12.84 0.27
CA LYS A 75 10.38 -14.19 -0.14
C LYS A 75 11.52 -14.88 -0.88
N SER A 76 12.42 -14.09 -1.45
CA SER A 76 13.55 -14.63 -2.19
C SER A 76 14.45 -15.48 -1.29
N ARG A 77 14.31 -15.28 0.02
CA ARG A 77 15.11 -16.03 0.98
C ARG A 77 14.77 -17.52 0.92
N ASP A 78 13.66 -17.86 0.28
CA ASP A 78 13.23 -19.25 0.17
C ASP A 78 14.29 -20.10 -0.52
N LEU A 79 15.18 -19.44 -1.27
CA LEU A 79 16.24 -20.13 -1.99
C LEU A 79 17.18 -20.84 -1.02
N VAL A 80 16.80 -22.03 -0.59
CA VAL A 80 17.62 -22.80 0.34
C VAL A 80 18.96 -23.17 -0.27
N PRO A 81 20.07 -23.03 0.49
CA PRO A 81 21.41 -23.34 0.02
C PRO A 81 21.59 -24.84 -0.25
N ARG A 82 21.49 -25.22 -1.51
CA ARG A 82 21.65 -26.63 -1.89
C ARG A 82 23.04 -27.14 -1.51
N MET A 1 8.22 25.43 -7.37
CA MET A 1 8.89 25.28 -6.05
C MET A 1 8.71 23.87 -5.48
N ASP A 2 9.47 23.56 -4.44
CA ASP A 2 9.39 22.26 -3.80
C ASP A 2 8.00 22.01 -3.24
N ASN A 3 7.19 21.26 -3.99
CA ASN A 3 5.82 20.96 -3.56
C ASN A 3 5.82 20.21 -2.22
N ASP A 4 6.95 19.58 -1.90
CA ASP A 4 7.07 18.83 -0.66
C ASP A 4 7.56 19.72 0.48
N ALA A 5 7.54 21.04 0.28
CA ALA A 5 7.99 21.97 1.29
C ALA A 5 6.82 22.48 2.14
N GLU A 6 5.76 21.69 2.20
CA GLU A 6 4.58 22.05 2.98
C GLU A 6 4.58 21.38 4.34
N GLY A 7 5.75 20.96 4.75
CA GLY A 7 5.91 20.30 6.03
C GLY A 7 5.08 19.04 6.16
N VAL A 8 4.76 18.43 5.02
CA VAL A 8 3.96 17.21 5.00
C VAL A 8 4.68 16.06 5.70
N TRP A 9 5.99 16.18 5.82
CA TRP A 9 6.79 15.15 6.48
C TRP A 9 6.37 14.97 7.94
N SER A 10 5.54 13.96 8.17
CA SER A 10 5.06 13.66 9.51
C SER A 10 5.10 12.16 9.79
N PRO A 11 5.36 11.77 11.05
CA PRO A 11 5.43 10.36 11.44
C PRO A 11 4.07 9.68 11.38
N ASP A 12 3.01 10.47 11.40
CA ASP A 12 1.65 9.94 11.35
C ASP A 12 1.33 9.39 9.97
N ILE A 13 2.04 9.89 8.97
CA ILE A 13 1.84 9.44 7.60
C ILE A 13 2.49 8.09 7.38
N GLU A 14 3.73 7.98 7.84
CA GLU A 14 4.48 6.74 7.72
C GLU A 14 3.83 5.65 8.59
N GLN A 15 3.12 6.09 9.62
CA GLN A 15 2.45 5.18 10.52
C GLN A 15 1.19 4.63 9.88
N SER A 16 0.42 5.53 9.29
CA SER A 16 -0.80 5.16 8.62
C SER A 16 -0.48 4.30 7.39
N PHE A 17 0.76 4.41 6.92
CA PHE A 17 1.22 3.66 5.77
C PHE A 17 1.34 2.18 6.11
N GLN A 18 1.85 1.90 7.30
CA GLN A 18 2.01 0.52 7.73
C GLN A 18 0.64 -0.12 7.96
N GLU A 19 -0.31 0.70 8.37
CA GLU A 19 -1.66 0.22 8.62
C GLU A 19 -2.33 -0.21 7.34
N ALA A 20 -1.99 0.47 6.25
CA ALA A 20 -2.56 0.15 4.95
C ALA A 20 -1.78 -0.98 4.31
N LEU A 21 -0.49 -1.04 4.62
CA LEU A 21 0.37 -2.08 4.09
C LEU A 21 0.23 -3.35 4.92
N SER A 22 -0.12 -3.19 6.19
CA SER A 22 -0.30 -4.31 7.08
C SER A 22 -1.66 -4.94 6.86
N ILE A 23 -2.63 -4.10 6.52
CA ILE A 23 -3.99 -4.56 6.27
C ILE A 23 -4.10 -5.19 4.88
N TYR A 24 -3.20 -4.82 3.99
CA TYR A 24 -3.20 -5.33 2.63
C TYR A 24 -1.85 -5.93 2.26
N PRO A 25 -1.58 -7.17 2.69
CA PRO A 25 -0.33 -7.86 2.41
C PRO A 25 -0.36 -8.59 1.08
N PRO A 26 0.79 -8.68 0.38
CA PRO A 26 0.88 -9.35 -0.92
C PRO A 26 0.44 -10.80 -0.85
N CYS A 27 1.23 -11.60 -0.15
CA CYS A 27 0.94 -13.02 0.00
C CYS A 27 -0.28 -13.23 0.90
N GLY A 28 -0.88 -14.41 0.80
CA GLY A 28 -2.05 -14.73 1.61
C GLY A 28 -3.21 -15.26 0.78
N ARG A 29 -3.44 -14.65 -0.38
CA ARG A 29 -4.51 -15.07 -1.26
C ARG A 29 -4.26 -14.59 -2.69
N ARG A 30 -4.68 -15.39 -3.66
CA ARG A 30 -4.51 -15.04 -5.06
C ARG A 30 -5.24 -13.72 -5.40
N LYS A 31 -4.52 -12.81 -6.03
CA LYS A 31 -5.09 -11.52 -6.40
C LYS A 31 -6.31 -11.70 -7.32
N ILE A 32 -7.30 -10.84 -7.14
CA ILE A 32 -8.51 -10.91 -7.94
C ILE A 32 -8.23 -10.50 -9.38
N ILE A 33 -9.29 -10.50 -10.21
CA ILE A 33 -9.16 -10.13 -11.61
C ILE A 33 -10.52 -10.04 -12.28
N LEU A 34 -10.79 -8.90 -12.92
CA LEU A 34 -12.07 -8.66 -13.58
C LEU A 34 -12.51 -9.85 -14.42
N SER A 35 -11.54 -10.59 -14.93
CA SER A 35 -11.84 -11.77 -15.75
C SER A 35 -12.68 -12.78 -14.99
N ASP A 36 -12.65 -12.70 -13.66
CA ASP A 36 -13.41 -13.61 -12.82
C ASP A 36 -14.46 -12.86 -12.01
N GLU A 37 -14.02 -12.13 -10.99
CA GLU A 37 -14.92 -11.37 -10.14
C GLU A 37 -15.56 -10.21 -10.90
N GLY A 38 -14.86 -9.74 -11.92
CA GLY A 38 -15.37 -8.63 -12.71
C GLY A 38 -15.58 -7.38 -11.89
N LYS A 39 -14.96 -7.32 -10.73
CA LYS A 39 -15.06 -6.17 -9.86
C LYS A 39 -13.75 -5.96 -9.11
N MET A 40 -12.89 -5.16 -9.70
CA MET A 40 -11.60 -4.86 -9.11
C MET A 40 -11.14 -3.46 -9.50
N TYR A 41 -11.58 -2.47 -8.73
CA TYR A 41 -11.22 -1.08 -8.99
C TYR A 41 -9.75 -0.84 -8.68
N GLY A 42 -9.33 0.42 -8.80
CA GLY A 42 -7.94 0.76 -8.54
C GLY A 42 -7.50 0.35 -7.15
N ARG A 43 -6.63 -0.66 -7.09
CA ARG A 43 -6.12 -1.16 -5.81
C ARG A 43 -5.43 -0.05 -5.02
N ASN A 44 -4.91 0.94 -5.73
CA ASN A 44 -4.23 2.05 -5.10
C ASN A 44 -5.22 2.96 -4.37
N GLU A 45 -6.45 2.96 -4.83
CA GLU A 45 -7.50 3.77 -4.23
C GLU A 45 -7.95 3.18 -2.90
N LEU A 46 -7.78 1.88 -2.75
CA LEU A 46 -8.17 1.19 -1.54
C LEU A 46 -7.17 1.45 -0.42
N ILE A 47 -5.91 1.54 -0.78
CA ILE A 47 -4.85 1.80 0.19
C ILE A 47 -4.86 3.26 0.60
N ALA A 48 -5.19 4.12 -0.35
CA ALA A 48 -5.25 5.55 -0.10
C ALA A 48 -6.50 5.89 0.69
N ARG A 49 -7.55 5.11 0.49
CA ARG A 49 -8.80 5.32 1.20
C ARG A 49 -8.61 4.99 2.67
N TYR A 50 -7.67 4.09 2.95
CA TYR A 50 -7.37 3.69 4.31
C TYR A 50 -6.75 4.84 5.07
N ILE A 51 -5.66 5.34 4.54
CA ILE A 51 -4.94 6.46 5.15
C ILE A 51 -5.85 7.68 5.27
N LYS A 52 -6.89 7.73 4.44
CA LYS A 52 -7.82 8.83 4.45
C LYS A 52 -8.77 8.72 5.63
N LEU A 53 -9.10 7.48 5.98
CA LEU A 53 -10.00 7.21 7.10
C LEU A 53 -9.23 7.05 8.41
N ARG A 54 -7.95 6.72 8.30
CA ARG A 54 -7.11 6.51 9.48
C ARG A 54 -6.82 7.81 10.21
N THR A 55 -6.20 8.75 9.51
CA THR A 55 -5.84 10.03 10.09
C THR A 55 -6.54 11.19 9.41
N GLY A 56 -6.95 10.99 8.16
CA GLY A 56 -7.62 12.04 7.42
C GLY A 56 -6.64 12.89 6.61
N LYS A 57 -5.37 12.82 6.97
CA LYS A 57 -4.34 13.57 6.27
C LYS A 57 -4.09 13.00 4.87
N THR A 58 -3.05 13.48 4.21
CA THR A 58 -2.71 13.01 2.88
C THR A 58 -2.72 11.48 2.81
N ARG A 59 -2.78 10.93 1.60
CA ARG A 59 -2.79 9.50 1.42
C ARG A 59 -2.26 9.14 0.04
N THR A 60 -0.97 9.39 -0.15
CA THR A 60 -0.31 9.09 -1.43
C THR A 60 -0.65 7.67 -1.88
N ARG A 61 -0.68 7.45 -3.19
CA ARG A 61 -1.00 6.15 -3.75
C ARG A 61 0.22 5.51 -4.38
N LYS A 62 1.08 6.34 -4.95
CA LYS A 62 2.29 5.85 -5.61
C LYS A 62 3.30 5.36 -4.59
N GLN A 63 3.34 5.99 -3.44
CA GLN A 63 4.25 5.61 -2.38
C GLN A 63 3.78 4.34 -1.68
N VAL A 64 2.47 4.13 -1.70
CA VAL A 64 1.87 2.96 -1.08
C VAL A 64 2.00 1.74 -1.98
N SER A 65 2.21 1.97 -3.27
CA SER A 65 2.35 0.89 -4.22
C SER A 65 3.79 0.41 -4.24
N SER A 66 4.70 1.34 -4.02
CA SER A 66 6.11 1.04 -3.98
C SER A 66 6.46 0.27 -2.72
N HIS A 67 5.75 0.58 -1.64
CA HIS A 67 5.98 -0.07 -0.37
C HIS A 67 5.54 -1.53 -0.42
N ILE A 68 4.51 -1.81 -1.19
CA ILE A 68 4.00 -3.17 -1.33
C ILE A 68 4.97 -4.03 -2.14
N GLN A 69 5.72 -3.38 -3.02
CA GLN A 69 6.69 -4.08 -3.85
C GLN A 69 7.90 -4.51 -3.02
N VAL A 70 8.17 -3.77 -1.96
CA VAL A 70 9.28 -4.07 -1.07
C VAL A 70 8.99 -5.30 -0.23
N LEU A 71 7.71 -5.56 0.00
CA LEU A 71 7.30 -6.71 0.80
C LEU A 71 7.44 -8.00 -0.01
N ALA A 72 7.40 -7.87 -1.33
CA ALA A 72 7.52 -9.02 -2.21
C ALA A 72 8.97 -9.50 -2.28
N ARG A 73 9.89 -8.57 -2.19
CA ARG A 73 11.31 -8.90 -2.25
C ARG A 73 11.76 -9.53 -0.94
N ARG A 74 11.18 -9.05 0.15
CA ARG A 74 11.50 -9.56 1.48
C ARG A 74 10.86 -10.93 1.69
N LYS A 75 9.75 -11.17 1.01
CA LYS A 75 9.04 -12.44 1.12
C LYS A 75 9.66 -13.50 0.23
N SER A 76 10.44 -13.07 -0.76
CA SER A 76 11.09 -13.99 -1.69
C SER A 76 11.99 -14.98 -0.95
N ARG A 77 12.38 -14.62 0.27
CA ARG A 77 13.23 -15.48 1.08
C ARG A 77 12.55 -16.82 1.35
N ASP A 78 11.23 -16.87 1.15
CA ASP A 78 10.48 -18.10 1.38
C ASP A 78 10.91 -19.21 0.42
N LEU A 79 11.57 -18.82 -0.66
CA LEU A 79 12.04 -19.78 -1.65
C LEU A 79 12.91 -20.86 -1.02
N VAL A 80 12.30 -21.94 -0.58
CA VAL A 80 13.02 -23.04 0.05
C VAL A 80 14.03 -23.65 -0.91
N PRO A 81 15.33 -23.69 -0.53
CA PRO A 81 16.38 -24.24 -1.38
C PRO A 81 16.23 -25.75 -1.60
N ARG A 82 15.36 -26.38 -0.82
CA ARG A 82 15.12 -27.81 -0.95
C ARG A 82 14.63 -28.17 -2.34
N MET A 1 11.97 29.90 1.76
CA MET A 1 11.13 28.88 2.46
C MET A 1 10.41 27.98 1.45
N ASP A 2 11.12 26.98 0.95
CA ASP A 2 10.54 26.05 -0.01
C ASP A 2 9.33 25.34 0.57
N ASN A 3 8.50 24.77 -0.30
CA ASN A 3 7.30 24.06 0.12
C ASN A 3 7.66 22.86 1.00
N ASP A 4 8.88 22.39 0.87
CA ASP A 4 9.35 21.24 1.65
C ASP A 4 9.42 21.59 3.14
N ALA A 5 9.50 22.88 3.43
CA ALA A 5 9.59 23.34 4.81
C ALA A 5 8.21 23.69 5.37
N GLU A 6 7.17 23.09 4.80
CA GLU A 6 5.81 23.34 5.23
C GLU A 6 5.33 22.26 6.19
N GLY A 7 6.28 21.57 6.76
CA GLY A 7 5.98 20.51 7.71
C GLY A 7 5.05 19.45 7.13
N VAL A 8 5.05 19.33 5.80
CA VAL A 8 4.20 18.35 5.13
C VAL A 8 4.64 16.93 5.43
N TRP A 9 5.92 16.77 5.74
CA TRP A 9 6.47 15.45 6.05
C TRP A 9 5.99 14.97 7.41
N SER A 10 5.26 13.85 7.40
CA SER A 10 4.75 13.27 8.62
C SER A 10 4.93 11.76 8.64
N PRO A 11 5.27 11.18 9.81
CA PRO A 11 5.47 9.74 9.94
C PRO A 11 4.18 8.94 9.86
N ASP A 12 3.06 9.63 10.04
CA ASP A 12 1.75 8.99 9.99
C ASP A 12 1.44 8.49 8.58
N ILE A 13 2.08 9.10 7.59
CA ILE A 13 1.88 8.72 6.20
C ILE A 13 2.58 7.41 5.92
N GLU A 14 3.86 7.36 6.24
CA GLU A 14 4.65 6.16 6.05
C GLU A 14 4.14 5.04 6.94
N GLN A 15 3.47 5.41 8.03
CA GLN A 15 2.92 4.45 8.96
C GLN A 15 1.65 3.84 8.38
N SER A 16 0.83 4.68 7.79
CA SER A 16 -0.40 4.23 7.17
C SER A 16 -0.10 3.30 6.01
N PHE A 17 1.10 3.45 5.44
CA PHE A 17 1.53 2.63 4.32
C PHE A 17 1.70 1.19 4.76
N GLN A 18 2.28 1.01 5.93
CA GLN A 18 2.50 -0.33 6.47
C GLN A 18 1.17 -1.00 6.77
N GLU A 19 0.17 -0.18 7.08
CA GLU A 19 -1.16 -0.69 7.38
C GLU A 19 -1.77 -1.34 6.16
N ALA A 20 -1.56 -0.73 5.01
CA ALA A 20 -2.07 -1.27 3.77
C ALA A 20 -1.25 -2.46 3.30
N LEU A 21 0.03 -2.44 3.62
CA LEU A 21 0.92 -3.52 3.26
C LEU A 21 0.79 -4.68 4.23
N SER A 22 0.46 -4.34 5.48
CA SER A 22 0.28 -5.35 6.51
C SER A 22 -1.07 -6.02 6.35
N ILE A 23 -2.04 -5.23 5.89
CA ILE A 23 -3.40 -5.73 5.67
C ILE A 23 -3.50 -6.40 4.31
N TYR A 24 -2.82 -5.81 3.33
CA TYR A 24 -2.80 -6.32 1.97
C TYR A 24 -1.40 -6.78 1.57
N PRO A 25 -1.03 -8.02 1.92
CA PRO A 25 0.28 -8.57 1.59
C PRO A 25 0.30 -9.21 0.20
N PRO A 26 1.50 -9.50 -0.33
CA PRO A 26 1.66 -10.10 -1.66
C PRO A 26 1.27 -11.57 -1.68
N CYS A 27 1.36 -12.22 -0.53
CA CYS A 27 1.02 -13.62 -0.41
C CYS A 27 -0.49 -13.84 -0.55
N GLY A 28 -0.87 -15.00 -1.06
CA GLY A 28 -2.27 -15.31 -1.24
C GLY A 28 -2.98 -14.31 -2.13
N ARG A 29 -2.49 -14.17 -3.37
CA ARG A 29 -3.10 -13.25 -4.32
C ARG A 29 -4.55 -13.60 -4.58
N ARG A 30 -5.45 -12.97 -3.82
CA ARG A 30 -6.87 -13.21 -3.96
C ARG A 30 -7.36 -12.82 -5.35
N LYS A 31 -8.66 -12.96 -5.58
CA LYS A 31 -9.26 -12.61 -6.86
C LYS A 31 -10.71 -12.17 -6.69
N ILE A 32 -11.15 -11.28 -7.56
CA ILE A 32 -12.52 -10.77 -7.51
C ILE A 32 -13.05 -10.49 -8.90
N ILE A 33 -14.30 -10.04 -8.97
CA ILE A 33 -14.93 -9.72 -10.25
C ILE A 33 -16.22 -8.92 -10.04
N LEU A 34 -16.51 -8.05 -11.00
CA LEU A 34 -17.70 -7.21 -10.93
C LEU A 34 -18.84 -7.80 -11.75
N SER A 35 -18.86 -9.13 -11.86
CA SER A 35 -19.90 -9.81 -12.62
C SER A 35 -21.23 -9.76 -11.89
N ASP A 36 -21.17 -9.63 -10.57
CA ASP A 36 -22.38 -9.57 -9.75
C ASP A 36 -22.37 -8.32 -8.87
N GLU A 37 -21.31 -8.16 -8.09
CA GLU A 37 -21.19 -7.01 -7.20
C GLU A 37 -21.17 -5.71 -7.99
N GLY A 38 -20.78 -5.79 -9.26
CA GLY A 38 -20.73 -4.61 -10.10
C GLY A 38 -19.82 -3.54 -9.55
N LYS A 39 -18.90 -3.93 -8.67
CA LYS A 39 -17.97 -3.01 -8.07
C LYS A 39 -16.63 -3.70 -7.85
N MET A 40 -15.77 -3.59 -8.85
CA MET A 40 -14.45 -4.18 -8.78
C MET A 40 -13.45 -3.35 -9.59
N TYR A 41 -12.88 -2.34 -8.94
CA TYR A 41 -11.90 -1.47 -9.58
C TYR A 41 -10.49 -1.95 -9.31
N GLY A 42 -9.51 -1.17 -9.78
CA GLY A 42 -8.11 -1.54 -9.58
C GLY A 42 -7.78 -1.82 -8.14
N ARG A 43 -6.94 -2.83 -7.90
CA ARG A 43 -6.54 -3.20 -6.55
C ARG A 43 -5.80 -2.05 -5.87
N ASN A 44 -5.19 -1.19 -6.67
CA ASN A 44 -4.43 -0.05 -6.14
C ASN A 44 -5.35 0.89 -5.37
N GLU A 45 -6.62 0.90 -5.73
CA GLU A 45 -7.60 1.75 -5.08
C GLU A 45 -7.94 1.23 -3.69
N LEU A 46 -7.74 -0.07 -3.50
CA LEU A 46 -8.03 -0.71 -2.22
C LEU A 46 -6.94 -0.40 -1.20
N ILE A 47 -5.71 -0.37 -1.67
CA ILE A 47 -4.58 -0.08 -0.80
C ILE A 47 -4.48 1.41 -0.53
N ALA A 48 -4.90 2.20 -1.51
CA ALA A 48 -4.87 3.64 -1.38
C ALA A 48 -6.07 4.12 -0.57
N ARG A 49 -7.13 3.32 -0.56
CA ARG A 49 -8.32 3.66 0.20
C ARG A 49 -8.07 3.43 1.67
N TYR A 50 -7.17 2.50 1.98
CA TYR A 50 -6.82 2.20 3.35
C TYR A 50 -6.04 3.34 3.96
N ILE A 51 -4.99 3.73 3.28
CA ILE A 51 -4.15 4.83 3.73
C ILE A 51 -4.93 6.13 3.72
N LYS A 52 -5.80 6.26 2.73
CA LYS A 52 -6.64 7.45 2.60
C LYS A 52 -7.72 7.48 3.67
N LEU A 53 -8.09 6.31 4.16
CA LEU A 53 -9.11 6.21 5.19
C LEU A 53 -8.51 6.38 6.58
N ARG A 54 -7.23 6.08 6.71
CA ARG A 54 -6.54 6.20 7.99
C ARG A 54 -6.23 7.65 8.31
N THR A 55 -5.48 8.29 7.44
CA THR A 55 -5.11 9.68 7.62
C THR A 55 -6.24 10.62 7.22
N GLY A 56 -7.13 10.13 6.36
CA GLY A 56 -8.26 10.92 5.91
C GLY A 56 -7.83 12.06 4.99
N LYS A 57 -6.57 12.06 4.57
CA LYS A 57 -6.05 13.08 3.69
C LYS A 57 -4.68 12.69 3.14
N THR A 58 -4.68 11.96 2.04
CA THR A 58 -3.44 11.52 1.40
C THR A 58 -3.61 11.41 -0.10
N ARG A 59 -2.49 11.20 -0.79
CA ARG A 59 -2.50 11.06 -2.24
C ARG A 59 -1.29 10.27 -2.69
N THR A 60 -1.26 9.00 -2.30
CA THR A 60 -0.16 8.11 -2.65
C THR A 60 -0.68 6.73 -3.01
N ARG A 61 -0.83 6.47 -4.31
CA ARG A 61 -1.32 5.19 -4.78
C ARG A 61 -0.21 4.40 -5.47
N LYS A 62 0.57 5.10 -6.28
CA LYS A 62 1.67 4.49 -7.00
C LYS A 62 2.78 4.08 -6.05
N GLN A 63 2.91 4.82 -4.97
CA GLN A 63 3.93 4.55 -3.96
C GLN A 63 3.54 3.32 -3.13
N VAL A 64 2.24 3.06 -3.04
CA VAL A 64 1.74 1.93 -2.29
C VAL A 64 1.88 0.64 -3.07
N SER A 65 2.04 0.75 -4.39
CA SER A 65 2.21 -0.42 -5.24
C SER A 65 3.67 -0.83 -5.28
N SER A 66 4.52 0.17 -5.19
CA SER A 66 5.96 -0.04 -5.21
C SER A 66 6.40 -0.66 -3.89
N HIS A 67 5.71 -0.30 -2.83
CA HIS A 67 6.03 -0.82 -1.50
C HIS A 67 5.70 -2.30 -1.40
N ILE A 68 4.65 -2.72 -2.08
CA ILE A 68 4.24 -4.11 -2.07
C ILE A 68 5.22 -4.97 -2.86
N GLN A 69 5.89 -4.35 -3.82
CA GLN A 69 6.86 -5.05 -4.65
C GLN A 69 8.13 -5.33 -3.86
N VAL A 70 8.40 -4.48 -2.88
CA VAL A 70 9.59 -4.63 -2.05
C VAL A 70 9.44 -5.83 -1.11
N LEU A 71 8.19 -6.14 -0.76
CA LEU A 71 7.92 -7.26 0.12
C LEU A 71 8.20 -8.59 -0.59
N ALA A 72 8.03 -8.59 -1.90
CA ALA A 72 8.27 -9.79 -2.70
C ALA A 72 9.75 -10.11 -2.75
N ARG A 73 10.58 -9.09 -2.64
CA ARG A 73 12.03 -9.26 -2.67
C ARG A 73 12.51 -9.94 -1.39
N ARG A 74 11.78 -9.74 -0.31
CA ARG A 74 12.12 -10.34 0.97
C ARG A 74 11.90 -11.84 0.94
N LYS A 75 10.94 -12.27 0.14
CA LYS A 75 10.62 -13.69 0.01
C LYS A 75 11.71 -14.43 -0.75
N SER A 76 12.43 -13.71 -1.59
CA SER A 76 13.51 -14.30 -2.38
C SER A 76 14.68 -14.72 -1.49
N ARG A 77 14.71 -14.20 -0.26
CA ARG A 77 15.77 -14.52 0.67
C ARG A 77 15.40 -15.71 1.54
N ASP A 78 14.52 -16.57 1.04
CA ASP A 78 14.08 -17.75 1.77
C ASP A 78 15.25 -18.69 2.05
N LEU A 79 16.33 -18.55 1.27
CA LEU A 79 17.50 -19.38 1.44
C LEU A 79 18.14 -19.16 2.82
N VAL A 80 17.61 -19.85 3.82
CA VAL A 80 18.12 -19.74 5.18
C VAL A 80 19.60 -20.11 5.24
N PRO A 81 20.42 -19.33 5.97
CA PRO A 81 21.85 -19.59 6.11
C PRO A 81 22.14 -20.88 6.87
N ARG A 82 23.03 -21.70 6.32
CA ARG A 82 23.39 -22.96 6.96
C ARG A 82 23.98 -22.73 8.35
N MET A 1 10.00 34.49 1.89
CA MET A 1 10.41 33.74 3.11
C MET A 1 9.42 32.63 3.43
N ASP A 2 8.92 31.96 2.40
CA ASP A 2 7.97 30.88 2.58
C ASP A 2 8.55 29.76 3.44
N ASN A 3 8.42 29.89 4.75
CA ASN A 3 8.94 28.89 5.67
C ASN A 3 8.29 27.53 5.44
N ASP A 4 7.14 27.53 4.78
CA ASP A 4 6.42 26.31 4.50
C ASP A 4 7.24 25.36 3.61
N ALA A 5 8.24 25.92 2.94
CA ALA A 5 9.11 25.14 2.07
C ALA A 5 10.36 24.67 2.80
N GLU A 6 10.28 24.58 4.13
CA GLU A 6 11.41 24.14 4.94
C GLU A 6 11.30 22.67 5.29
N GLY A 7 10.51 21.97 4.51
CA GLY A 7 10.31 20.55 4.73
C GLY A 7 8.85 20.14 4.58
N VAL A 8 8.27 20.46 3.43
CA VAL A 8 6.88 20.13 3.17
C VAL A 8 6.65 18.63 3.20
N TRP A 9 7.72 17.86 3.07
CA TRP A 9 7.64 16.41 3.09
C TRP A 9 7.05 15.92 4.41
N SER A 10 6.23 14.87 4.34
CA SER A 10 5.61 14.30 5.51
C SER A 10 5.68 12.78 5.49
N PRO A 11 6.74 12.18 6.07
CA PRO A 11 6.90 10.73 6.11
C PRO A 11 5.86 10.04 6.99
N ASP A 12 5.15 10.83 7.79
CA ASP A 12 4.11 10.30 8.67
C ASP A 12 3.04 9.55 7.87
N ILE A 13 2.91 9.90 6.60
CA ILE A 13 1.93 9.27 5.74
C ILE A 13 2.35 7.85 5.41
N GLU A 14 3.62 7.70 5.10
CA GLU A 14 4.18 6.39 4.77
C GLU A 14 4.02 5.46 5.97
N GLN A 15 3.89 6.04 7.15
CA GLN A 15 3.73 5.28 8.37
C GLN A 15 2.35 4.66 8.43
N SER A 16 1.35 5.51 8.32
CA SER A 16 -0.04 5.07 8.34
C SER A 16 -0.32 4.21 7.12
N PHE A 17 0.48 4.40 6.08
CA PHE A 17 0.34 3.64 4.86
C PHE A 17 0.82 2.22 5.05
N GLN A 18 1.78 2.04 5.95
CA GLN A 18 2.31 0.73 6.23
C GLN A 18 1.24 -0.14 6.84
N GLU A 19 0.42 0.46 7.68
CA GLU A 19 -0.67 -0.27 8.33
C GLU A 19 -1.54 -0.95 7.28
N ALA A 20 -1.84 -0.22 6.24
CA ALA A 20 -2.64 -0.74 5.14
C ALA A 20 -1.84 -1.75 4.35
N LEU A 21 -0.53 -1.59 4.35
CA LEU A 21 0.37 -2.49 3.65
C LEU A 21 0.51 -3.81 4.40
N SER A 22 0.59 -3.71 5.72
CA SER A 22 0.72 -4.88 6.58
C SER A 22 -0.62 -5.59 6.67
N ILE A 23 -1.69 -4.82 6.58
CA ILE A 23 -3.04 -5.37 6.65
C ILE A 23 -3.48 -5.91 5.30
N TYR A 24 -2.79 -5.51 4.24
CA TYR A 24 -3.11 -5.96 2.89
C TYR A 24 -1.97 -6.76 2.27
N PRO A 25 -1.86 -8.05 2.61
CA PRO A 25 -0.82 -8.92 2.09
C PRO A 25 -1.24 -9.63 0.81
N PRO A 26 -0.57 -9.35 -0.32
CA PRO A 26 -0.88 -9.97 -1.61
C PRO A 26 -0.56 -11.46 -1.63
N CYS A 27 0.33 -11.88 -0.74
CA CYS A 27 0.74 -13.26 -0.65
C CYS A 27 -0.32 -14.10 0.05
N GLY A 28 -0.21 -15.42 -0.07
CA GLY A 28 -1.16 -16.31 0.55
C GLY A 28 -2.30 -16.71 -0.37
N ARG A 29 -2.80 -15.73 -1.12
CA ARG A 29 -3.90 -15.98 -2.06
C ARG A 29 -3.95 -14.90 -3.13
N ARG A 30 -4.26 -15.30 -4.35
CA ARG A 30 -4.35 -14.36 -5.46
C ARG A 30 -5.51 -14.74 -6.39
N LYS A 31 -6.70 -14.25 -6.06
CA LYS A 31 -7.89 -14.51 -6.87
C LYS A 31 -8.88 -13.36 -6.78
N ILE A 32 -8.81 -12.46 -7.75
CA ILE A 32 -9.70 -11.31 -7.80
C ILE A 32 -9.66 -10.63 -9.16
N ILE A 33 -10.78 -10.71 -9.88
CA ILE A 33 -10.88 -10.11 -11.20
C ILE A 33 -12.32 -10.10 -11.70
N LEU A 34 -12.70 -9.02 -12.37
CA LEU A 34 -14.05 -8.88 -12.90
C LEU A 34 -14.35 -9.94 -13.94
N SER A 35 -13.30 -10.50 -14.53
CA SER A 35 -13.44 -11.54 -15.55
C SER A 35 -14.20 -12.75 -15.01
N ASP A 36 -14.17 -12.91 -13.70
CA ASP A 36 -14.84 -14.03 -13.05
C ASP A 36 -15.80 -13.53 -11.98
N GLU A 37 -15.25 -13.09 -10.85
CA GLU A 37 -16.06 -12.60 -9.74
C GLU A 37 -16.89 -11.38 -10.17
N GLY A 38 -16.44 -10.71 -11.23
CA GLY A 38 -17.15 -9.54 -11.72
C GLY A 38 -17.19 -8.41 -10.70
N LYS A 39 -16.34 -8.50 -9.68
CA LYS A 39 -16.26 -7.48 -8.67
C LYS A 39 -14.83 -7.33 -8.18
N MET A 40 -14.10 -6.43 -8.82
CA MET A 40 -12.72 -6.17 -8.47
C MET A 40 -12.35 -4.72 -8.75
N TYR A 41 -12.63 -3.86 -7.79
CA TYR A 41 -12.33 -2.44 -7.92
C TYR A 41 -10.84 -2.18 -7.79
N GLY A 42 -10.44 -0.92 -7.96
CA GLY A 42 -9.04 -0.56 -7.86
C GLY A 42 -8.46 -0.88 -6.51
N ARG A 43 -7.53 -1.83 -6.48
CA ARG A 43 -6.89 -2.23 -5.24
C ARG A 43 -6.20 -1.05 -4.55
N ASN A 44 -5.80 -0.08 -5.35
CA ASN A 44 -5.13 1.11 -4.83
C ASN A 44 -6.11 1.98 -4.05
N GLU A 45 -7.39 1.89 -4.40
CA GLU A 45 -8.43 2.65 -3.73
C GLU A 45 -8.69 2.11 -2.33
N LEU A 46 -8.40 0.84 -2.14
CA LEU A 46 -8.61 0.19 -0.85
C LEU A 46 -7.57 0.63 0.16
N ILE A 47 -6.35 0.83 -0.33
CA ILE A 47 -5.25 1.26 0.53
C ILE A 47 -5.37 2.74 0.84
N ALA A 48 -5.83 3.49 -0.14
CA ALA A 48 -6.01 4.92 0.02
C ALA A 48 -7.25 5.21 0.85
N ARG A 49 -8.20 4.30 0.79
CA ARG A 49 -9.43 4.43 1.56
C ARG A 49 -9.13 4.26 3.04
N TYR A 50 -8.10 3.50 3.34
CA TYR A 50 -7.69 3.25 4.71
C TYR A 50 -7.13 4.53 5.34
N ILE A 51 -6.13 5.08 4.69
CA ILE A 51 -5.50 6.30 5.18
C ILE A 51 -6.46 7.47 5.10
N LYS A 52 -7.47 7.36 4.23
CA LYS A 52 -8.46 8.41 4.06
C LYS A 52 -9.56 8.27 5.10
N LEU A 53 -9.72 7.07 5.65
CA LEU A 53 -10.73 6.81 6.65
C LEU A 53 -10.22 7.11 8.07
N ARG A 54 -8.91 7.10 8.24
CA ARG A 54 -8.31 7.35 9.53
C ARG A 54 -7.61 8.71 9.58
N THR A 55 -6.64 8.88 8.70
CA THR A 55 -5.87 10.11 8.64
C THR A 55 -6.55 11.15 7.76
N GLY A 56 -7.29 10.66 6.77
CA GLY A 56 -7.97 11.57 5.85
C GLY A 56 -7.01 12.46 5.09
N LYS A 57 -5.74 12.08 5.08
CA LYS A 57 -4.72 12.83 4.39
C LYS A 57 -4.40 12.22 3.03
N THR A 58 -3.35 12.71 2.38
CA THR A 58 -2.95 12.20 1.06
C THR A 58 -2.91 10.68 1.07
N ARG A 59 -2.85 10.09 -0.12
CA ARG A 59 -2.80 8.64 -0.24
C ARG A 59 -2.16 8.25 -1.57
N THR A 60 -0.87 8.53 -1.69
CA THR A 60 -0.12 8.21 -2.90
C THR A 60 -0.41 6.78 -3.35
N ARG A 61 -0.24 6.50 -4.64
CA ARG A 61 -0.51 5.19 -5.18
C ARG A 61 0.79 4.49 -5.59
N LYS A 62 1.74 5.28 -6.03
CA LYS A 62 3.03 4.76 -6.47
C LYS A 62 3.89 4.34 -5.29
N GLN A 63 3.71 5.02 -4.17
CA GLN A 63 4.45 4.71 -2.96
C GLN A 63 3.87 3.51 -2.25
N VAL A 64 2.56 3.34 -2.39
CA VAL A 64 1.87 2.22 -1.76
C VAL A 64 2.01 0.96 -2.60
N SER A 65 2.35 1.12 -3.87
CA SER A 65 2.53 -0.01 -4.76
C SER A 65 3.95 -0.54 -4.65
N SER A 66 4.87 0.37 -4.37
CA SER A 66 6.27 0.04 -4.21
C SER A 66 6.49 -0.69 -2.89
N HIS A 67 5.70 -0.30 -1.90
CA HIS A 67 5.80 -0.89 -0.57
C HIS A 67 5.30 -2.33 -0.58
N ILE A 68 4.32 -2.61 -1.43
CA ILE A 68 3.76 -3.95 -1.53
C ILE A 68 4.73 -4.88 -2.24
N GLN A 69 5.48 -4.33 -3.17
CA GLN A 69 6.47 -5.11 -3.92
C GLN A 69 7.65 -5.46 -3.03
N VAL A 70 7.88 -4.64 -2.02
CA VAL A 70 8.97 -4.85 -1.09
C VAL A 70 8.68 -6.04 -0.17
N LEU A 71 7.40 -6.27 0.07
CA LEU A 71 6.98 -7.37 0.92
C LEU A 71 7.22 -8.71 0.24
N ALA A 72 7.17 -8.70 -1.08
CA ALA A 72 7.39 -9.92 -1.87
C ALA A 72 8.85 -10.33 -1.82
N ARG A 73 9.73 -9.35 -1.67
CA ARG A 73 11.16 -9.62 -1.61
C ARG A 73 11.53 -10.28 -0.29
N ARG A 74 10.74 -9.99 0.74
CA ARG A 74 10.97 -10.56 2.06
C ARG A 74 10.62 -12.04 2.09
N LYS A 75 9.69 -12.43 1.23
CA LYS A 75 9.26 -13.81 1.14
C LYS A 75 10.33 -14.69 0.50
N SER A 76 11.13 -14.08 -0.37
CA SER A 76 12.19 -14.78 -1.06
C SER A 76 13.37 -15.05 -0.13
N ARG A 77 13.43 -14.32 0.98
CA ARG A 77 14.50 -14.50 1.95
C ARG A 77 14.47 -15.90 2.55
N ASP A 78 13.36 -16.60 2.38
CA ASP A 78 13.21 -17.94 2.91
C ASP A 78 12.68 -18.89 1.85
N LEU A 79 13.02 -18.63 0.60
CA LEU A 79 12.58 -19.46 -0.51
C LEU A 79 13.23 -20.84 -0.46
N VAL A 80 12.84 -21.64 0.52
CA VAL A 80 13.40 -22.98 0.68
C VAL A 80 13.03 -23.87 -0.50
N PRO A 81 14.01 -24.23 -1.34
CA PRO A 81 13.77 -25.09 -2.51
C PRO A 81 13.42 -26.52 -2.12
N ARG A 82 12.28 -26.68 -1.43
CA ARG A 82 11.83 -27.99 -1.00
C ARG A 82 12.85 -28.65 -0.09
N MET A 1 12.06 30.63 2.43
CA MET A 1 13.29 30.17 1.74
C MET A 1 13.00 28.93 0.89
N ASP A 2 12.21 28.02 1.43
CA ASP A 2 11.86 26.79 0.74
C ASP A 2 10.47 26.31 1.15
N ASN A 3 9.74 25.75 0.18
CA ASN A 3 8.40 25.25 0.45
C ASN A 3 8.41 24.16 1.51
N ASP A 4 9.57 23.54 1.71
CA ASP A 4 9.72 22.48 2.70
C ASP A 4 9.43 23.00 4.10
N ALA A 5 9.52 24.32 4.28
CA ALA A 5 9.27 24.94 5.57
C ALA A 5 7.83 25.40 5.70
N GLU A 6 6.93 24.78 4.94
CA GLU A 6 5.53 25.15 4.96
C GLU A 6 4.73 24.20 5.85
N GLY A 7 5.45 23.53 6.72
CA GLY A 7 4.82 22.59 7.64
C GLY A 7 4.45 21.28 6.96
N VAL A 8 5.18 20.94 5.91
CA VAL A 8 4.93 19.72 5.17
C VAL A 8 5.14 18.48 6.06
N TRP A 9 5.85 18.65 7.17
CA TRP A 9 6.09 17.56 8.09
C TRP A 9 4.79 16.95 8.60
N SER A 10 4.42 15.81 8.04
CA SER A 10 3.20 15.13 8.43
C SER A 10 3.42 13.63 8.60
N PRO A 11 3.79 13.18 9.81
CA PRO A 11 4.05 11.76 10.08
C PRO A 11 2.77 10.91 10.01
N ASP A 12 1.63 11.57 10.02
CA ASP A 12 0.34 10.88 9.96
C ASP A 12 0.17 10.16 8.62
N ILE A 13 0.87 10.64 7.60
CA ILE A 13 0.80 10.05 6.28
C ILE A 13 1.58 8.75 6.24
N GLU A 14 2.81 8.81 6.71
CA GLU A 14 3.67 7.64 6.76
C GLU A 14 3.10 6.62 7.73
N GLN A 15 2.32 7.10 8.69
CA GLN A 15 1.71 6.25 9.69
C GLN A 15 0.55 5.48 9.07
N SER A 16 -0.25 6.19 8.30
CA SER A 16 -1.39 5.58 7.63
C SER A 16 -0.91 4.51 6.65
N PHE A 17 0.33 4.65 6.21
CA PHE A 17 0.93 3.71 5.28
C PHE A 17 1.07 2.35 5.93
N GLN A 18 1.57 2.33 7.15
CA GLN A 18 1.74 1.09 7.88
C GLN A 18 0.39 0.47 8.20
N GLU A 19 -0.60 1.31 8.37
CA GLU A 19 -1.94 0.85 8.70
C GLU A 19 -2.56 0.15 7.50
N ALA A 20 -2.25 0.64 6.32
CA ALA A 20 -2.76 0.04 5.10
C ALA A 20 -1.87 -1.12 4.67
N LEU A 21 -0.61 -1.06 5.08
CA LEU A 21 0.34 -2.09 4.76
C LEU A 21 0.25 -3.23 5.78
N SER A 22 -0.10 -2.87 7.01
CA SER A 22 -0.24 -3.85 8.06
C SER A 22 -1.55 -4.61 7.89
N ILE A 23 -2.54 -3.91 7.36
CA ILE A 23 -3.85 -4.52 7.12
C ILE A 23 -3.81 -5.44 5.91
N TYR A 24 -3.10 -4.99 4.89
CA TYR A 24 -2.97 -5.74 3.65
C TYR A 24 -1.57 -6.30 3.50
N PRO A 25 -1.26 -7.39 4.23
CA PRO A 25 0.05 -8.05 4.19
C PRO A 25 0.54 -8.28 2.76
N PRO A 26 1.77 -8.81 2.60
CA PRO A 26 2.34 -9.08 1.27
C PRO A 26 1.38 -9.81 0.34
N CYS A 27 0.41 -10.49 0.92
CA CYS A 27 -0.58 -11.23 0.13
C CYS A 27 -1.33 -10.28 -0.79
N GLY A 28 -1.69 -10.77 -1.97
CA GLY A 28 -2.42 -9.95 -2.92
C GLY A 28 -1.97 -10.20 -4.35
N ARG A 29 -2.08 -11.44 -4.80
CA ARG A 29 -1.68 -11.81 -6.16
C ARG A 29 -2.44 -10.99 -7.19
N ARG A 30 -2.37 -11.41 -8.46
CA ARG A 30 -3.04 -10.71 -9.55
C ARG A 30 -4.47 -10.32 -9.17
N LYS A 31 -4.96 -9.23 -9.76
CA LYS A 31 -6.30 -8.75 -9.48
C LYS A 31 -7.34 -9.82 -9.76
N ILE A 32 -8.19 -10.08 -8.78
CA ILE A 32 -9.23 -11.08 -8.91
C ILE A 32 -10.31 -10.62 -9.88
N ILE A 33 -11.11 -11.58 -10.37
CA ILE A 33 -12.18 -11.28 -11.31
C ILE A 33 -13.36 -10.60 -10.62
N LEU A 34 -13.95 -9.62 -11.30
CA LEU A 34 -15.08 -8.89 -10.77
C LEU A 34 -16.38 -9.32 -11.46
N SER A 35 -16.41 -10.55 -11.96
CA SER A 35 -17.58 -11.06 -12.66
C SER A 35 -18.49 -11.84 -11.71
N ASP A 36 -17.91 -12.34 -10.62
CA ASP A 36 -18.67 -13.10 -9.65
C ASP A 36 -19.51 -12.18 -8.76
N GLU A 37 -18.82 -11.41 -7.92
CA GLU A 37 -19.50 -10.48 -7.02
C GLU A 37 -19.92 -9.21 -7.74
N GLY A 38 -19.29 -8.94 -8.88
CA GLY A 38 -19.63 -7.75 -9.65
C GLY A 38 -19.03 -6.49 -9.05
N LYS A 39 -18.28 -6.63 -7.96
CA LYS A 39 -17.65 -5.49 -7.32
C LYS A 39 -16.31 -5.91 -6.73
N MET A 40 -15.27 -5.77 -7.52
CA MET A 40 -13.92 -6.11 -7.10
C MET A 40 -12.90 -5.21 -7.79
N TYR A 41 -12.66 -4.05 -7.21
CA TYR A 41 -11.70 -3.10 -7.76
C TYR A 41 -10.27 -3.61 -7.63
N GLY A 42 -9.33 -2.87 -8.22
CA GLY A 42 -7.94 -3.26 -8.16
C GLY A 42 -7.42 -3.36 -6.75
N ARG A 43 -6.46 -4.26 -6.53
CA ARG A 43 -5.88 -4.44 -5.21
C ARG A 43 -5.09 -3.22 -4.77
N ASN A 44 -4.57 -2.48 -5.74
CA ASN A 44 -3.80 -1.28 -5.46
C ASN A 44 -4.69 -0.15 -4.97
N GLU A 45 -5.94 -0.17 -5.41
CA GLU A 45 -6.90 0.84 -5.01
C GLU A 45 -7.39 0.58 -3.59
N LEU A 46 -7.25 -0.65 -3.14
CA LEU A 46 -7.67 -1.04 -1.80
C LEU A 46 -6.67 -0.58 -0.75
N ILE A 47 -5.40 -0.64 -1.09
CA ILE A 47 -4.35 -0.23 -0.18
C ILE A 47 -4.23 1.28 -0.14
N ALA A 48 -4.50 1.90 -1.28
CA ALA A 48 -4.46 3.35 -1.38
C ALA A 48 -5.73 3.97 -0.82
N ARG A 49 -6.80 3.21 -0.83
CA ARG A 49 -8.07 3.68 -0.30
C ARG A 49 -8.03 3.66 1.22
N TYR A 50 -7.21 2.76 1.76
CA TYR A 50 -7.05 2.65 3.20
C TYR A 50 -6.31 3.85 3.75
N ILE A 51 -5.17 4.13 3.17
CA ILE A 51 -4.36 5.25 3.58
C ILE A 51 -5.09 6.56 3.33
N LYS A 52 -5.85 6.58 2.25
CA LYS A 52 -6.62 7.76 1.88
C LYS A 52 -7.79 7.97 2.84
N LEU A 53 -8.25 6.89 3.45
CA LEU A 53 -9.36 6.96 4.39
C LEU A 53 -8.87 7.30 5.79
N ARG A 54 -7.61 7.01 6.07
CA ARG A 54 -7.03 7.28 7.37
C ARG A 54 -6.75 8.77 7.55
N THR A 55 -5.93 9.30 6.67
CA THR A 55 -5.57 10.71 6.72
C THR A 55 -6.67 11.59 6.14
N GLY A 56 -7.51 10.99 5.29
CA GLY A 56 -8.60 11.72 4.68
C GLY A 56 -8.13 12.69 3.60
N LYS A 57 -6.83 12.67 3.30
CA LYS A 57 -6.27 13.54 2.28
C LYS A 57 -4.85 13.12 1.93
N THR A 58 -4.72 12.19 0.98
CA THR A 58 -3.43 11.70 0.55
C THR A 58 -3.45 11.31 -0.93
N ARG A 59 -2.28 11.03 -1.47
CA ARG A 59 -2.15 10.62 -2.85
C ARG A 59 -0.88 9.80 -3.04
N THR A 60 -0.87 8.63 -2.43
CA THR A 60 0.27 7.73 -2.52
C THR A 60 -0.20 6.28 -2.66
N ARG A 61 -0.42 5.86 -3.90
CA ARG A 61 -0.88 4.50 -4.17
C ARG A 61 0.24 3.66 -4.76
N LYS A 62 1.09 4.30 -5.54
CA LYS A 62 2.21 3.62 -6.17
C LYS A 62 3.28 3.25 -5.15
N GLN A 63 3.38 4.06 -4.09
CA GLN A 63 4.35 3.84 -3.04
C GLN A 63 3.92 2.69 -2.13
N VAL A 64 2.61 2.49 -2.04
CA VAL A 64 2.06 1.45 -1.20
C VAL A 64 2.11 0.09 -1.91
N SER A 65 2.18 0.13 -3.23
CA SER A 65 2.26 -1.10 -4.01
C SER A 65 3.69 -1.57 -4.10
N SER A 66 4.60 -0.60 -4.09
CA SER A 66 6.02 -0.87 -4.16
C SER A 66 6.51 -1.49 -2.85
N HIS A 67 5.90 -1.05 -1.76
CA HIS A 67 6.27 -1.54 -0.44
C HIS A 67 5.84 -2.99 -0.25
N ILE A 68 4.71 -3.35 -0.84
CA ILE A 68 4.21 -4.71 -0.75
C ILE A 68 5.04 -5.67 -1.60
N GLN A 69 5.64 -5.12 -2.65
CA GLN A 69 6.46 -5.91 -3.55
C GLN A 69 7.81 -6.23 -2.90
N VAL A 70 8.25 -5.35 -2.01
CA VAL A 70 9.51 -5.53 -1.32
C VAL A 70 9.40 -6.62 -0.25
N LEU A 71 8.21 -6.74 0.32
CA LEU A 71 7.95 -7.74 1.34
C LEU A 71 7.92 -9.13 0.73
N ALA A 72 7.53 -9.21 -0.53
CA ALA A 72 7.46 -10.47 -1.24
C ALA A 72 8.85 -11.01 -1.53
N ARG A 73 9.81 -10.10 -1.65
CA ARG A 73 11.19 -10.48 -1.92
C ARG A 73 11.82 -11.13 -0.71
N ARG A 74 11.34 -10.76 0.47
CA ARG A 74 11.86 -11.31 1.72
C ARG A 74 11.41 -12.75 1.90
N LYS A 75 10.26 -13.09 1.33
CA LYS A 75 9.71 -14.43 1.42
C LYS A 75 10.45 -15.39 0.50
N SER A 76 11.09 -14.84 -0.53
CA SER A 76 11.83 -15.65 -1.49
C SER A 76 13.00 -16.36 -0.83
N ARG A 77 13.39 -15.89 0.35
CA ARG A 77 14.50 -16.50 1.08
C ARG A 77 14.23 -17.98 1.38
N ASP A 78 12.96 -18.37 1.30
CA ASP A 78 12.58 -19.75 1.55
C ASP A 78 13.09 -20.68 0.45
N LEU A 79 13.34 -20.11 -0.73
CA LEU A 79 13.84 -20.88 -1.86
C LEU A 79 15.21 -21.45 -1.57
N VAL A 80 15.25 -22.57 -0.84
CA VAL A 80 16.50 -23.22 -0.50
C VAL A 80 17.21 -23.77 -1.74
N PRO A 81 18.34 -23.17 -2.13
CA PRO A 81 19.09 -23.61 -3.32
C PRO A 81 19.74 -24.99 -3.12
N ARG A 82 19.79 -25.44 -1.86
CA ARG A 82 20.38 -26.73 -1.55
C ARG A 82 19.64 -27.87 -2.26
N MET A 1 14.48 20.22 -2.42
CA MET A 1 13.90 19.81 -1.11
C MET A 1 12.44 20.20 -1.00
N ASP A 2 11.55 19.22 -1.09
CA ASP A 2 10.12 19.46 -1.01
C ASP A 2 9.76 20.06 0.35
N ASN A 3 8.56 20.62 0.43
CA ASN A 3 8.07 21.22 1.66
C ASN A 3 7.98 20.19 2.79
N ASP A 4 7.90 18.92 2.41
CA ASP A 4 7.81 17.84 3.38
C ASP A 4 9.06 17.77 4.26
N ALA A 5 10.14 18.41 3.81
CA ALA A 5 11.39 18.41 4.55
C ALA A 5 11.22 19.06 5.93
N GLU A 6 10.14 19.80 6.12
CA GLU A 6 9.87 20.47 7.38
C GLU A 6 9.01 19.62 8.30
N GLY A 7 8.99 18.33 8.01
CA GLY A 7 8.22 17.40 8.81
C GLY A 7 6.73 17.65 8.71
N VAL A 8 6.29 18.15 7.57
CA VAL A 8 4.87 18.45 7.36
C VAL A 8 4.07 17.16 7.16
N TRP A 9 4.74 16.11 6.73
CA TRP A 9 4.11 14.83 6.50
C TRP A 9 3.43 14.31 7.77
N SER A 10 2.11 14.20 7.73
CA SER A 10 1.35 13.71 8.87
C SER A 10 1.67 12.25 9.15
N PRO A 11 1.74 11.86 10.44
CA PRO A 11 2.03 10.48 10.83
C PRO A 11 0.90 9.52 10.52
N ASP A 12 -0.30 10.06 10.36
CA ASP A 12 -1.48 9.26 10.07
C ASP A 12 -1.43 8.73 8.64
N ILE A 13 -0.68 9.41 7.78
CA ILE A 13 -0.55 9.00 6.39
C ILE A 13 0.43 7.86 6.27
N GLU A 14 1.55 7.98 6.96
CA GLU A 14 2.57 6.95 6.95
C GLU A 14 2.07 5.73 7.71
N GLN A 15 1.15 5.96 8.62
CA GLN A 15 0.58 4.88 9.41
C GLN A 15 -0.41 4.08 8.59
N SER A 16 -1.20 4.81 7.81
CA SER A 16 -2.18 4.18 6.94
C SER A 16 -1.48 3.33 5.89
N PHE A 17 -0.22 3.65 5.63
CA PHE A 17 0.59 2.91 4.67
C PHE A 17 0.80 1.48 5.14
N GLN A 18 1.16 1.35 6.41
CA GLN A 18 1.38 0.03 6.99
C GLN A 18 0.08 -0.74 7.05
N GLU A 19 -1.02 -0.01 7.19
CA GLU A 19 -2.34 -0.63 7.27
C GLU A 19 -2.70 -1.26 5.94
N ALA A 20 -2.33 -0.59 4.86
CA ALA A 20 -2.61 -1.10 3.53
C ALA A 20 -1.62 -2.19 3.15
N LEU A 21 -0.41 -2.08 3.68
CA LEU A 21 0.62 -3.06 3.42
C LEU A 21 0.44 -4.28 4.33
N SER A 22 -0.10 -4.04 5.51
CA SER A 22 -0.35 -5.11 6.47
C SER A 22 -1.60 -5.87 6.08
N ILE A 23 -2.56 -5.14 5.51
CA ILE A 23 -3.82 -5.72 5.08
C ILE A 23 -3.66 -6.37 3.71
N TYR A 24 -2.86 -5.73 2.87
CA TYR A 24 -2.60 -6.21 1.53
C TYR A 24 -1.14 -6.59 1.35
N PRO A 25 -0.77 -7.83 1.74
CA PRO A 25 0.59 -8.32 1.62
C PRO A 25 0.88 -8.90 0.24
N PRO A 26 2.13 -9.32 -0.02
CA PRO A 26 2.52 -9.89 -1.31
C PRO A 26 1.84 -11.22 -1.60
N CYS A 27 1.23 -11.80 -0.57
CA CYS A 27 0.53 -13.07 -0.71
C CYS A 27 -0.68 -13.14 0.22
N GLY A 28 -1.87 -13.15 -0.38
CA GLY A 28 -3.09 -13.22 0.40
C GLY A 28 -3.92 -11.95 0.30
N ARG A 29 -3.78 -11.24 -0.82
CA ARG A 29 -4.52 -10.01 -1.04
C ARG A 29 -6.03 -10.28 -1.09
N ARG A 30 -6.73 -9.88 -0.03
CA ARG A 30 -8.17 -10.08 0.05
C ARG A 30 -8.88 -9.32 -1.07
N LYS A 31 -10.13 -9.70 -1.33
CA LYS A 31 -10.92 -9.06 -2.37
C LYS A 31 -12.41 -9.11 -2.03
N ILE A 32 -13.18 -8.25 -2.69
CA ILE A 32 -14.62 -8.21 -2.47
C ILE A 32 -15.38 -8.75 -3.66
N ILE A 33 -16.40 -9.56 -3.39
CA ILE A 33 -17.20 -10.15 -4.45
C ILE A 33 -18.16 -9.12 -5.07
N LEU A 34 -17.88 -8.76 -6.32
CA LEU A 34 -18.72 -7.79 -7.02
C LEU A 34 -19.22 -8.36 -8.34
N SER A 35 -19.47 -9.68 -8.36
CA SER A 35 -19.97 -10.35 -9.56
C SER A 35 -21.15 -9.60 -10.16
N ASP A 36 -21.88 -8.89 -9.32
CA ASP A 36 -23.04 -8.13 -9.76
C ASP A 36 -22.61 -6.96 -10.64
N GLU A 37 -21.70 -6.14 -10.11
CA GLU A 37 -21.20 -4.98 -10.83
C GLU A 37 -20.30 -5.40 -12.00
N GLY A 38 -19.67 -6.55 -11.85
CA GLY A 38 -18.79 -7.05 -12.90
C GLY A 38 -17.62 -6.13 -13.16
N LYS A 39 -17.24 -5.37 -12.15
CA LYS A 39 -16.12 -4.46 -12.26
C LYS A 39 -15.38 -4.37 -10.93
N MET A 40 -14.39 -5.22 -10.77
CA MET A 40 -13.59 -5.26 -9.57
C MET A 40 -12.16 -5.69 -9.87
N TYR A 41 -11.33 -4.71 -10.23
CA TYR A 41 -9.94 -4.98 -10.56
C TYR A 41 -9.08 -3.73 -10.35
N GLY A 42 -8.67 -3.51 -9.11
CA GLY A 42 -7.85 -2.36 -8.79
C GLY A 42 -6.97 -2.59 -7.58
N ARG A 43 -5.69 -2.87 -7.82
CA ARG A 43 -4.75 -3.10 -6.75
C ARG A 43 -4.31 -1.80 -6.10
N ASN A 44 -3.53 -1.02 -6.84
CA ASN A 44 -3.04 0.26 -6.35
C ASN A 44 -4.19 1.14 -5.90
N GLU A 45 -5.36 0.92 -6.47
CA GLU A 45 -6.54 1.68 -6.12
C GLU A 45 -7.11 1.22 -4.79
N LEU A 46 -6.85 -0.03 -4.46
CA LEU A 46 -7.34 -0.61 -3.21
C LEU A 46 -6.50 -0.12 -2.04
N ILE A 47 -5.20 -0.03 -2.26
CA ILE A 47 -4.29 0.43 -1.23
C ILE A 47 -4.38 1.93 -1.09
N ALA A 48 -4.61 2.60 -2.20
CA ALA A 48 -4.73 4.04 -2.21
C ALA A 48 -6.08 4.47 -1.64
N ARG A 49 -7.06 3.57 -1.75
CA ARG A 49 -8.39 3.85 -1.23
C ARG A 49 -8.37 3.83 0.29
N TYR A 50 -7.47 3.02 0.84
CA TYR A 50 -7.32 2.93 2.29
C TYR A 50 -6.75 4.21 2.86
N ILE A 51 -5.62 4.61 2.31
CA ILE A 51 -4.96 5.83 2.74
C ILE A 51 -5.83 7.03 2.43
N LYS A 52 -6.59 6.93 1.35
CA LYS A 52 -7.47 8.01 0.92
C LYS A 52 -8.66 8.13 1.86
N LEU A 53 -9.01 7.01 2.50
CA LEU A 53 -10.14 6.99 3.42
C LEU A 53 -9.69 7.31 4.85
N ARG A 54 -8.41 7.07 5.12
CA ARG A 54 -7.86 7.34 6.45
C ARG A 54 -8.03 8.79 6.85
N THR A 55 -7.46 9.68 6.06
CA THR A 55 -7.54 11.10 6.33
C THR A 55 -8.48 11.80 5.35
N GLY A 56 -9.07 11.04 4.43
CA GLY A 56 -9.99 11.63 3.47
C GLY A 56 -9.31 12.62 2.54
N LYS A 57 -7.99 12.61 2.51
CA LYS A 57 -7.24 13.51 1.65
C LYS A 57 -5.78 13.05 1.51
N THR A 58 -5.52 12.22 0.52
CA THR A 58 -4.19 11.70 0.26
C THR A 58 -3.95 11.47 -1.22
N ARG A 59 -2.69 11.28 -1.59
CA ARG A 59 -2.33 11.02 -2.97
C ARG A 59 -1.00 10.26 -3.02
N THR A 60 -1.02 9.04 -2.53
CA THR A 60 0.16 8.20 -2.50
C THR A 60 -0.18 6.76 -2.88
N ARG A 61 -0.23 6.48 -4.17
CA ARG A 61 -0.55 5.14 -4.65
C ARG A 61 0.69 4.43 -5.17
N LYS A 62 1.60 5.21 -5.74
CA LYS A 62 2.83 4.67 -6.28
C LYS A 62 3.78 4.28 -5.15
N GLN A 63 3.69 4.98 -4.04
CA GLN A 63 4.54 4.71 -2.90
C GLN A 63 4.06 3.47 -2.15
N VAL A 64 2.77 3.19 -2.24
CA VAL A 64 2.20 2.03 -1.58
C VAL A 64 2.41 0.76 -2.39
N SER A 65 2.69 0.92 -3.68
CA SER A 65 2.94 -0.21 -4.54
C SER A 65 4.40 -0.58 -4.50
N SER A 66 5.24 0.42 -4.25
CA SER A 66 6.67 0.23 -4.15
C SER A 66 7.01 -0.46 -2.85
N HIS A 67 6.23 -0.18 -1.82
CA HIS A 67 6.44 -0.77 -0.51
C HIS A 67 6.14 -2.27 -0.53
N ILE A 68 5.18 -2.65 -1.35
CA ILE A 68 4.79 -4.05 -1.48
C ILE A 68 5.86 -4.85 -2.21
N GLN A 69 6.60 -4.17 -3.07
CA GLN A 69 7.66 -4.80 -3.83
C GLN A 69 8.86 -5.12 -2.94
N VAL A 70 9.02 -4.31 -1.89
CA VAL A 70 10.10 -4.50 -0.95
C VAL A 70 9.90 -5.75 -0.11
N LEU A 71 8.64 -6.10 0.10
CA LEU A 71 8.29 -7.29 0.88
C LEU A 71 8.66 -8.56 0.13
N ALA A 72 8.63 -8.48 -1.20
CA ALA A 72 8.96 -9.61 -2.04
C ALA A 72 10.45 -9.93 -1.97
N ARG A 73 11.24 -8.89 -1.73
CA ARG A 73 12.68 -9.04 -1.62
C ARG A 73 13.07 -9.79 -0.36
N ARG A 74 12.23 -9.66 0.66
CA ARG A 74 12.47 -10.32 1.94
C ARG A 74 12.24 -11.83 1.83
N LYS A 75 11.39 -12.22 0.88
CA LYS A 75 11.08 -13.62 0.67
C LYS A 75 12.15 -14.30 -0.18
N SER A 76 12.82 -13.51 -1.01
CA SER A 76 13.86 -14.03 -1.88
C SER A 76 15.22 -13.99 -1.20
N ARG A 77 15.34 -13.21 -0.12
CA ARG A 77 16.60 -13.09 0.61
C ARG A 77 17.02 -14.44 1.17
N ASP A 78 16.09 -15.40 1.23
CA ASP A 78 16.37 -16.72 1.75
C ASP A 78 17.52 -17.39 0.97
N LEU A 79 17.75 -16.92 -0.25
CA LEU A 79 18.79 -17.47 -1.08
C LEU A 79 20.17 -17.17 -0.51
N VAL A 80 20.55 -17.92 0.52
CA VAL A 80 21.84 -17.73 1.17
C VAL A 80 22.85 -18.77 0.70
N PRO A 81 23.65 -18.45 -0.33
CA PRO A 81 24.66 -19.37 -0.87
C PRO A 81 25.78 -19.64 0.12
N ARG A 82 25.86 -18.83 1.17
CA ARG A 82 26.89 -18.98 2.19
C ARG A 82 26.79 -20.34 2.86
N MET A 1 16.15 24.27 -0.94
CA MET A 1 15.83 25.71 -1.17
C MET A 1 14.44 26.05 -0.65
N ASP A 2 13.41 25.45 -1.26
CA ASP A 2 12.04 25.70 -0.85
C ASP A 2 11.82 25.31 0.61
N ASN A 3 11.74 26.31 1.48
CA ASN A 3 11.53 26.08 2.89
C ASN A 3 10.21 25.35 3.16
N ASP A 4 9.30 25.44 2.19
CA ASP A 4 7.99 24.80 2.32
C ASP A 4 8.13 23.28 2.41
N ALA A 5 9.26 22.76 1.97
CA ALA A 5 9.52 21.33 2.00
C ALA A 5 10.28 20.93 3.27
N GLU A 6 10.16 21.74 4.31
CA GLU A 6 10.83 21.47 5.58
C GLU A 6 9.91 20.79 6.58
N GLY A 7 8.87 20.19 6.05
CA GLY A 7 7.90 19.50 6.88
C GLY A 7 6.47 19.78 6.47
N VAL A 8 6.15 19.53 5.20
CA VAL A 8 4.82 19.75 4.69
C VAL A 8 3.99 18.47 4.72
N TRP A 9 4.67 17.33 4.74
CA TRP A 9 4.00 16.05 4.77
C TRP A 9 4.07 15.44 6.17
N SER A 10 2.98 15.56 6.92
CA SER A 10 2.91 15.02 8.27
C SER A 10 3.13 13.52 8.27
N PRO A 11 3.77 12.98 9.33
CA PRO A 11 4.03 11.54 9.44
C PRO A 11 2.77 10.73 9.68
N ASP A 12 1.69 11.40 10.05
CA ASP A 12 0.42 10.73 10.32
C ASP A 12 -0.09 10.03 9.07
N ILE A 13 0.35 10.50 7.91
CA ILE A 13 -0.06 9.91 6.64
C ILE A 13 0.56 8.54 6.47
N GLU A 14 1.89 8.51 6.52
CA GLU A 14 2.62 7.27 6.38
C GLU A 14 2.24 6.30 7.52
N GLN A 15 1.72 6.87 8.60
CA GLN A 15 1.31 6.08 9.74
C GLN A 15 -0.03 5.41 9.49
N SER A 16 -0.95 6.17 8.95
CA SER A 16 -2.28 5.66 8.63
C SER A 16 -2.21 4.76 7.42
N PHE A 17 -1.25 5.02 6.55
CA PHE A 17 -1.06 4.24 5.35
C PHE A 17 -0.43 2.90 5.71
N GLN A 18 0.33 2.88 6.80
CA GLN A 18 0.97 1.66 7.25
C GLN A 18 -0.09 0.65 7.68
N GLU A 19 -1.17 1.16 8.23
CA GLU A 19 -2.26 0.32 8.68
C GLU A 19 -2.80 -0.52 7.53
N ALA A 20 -3.09 0.16 6.43
CA ALA A 20 -3.58 -0.52 5.24
C ALA A 20 -2.51 -1.42 4.66
N LEU A 21 -1.25 -1.03 4.86
CA LEU A 21 -0.13 -1.80 4.38
C LEU A 21 0.06 -3.06 5.20
N SER A 22 -0.10 -2.91 6.51
CA SER A 22 0.01 -4.04 7.42
C SER A 22 -1.22 -4.91 7.31
N ILE A 23 -2.35 -4.27 7.04
CA ILE A 23 -3.62 -4.97 6.89
C ILE A 23 -3.73 -5.64 5.52
N TYR A 24 -2.88 -5.21 4.58
CA TYR A 24 -2.89 -5.76 3.23
C TYR A 24 -1.56 -6.46 2.92
N PRO A 25 -1.41 -7.73 3.34
CA PRO A 25 -0.21 -8.50 3.11
C PRO A 25 -0.25 -9.26 1.77
N PRO A 26 0.59 -8.86 0.81
CA PRO A 26 0.64 -9.51 -0.51
C PRO A 26 1.19 -10.92 -0.45
N CYS A 27 1.95 -11.20 0.60
CA CYS A 27 2.55 -12.51 0.80
C CYS A 27 1.49 -13.56 1.11
N GLY A 28 1.72 -14.78 0.65
CA GLY A 28 0.78 -15.87 0.89
C GLY A 28 -0.22 -16.02 -0.24
N ARG A 29 -0.74 -14.91 -0.75
CA ARG A 29 -1.70 -14.94 -1.83
C ARG A 29 -1.75 -13.61 -2.57
N ARG A 30 -1.67 -13.66 -3.89
CA ARG A 30 -1.71 -12.45 -4.71
C ARG A 30 -2.52 -12.69 -5.98
N LYS A 31 -3.83 -12.49 -5.89
CA LYS A 31 -4.71 -12.66 -7.03
C LYS A 31 -5.93 -11.74 -6.93
N ILE A 32 -6.51 -11.43 -8.08
CA ILE A 32 -7.68 -10.56 -8.13
C ILE A 32 -8.51 -10.82 -9.39
N ILE A 33 -9.63 -11.52 -9.21
CA ILE A 33 -10.51 -11.83 -10.32
C ILE A 33 -11.80 -11.03 -10.25
N LEU A 34 -11.78 -9.83 -10.81
CA LEU A 34 -12.95 -8.97 -10.81
C LEU A 34 -14.10 -9.58 -11.60
N SER A 35 -13.78 -10.55 -12.45
CA SER A 35 -14.79 -11.21 -13.27
C SER A 35 -15.75 -12.01 -12.41
N ASP A 36 -15.30 -12.40 -11.22
CA ASP A 36 -16.12 -13.16 -10.30
C ASP A 36 -17.08 -12.26 -9.53
N GLU A 37 -16.53 -11.45 -8.62
CA GLU A 37 -17.32 -10.54 -7.83
C GLU A 37 -17.89 -9.41 -8.68
N GLY A 38 -17.23 -9.12 -9.78
CA GLY A 38 -17.67 -8.07 -10.67
C GLY A 38 -17.23 -6.69 -10.23
N LYS A 39 -16.63 -6.60 -9.04
CA LYS A 39 -16.15 -5.34 -8.53
C LYS A 39 -14.90 -5.56 -7.68
N MET A 40 -13.76 -5.49 -8.35
CA MET A 40 -12.47 -5.67 -7.69
C MET A 40 -11.39 -4.85 -8.38
N TYR A 41 -11.28 -3.59 -7.97
CA TYR A 41 -10.29 -2.69 -8.54
C TYR A 41 -8.87 -3.10 -8.13
N GLY A 42 -7.88 -2.35 -8.61
CA GLY A 42 -6.51 -2.65 -8.28
C GLY A 42 -6.24 -2.61 -6.79
N ARG A 43 -5.26 -3.38 -6.35
CA ARG A 43 -4.91 -3.44 -4.93
C ARG A 43 -4.48 -2.07 -4.43
N ASN A 44 -3.97 -1.24 -5.32
CA ASN A 44 -3.53 0.10 -4.96
C ASN A 44 -4.71 0.99 -4.60
N GLU A 45 -5.88 0.65 -5.11
CA GLU A 45 -7.08 1.42 -4.82
C GLU A 45 -7.62 1.06 -3.44
N LEU A 46 -7.26 -0.12 -2.95
CA LEU A 46 -7.71 -0.58 -1.65
C LEU A 46 -6.94 0.13 -0.54
N ILE A 47 -5.66 0.39 -0.80
CA ILE A 47 -4.82 1.06 0.16
C ILE A 47 -5.18 2.53 0.25
N ALA A 48 -5.44 3.13 -0.90
CA ALA A 48 -5.80 4.53 -0.97
C ALA A 48 -7.21 4.74 -0.43
N ARG A 49 -7.99 3.67 -0.40
CA ARG A 49 -9.35 3.74 0.11
C ARG A 49 -9.32 3.79 1.63
N TYR A 50 -8.27 3.24 2.21
CA TYR A 50 -8.09 3.24 3.66
C TYR A 50 -7.86 4.65 4.16
N ILE A 51 -6.87 5.30 3.58
CA ILE A 51 -6.53 6.66 3.96
C ILE A 51 -7.68 7.60 3.64
N LYS A 52 -8.35 7.32 2.54
CA LYS A 52 -9.49 8.14 2.11
C LYS A 52 -10.69 7.88 3.01
N LEU A 53 -10.71 6.72 3.66
CA LEU A 53 -11.79 6.36 4.56
C LEU A 53 -11.63 7.01 5.92
N ARG A 54 -10.39 7.36 6.26
CA ARG A 54 -10.10 7.98 7.54
C ARG A 54 -9.83 9.47 7.40
N THR A 55 -8.82 9.80 6.60
CA THR A 55 -8.44 11.18 6.38
C THR A 55 -9.25 11.79 5.24
N GLY A 56 -9.61 10.96 4.27
CA GLY A 56 -10.38 11.42 3.13
C GLY A 56 -9.67 12.51 2.36
N LYS A 57 -8.36 12.64 2.55
CA LYS A 57 -7.57 13.64 1.87
C LYS A 57 -6.09 13.31 1.93
N THR A 58 -5.62 12.53 0.96
CA THR A 58 -4.22 12.13 0.90
C THR A 58 -3.77 11.95 -0.55
N ARG A 59 -2.47 11.78 -0.73
CA ARG A 59 -1.90 11.57 -2.05
C ARG A 59 -0.58 10.82 -1.94
N THR A 60 -0.66 9.59 -1.50
CA THR A 60 0.52 8.75 -1.34
C THR A 60 0.24 7.32 -1.80
N ARG A 61 0.38 7.08 -3.09
CA ARG A 61 0.14 5.77 -3.66
C ARG A 61 1.43 5.10 -4.11
N LYS A 62 2.41 5.92 -4.46
CA LYS A 62 3.70 5.44 -4.91
C LYS A 62 4.53 4.89 -3.75
N GLN A 63 4.36 5.50 -2.59
CA GLN A 63 5.08 5.08 -1.39
C GLN A 63 4.47 3.82 -0.82
N VAL A 64 3.16 3.70 -0.96
CA VAL A 64 2.45 2.53 -0.46
C VAL A 64 2.60 1.36 -1.41
N SER A 65 3.01 1.63 -2.65
CA SER A 65 3.21 0.59 -3.64
C SER A 65 4.61 0.00 -3.50
N SER A 66 5.53 0.83 -3.05
CA SER A 66 6.91 0.42 -2.85
C SER A 66 7.01 -0.48 -1.62
N HIS A 67 6.18 -0.19 -0.63
CA HIS A 67 6.16 -0.95 0.61
C HIS A 67 5.62 -2.35 0.37
N ILE A 68 4.69 -2.47 -0.56
CA ILE A 68 4.08 -3.76 -0.88
C ILE A 68 5.06 -4.63 -1.66
N GLN A 69 5.91 -3.99 -2.44
CA GLN A 69 6.90 -4.70 -3.23
C GLN A 69 8.03 -5.21 -2.34
N VAL A 70 8.26 -4.52 -1.24
CA VAL A 70 9.30 -4.91 -0.29
C VAL A 70 8.89 -6.14 0.50
N LEU A 71 7.58 -6.30 0.69
CA LEU A 71 7.05 -7.44 1.42
C LEU A 71 7.17 -8.71 0.60
N ALA A 72 7.14 -8.56 -0.72
CA ALA A 72 7.26 -9.69 -1.61
C ALA A 72 8.68 -10.25 -1.62
N ARG A 73 9.64 -9.37 -1.37
CA ARG A 73 11.05 -9.76 -1.33
C ARG A 73 11.35 -10.58 -0.09
N ARG A 74 10.59 -10.34 0.96
CA ARG A 74 10.77 -11.06 2.21
C ARG A 74 10.27 -12.49 2.09
N LYS A 75 9.31 -12.70 1.20
CA LYS A 75 8.75 -14.02 0.97
C LYS A 75 9.71 -14.91 0.19
N SER A 76 10.57 -14.27 -0.59
CA SER A 76 11.55 -14.99 -1.40
C SER A 76 12.59 -15.68 -0.53
N ARG A 77 12.68 -15.25 0.73
CA ARG A 77 13.64 -15.85 1.66
C ARG A 77 13.38 -17.33 1.86
N ASP A 78 12.18 -17.78 1.49
CA ASP A 78 11.80 -19.17 1.61
C ASP A 78 11.78 -19.87 0.26
N LEU A 79 11.62 -19.08 -0.80
CA LEU A 79 11.57 -19.62 -2.15
C LEU A 79 12.89 -20.30 -2.51
N VAL A 80 13.04 -21.55 -2.09
CA VAL A 80 14.25 -22.30 -2.38
C VAL A 80 14.44 -22.50 -3.89
N PRO A 81 15.45 -21.84 -4.48
CA PRO A 81 15.73 -21.95 -5.92
C PRO A 81 16.23 -23.33 -6.31
N ARG A 82 15.30 -24.21 -6.68
CA ARG A 82 15.66 -25.57 -7.07
C ARG A 82 16.59 -25.56 -8.29
N MET A 1 18.82 25.25 -1.48
CA MET A 1 17.94 24.07 -1.27
C MET A 1 16.84 24.38 -0.27
N ASP A 2 15.60 24.08 -0.65
CA ASP A 2 14.45 24.33 0.22
C ASP A 2 14.58 23.54 1.52
N ASN A 3 13.59 23.68 2.40
CA ASN A 3 13.58 23.00 3.67
C ASN A 3 12.62 21.83 3.66
N ASP A 4 12.42 21.23 2.48
CA ASP A 4 11.52 20.10 2.33
C ASP A 4 12.01 18.90 3.14
N ALA A 5 13.29 18.89 3.47
CA ALA A 5 13.87 17.80 4.24
C ALA A 5 13.88 18.12 5.73
N GLU A 6 12.97 19.00 6.16
CA GLU A 6 12.87 19.38 7.57
C GLU A 6 11.80 18.59 8.29
N GLY A 7 11.43 17.49 7.69
CA GLY A 7 10.40 16.62 8.25
C GLY A 7 9.09 17.35 8.45
N VAL A 8 8.84 18.37 7.64
CA VAL A 8 7.61 19.14 7.73
C VAL A 8 6.40 18.30 7.33
N TRP A 9 6.64 17.28 6.51
CA TRP A 9 5.58 16.40 6.06
C TRP A 9 5.00 15.59 7.21
N SER A 10 3.68 15.57 7.32
CA SER A 10 3.01 14.82 8.38
C SER A 10 3.35 13.34 8.30
N PRO A 11 3.79 12.73 9.41
CA PRO A 11 4.15 11.31 9.44
C PRO A 11 2.93 10.39 9.37
N ASP A 12 1.75 10.98 9.57
CA ASP A 12 0.51 10.22 9.53
C ASP A 12 0.27 9.62 8.15
N ILE A 13 0.88 10.24 7.14
CA ILE A 13 0.75 9.76 5.77
C ILE A 13 1.52 8.48 5.57
N GLU A 14 2.81 8.53 5.87
CA GLU A 14 3.68 7.37 5.76
C GLU A 14 3.23 6.30 6.72
N GLN A 15 2.57 6.72 7.80
CA GLN A 15 2.08 5.79 8.80
C GLN A 15 0.84 5.08 8.30
N SER A 16 -0.04 5.85 7.68
CA SER A 16 -1.27 5.30 7.12
C SER A 16 -0.94 4.34 5.98
N PHE A 17 0.25 4.48 5.42
CA PHE A 17 0.69 3.63 4.33
C PHE A 17 0.97 2.22 4.83
N GLN A 18 1.62 2.13 5.97
CA GLN A 18 1.93 0.83 6.55
C GLN A 18 0.66 0.13 6.99
N GLU A 19 -0.32 0.94 7.40
CA GLU A 19 -1.59 0.41 7.84
C GLU A 19 -2.33 -0.26 6.69
N ALA A 20 -2.16 0.29 5.50
CA ALA A 20 -2.80 -0.26 4.32
C ALA A 20 -1.98 -1.41 3.76
N LEU A 21 -0.68 -1.34 3.97
CA LEU A 21 0.23 -2.38 3.52
C LEU A 21 0.24 -3.54 4.50
N SER A 22 -0.01 -3.22 5.77
CA SER A 22 -0.05 -4.23 6.81
C SER A 22 -1.37 -4.98 6.75
N ILE A 23 -2.42 -4.25 6.42
CA ILE A 23 -3.75 -4.83 6.30
C ILE A 23 -3.89 -5.63 5.02
N TYR A 24 -3.25 -5.13 3.97
CA TYR A 24 -3.28 -5.77 2.67
C TYR A 24 -1.89 -6.24 2.24
N PRO A 25 -1.47 -7.43 2.70
CA PRO A 25 -0.17 -7.99 2.37
C PRO A 25 -0.19 -8.77 1.05
N PRO A 26 0.95 -8.86 0.36
CA PRO A 26 1.05 -9.57 -0.91
C PRO A 26 0.86 -11.07 -0.76
N CYS A 27 0.91 -11.55 0.48
CA CYS A 27 0.73 -12.97 0.77
C CYS A 27 -0.67 -13.44 0.40
N GLY A 28 -0.83 -13.89 -0.85
CA GLY A 28 -2.12 -14.35 -1.30
C GLY A 28 -3.18 -13.28 -1.23
N ARG A 29 -2.95 -12.16 -1.91
CA ARG A 29 -3.90 -11.05 -1.92
C ARG A 29 -5.25 -11.50 -2.47
N ARG A 30 -6.29 -11.36 -1.66
CA ARG A 30 -7.63 -11.76 -2.06
C ARG A 30 -8.09 -10.96 -3.28
N LYS A 31 -8.98 -11.56 -4.08
CA LYS A 31 -9.49 -10.90 -5.27
C LYS A 31 -10.90 -11.37 -5.58
N ILE A 32 -11.46 -10.87 -6.68
CA ILE A 32 -12.81 -11.23 -7.10
C ILE A 32 -12.98 -11.05 -8.60
N ILE A 33 -13.46 -12.10 -9.26
CA ILE A 33 -13.67 -12.06 -10.70
C ILE A 33 -14.95 -11.30 -11.05
N LEU A 34 -14.98 -10.72 -12.24
CA LEU A 34 -16.15 -9.97 -12.69
C LEU A 34 -17.04 -10.83 -13.59
N SER A 35 -16.44 -11.84 -14.21
CA SER A 35 -17.19 -12.73 -15.10
C SER A 35 -18.29 -13.46 -14.34
N ASP A 36 -18.17 -13.51 -13.02
CA ASP A 36 -19.16 -14.17 -12.19
C ASP A 36 -19.68 -13.23 -11.11
N GLU A 37 -18.78 -12.77 -10.25
CA GLU A 37 -19.15 -11.85 -9.17
C GLU A 37 -19.65 -10.52 -9.73
N GLY A 38 -19.17 -10.18 -10.92
CA GLY A 38 -19.57 -8.93 -11.56
C GLY A 38 -19.31 -7.72 -10.67
N LYS A 39 -18.38 -7.86 -9.73
CA LYS A 39 -18.03 -6.79 -8.83
C LYS A 39 -16.55 -6.85 -8.49
N MET A 40 -15.75 -6.17 -9.28
CA MET A 40 -14.31 -6.13 -9.07
C MET A 40 -13.75 -4.80 -9.54
N TYR A 41 -13.77 -3.81 -8.66
CA TYR A 41 -13.26 -2.48 -8.96
C TYR A 41 -11.74 -2.45 -8.85
N GLY A 42 -11.17 -1.26 -9.02
CA GLY A 42 -9.73 -1.11 -8.93
C GLY A 42 -9.19 -1.51 -7.58
N ARG A 43 -8.25 -2.46 -7.56
CA ARG A 43 -7.67 -2.93 -6.32
C ARG A 43 -7.00 -1.80 -5.55
N ASN A 44 -6.56 -0.78 -6.28
CA ASN A 44 -5.92 0.37 -5.67
C ASN A 44 -6.89 1.13 -4.78
N GLU A 45 -8.17 1.07 -5.14
CA GLU A 45 -9.21 1.74 -4.37
C GLU A 45 -9.28 1.14 -2.97
N LEU A 46 -8.91 -0.13 -2.88
CA LEU A 46 -8.91 -0.83 -1.60
C LEU A 46 -7.90 -0.22 -0.68
N ILE A 47 -6.65 -0.30 -1.10
CA ILE A 47 -5.55 0.25 -0.33
C ILE A 47 -5.69 1.75 -0.16
N ALA A 48 -6.28 2.38 -1.16
CA ALA A 48 -6.50 3.82 -1.12
C ALA A 48 -7.69 4.15 -0.22
N ARG A 49 -8.62 3.21 -0.12
CA ARG A 49 -9.79 3.40 0.71
C ARG A 49 -9.39 3.35 2.18
N TYR A 50 -8.33 2.62 2.47
CA TYR A 50 -7.84 2.50 3.83
C TYR A 50 -7.24 3.82 4.29
N ILE A 51 -6.30 4.31 3.50
CA ILE A 51 -5.64 5.57 3.81
C ILE A 51 -6.64 6.71 3.84
N LYS A 52 -7.70 6.57 3.04
CA LYS A 52 -8.74 7.58 2.98
C LYS A 52 -9.56 7.60 4.27
N LEU A 53 -9.63 6.44 4.91
CA LEU A 53 -10.37 6.30 6.16
C LEU A 53 -9.52 6.69 7.36
N ARG A 54 -8.21 6.72 7.17
CA ARG A 54 -7.28 7.06 8.25
C ARG A 54 -7.64 8.39 8.88
N THR A 55 -7.65 9.43 8.07
CA THR A 55 -7.98 10.78 8.54
C THR A 55 -8.31 11.70 7.38
N GLY A 56 -8.85 11.13 6.31
CA GLY A 56 -9.21 11.91 5.14
C GLY A 56 -8.01 12.58 4.48
N LYS A 57 -6.81 12.14 4.85
CA LYS A 57 -5.60 12.70 4.29
C LYS A 57 -5.38 12.19 2.87
N THR A 58 -4.21 12.49 2.31
CA THR A 58 -3.87 12.06 0.95
C THR A 58 -4.19 10.57 0.77
N ARG A 59 -4.18 10.12 -0.48
CA ARG A 59 -4.46 8.73 -0.77
C ARG A 59 -3.82 8.32 -2.10
N THR A 60 -2.50 8.31 -2.12
CA THR A 60 -1.75 7.94 -3.31
C THR A 60 -2.03 6.48 -3.67
N ARG A 61 -2.04 6.19 -4.96
CA ARG A 61 -2.30 4.83 -5.43
C ARG A 61 -1.05 4.20 -6.01
N LYS A 62 -0.24 5.02 -6.67
CA LYS A 62 0.98 4.54 -7.29
C LYS A 62 2.06 4.30 -6.24
N GLN A 63 1.99 5.06 -5.15
CA GLN A 63 2.95 4.92 -4.07
C GLN A 63 2.60 3.73 -3.18
N VAL A 64 1.31 3.42 -3.12
CA VAL A 64 0.84 2.31 -2.31
C VAL A 64 1.00 0.99 -3.06
N SER A 65 1.12 1.06 -4.38
CA SER A 65 1.30 -0.13 -5.19
C SER A 65 2.77 -0.49 -5.26
N SER A 66 3.60 0.54 -5.20
CA SER A 66 5.04 0.36 -5.23
C SER A 66 5.54 -0.23 -3.92
N HIS A 67 4.86 0.14 -2.84
CA HIS A 67 5.22 -0.33 -1.51
C HIS A 67 4.92 -1.82 -1.36
N ILE A 68 3.86 -2.26 -2.01
CA ILE A 68 3.46 -3.66 -1.94
C ILE A 68 4.41 -4.53 -2.76
N GLN A 69 4.99 -3.94 -3.80
CA GLN A 69 5.92 -4.65 -4.65
C GLN A 69 7.26 -4.84 -3.95
N VAL A 70 7.56 -3.92 -3.03
CA VAL A 70 8.81 -3.99 -2.28
C VAL A 70 8.76 -5.10 -1.23
N LEU A 71 7.55 -5.45 -0.81
CA LEU A 71 7.38 -6.50 0.17
C LEU A 71 7.57 -7.88 -0.45
N ALA A 72 7.34 -7.96 -1.76
CA ALA A 72 7.48 -9.20 -2.48
C ALA A 72 8.95 -9.54 -2.70
N ARG A 73 9.76 -8.51 -2.92
CA ARG A 73 11.18 -8.70 -3.14
C ARG A 73 11.87 -9.08 -1.84
N ARG A 74 11.36 -8.54 -0.74
CA ARG A 74 11.91 -8.82 0.58
C ARG A 74 11.62 -10.26 0.97
N LYS A 75 10.55 -10.82 0.44
CA LYS A 75 10.16 -12.19 0.72
C LYS A 75 11.12 -13.18 0.06
N SER A 76 11.66 -12.76 -1.08
CA SER A 76 12.59 -13.60 -1.82
C SER A 76 13.99 -13.59 -1.18
N ARG A 77 14.24 -12.59 -0.35
CA ARG A 77 15.52 -12.46 0.33
C ARG A 77 15.78 -13.65 1.26
N ASP A 78 14.72 -14.41 1.56
CA ASP A 78 14.84 -15.56 2.43
C ASP A 78 15.90 -16.55 1.93
N LEU A 79 16.17 -16.48 0.64
CA LEU A 79 17.16 -17.37 0.03
C LEU A 79 18.57 -17.02 0.51
N VAL A 80 18.85 -17.35 1.77
CA VAL A 80 20.16 -17.07 2.35
C VAL A 80 20.86 -18.35 2.75
N PRO A 81 21.64 -18.95 1.83
CA PRO A 81 22.38 -20.19 2.10
C PRO A 81 23.57 -19.97 3.01
N ARG A 82 23.96 -18.71 3.19
CA ARG A 82 25.09 -18.37 4.04
C ARG A 82 26.38 -19.01 3.53
N MET A 1 4.82 31.24 1.39
CA MET A 1 4.73 29.82 1.84
C MET A 1 5.31 28.87 0.81
N ASP A 2 6.59 28.54 0.97
CA ASP A 2 7.27 27.64 0.05
C ASP A 2 6.58 26.28 0.01
N ASN A 3 6.91 25.48 -1.00
CA ASN A 3 6.32 24.15 -1.15
C ASN A 3 6.64 23.27 0.07
N ASP A 4 7.72 23.60 0.76
CA ASP A 4 8.13 22.85 1.94
C ASP A 4 7.12 23.01 3.07
N ALA A 5 6.37 24.11 3.04
CA ALA A 5 5.37 24.39 4.06
C ALA A 5 3.99 23.91 3.65
N GLU A 6 3.96 22.92 2.75
CA GLU A 6 2.70 22.37 2.27
C GLU A 6 2.32 21.11 3.01
N GLY A 7 2.92 20.94 4.16
CA GLY A 7 2.68 19.77 4.98
C GLY A 7 3.48 18.57 4.54
N VAL A 8 4.71 18.81 4.09
CA VAL A 8 5.59 17.74 3.64
C VAL A 8 5.94 16.80 4.78
N TRP A 9 5.83 17.28 6.01
CA TRP A 9 6.14 16.49 7.18
C TRP A 9 4.86 16.00 7.86
N SER A 10 4.47 14.77 7.57
CA SER A 10 3.27 14.20 8.15
C SER A 10 3.52 12.76 8.60
N PRO A 11 3.85 12.56 9.90
CA PRO A 11 4.11 11.23 10.44
C PRO A 11 2.87 10.34 10.45
N ASP A 12 1.70 10.97 10.35
CA ASP A 12 0.45 10.24 10.33
C ASP A 12 0.27 9.46 9.03
N ILE A 13 0.95 9.92 7.99
CA ILE A 13 0.87 9.28 6.69
C ILE A 13 1.74 8.03 6.66
N GLU A 14 2.91 8.14 7.25
CA GLU A 14 3.83 7.02 7.32
C GLU A 14 3.27 5.94 8.22
N GLN A 15 2.41 6.36 9.15
CA GLN A 15 1.79 5.43 10.08
C GLN A 15 0.71 4.63 9.38
N SER A 16 -0.13 5.33 8.65
CA SER A 16 -1.19 4.70 7.89
C SER A 16 -0.59 3.74 6.86
N PHE A 17 0.67 3.99 6.53
CA PHE A 17 1.39 3.17 5.56
C PHE A 17 1.56 1.76 6.10
N GLN A 18 2.01 1.68 7.34
CA GLN A 18 2.22 0.38 7.98
C GLN A 18 0.89 -0.31 8.21
N GLU A 19 -0.14 0.49 8.45
CA GLU A 19 -1.47 -0.04 8.69
C GLU A 19 -2.03 -0.63 7.42
N ALA A 20 -1.71 -0.02 6.29
CA ALA A 20 -2.15 -0.50 5.00
C ALA A 20 -1.23 -1.59 4.50
N LEU A 21 0.01 -1.53 4.93
CA LEU A 21 1.01 -2.51 4.55
C LEU A 21 0.90 -3.75 5.43
N SER A 22 0.50 -3.54 6.67
CA SER A 22 0.35 -4.62 7.62
C SER A 22 -0.96 -5.36 7.37
N ILE A 23 -1.97 -4.62 6.92
CA ILE A 23 -3.26 -5.19 6.64
C ILE A 23 -3.30 -5.84 5.25
N TYR A 24 -2.37 -5.42 4.38
CA TYR A 24 -2.30 -5.95 3.03
C TYR A 24 -0.93 -6.58 2.75
N PRO A 25 -0.77 -7.86 3.09
CA PRO A 25 0.48 -8.58 2.88
C PRO A 25 0.57 -9.17 1.47
N PRO A 26 1.74 -9.74 1.10
CA PRO A 26 1.95 -10.33 -0.22
C PRO A 26 0.99 -11.49 -0.49
N CYS A 27 0.40 -12.04 0.57
CA CYS A 27 -0.52 -13.14 0.44
C CYS A 27 -1.97 -12.68 0.62
N GLY A 28 -2.89 -13.42 0.01
CA GLY A 28 -4.29 -13.06 0.11
C GLY A 28 -4.94 -12.87 -1.26
N ARG A 29 -4.58 -13.71 -2.22
CA ARG A 29 -5.12 -13.62 -3.56
C ARG A 29 -6.63 -13.89 -3.55
N ARG A 30 -7.42 -12.83 -3.45
CA ARG A 30 -8.87 -12.94 -3.44
C ARG A 30 -9.51 -11.81 -4.22
N LYS A 31 -9.66 -12.01 -5.53
CA LYS A 31 -10.27 -11.00 -6.39
C LYS A 31 -11.72 -10.76 -6.02
N ILE A 32 -11.95 -9.75 -5.18
CA ILE A 32 -13.30 -9.42 -4.74
C ILE A 32 -14.04 -8.60 -5.79
N ILE A 33 -15.30 -8.94 -6.03
CA ILE A 33 -16.11 -8.24 -7.01
C ILE A 33 -16.55 -6.87 -6.48
N LEU A 34 -16.14 -5.82 -7.17
CA LEU A 34 -16.49 -4.46 -6.78
C LEU A 34 -17.98 -4.19 -6.95
N SER A 35 -18.42 -4.15 -8.20
CA SER A 35 -19.81 -3.92 -8.53
C SER A 35 -20.38 -5.04 -9.37
N ASP A 36 -20.12 -4.98 -10.67
CA ASP A 36 -20.60 -6.00 -11.59
C ASP A 36 -19.45 -6.59 -12.40
N GLU A 37 -18.52 -5.73 -12.82
CA GLU A 37 -17.37 -6.17 -13.61
C GLU A 37 -16.60 -7.27 -12.88
N GLY A 38 -16.39 -7.07 -11.60
CA GLY A 38 -15.68 -8.05 -10.80
C GLY A 38 -14.35 -8.45 -11.41
N LYS A 39 -13.76 -7.54 -12.16
CA LYS A 39 -12.49 -7.79 -12.81
C LYS A 39 -11.67 -6.50 -12.85
N MET A 40 -10.87 -6.30 -11.82
CA MET A 40 -10.02 -5.13 -11.72
C MET A 40 -8.75 -5.47 -10.94
N TYR A 41 -7.75 -5.97 -11.66
CA TYR A 41 -6.48 -6.34 -11.04
C TYR A 41 -5.71 -5.10 -10.59
N GLY A 42 -6.04 -4.60 -9.40
CA GLY A 42 -5.37 -3.44 -8.87
C GLY A 42 -5.38 -3.41 -7.35
N ARG A 43 -4.27 -3.78 -6.74
CA ARG A 43 -4.15 -3.79 -5.29
C ARG A 43 -3.64 -2.47 -4.76
N ASN A 44 -2.90 -1.75 -5.60
CA ASN A 44 -2.34 -0.46 -5.21
C ASN A 44 -3.43 0.52 -4.79
N GLU A 45 -4.62 0.34 -5.36
CA GLU A 45 -5.75 1.19 -5.04
C GLU A 45 -6.33 0.83 -3.67
N LEU A 46 -6.13 -0.41 -3.27
CA LEU A 46 -6.65 -0.88 -1.99
C LEU A 46 -5.75 -0.42 -0.85
N ILE A 47 -4.46 -0.40 -1.10
CA ILE A 47 -3.50 0.03 -0.11
C ILE A 47 -3.48 1.55 -0.02
N ALA A 48 -3.68 2.19 -1.16
CA ALA A 48 -3.70 3.64 -1.22
C ALA A 48 -5.01 4.18 -0.68
N ARG A 49 -6.06 3.35 -0.74
CA ARG A 49 -7.35 3.75 -0.23
C ARG A 49 -7.33 3.76 1.29
N TYR A 50 -6.49 2.92 1.86
CA TYR A 50 -6.35 2.85 3.31
C TYR A 50 -5.70 4.10 3.85
N ILE A 51 -4.55 4.42 3.29
CA ILE A 51 -3.80 5.60 3.69
C ILE A 51 -4.58 6.86 3.36
N LYS A 52 -5.34 6.78 2.28
CA LYS A 52 -6.16 7.91 1.85
C LYS A 52 -7.35 8.10 2.77
N LEU A 53 -7.78 7.02 3.40
CA LEU A 53 -8.91 7.06 4.32
C LEU A 53 -8.49 7.51 5.71
N ARG A 54 -7.21 7.31 6.03
CA ARG A 54 -6.68 7.68 7.33
C ARG A 54 -6.46 9.19 7.42
N THR A 55 -5.63 9.70 6.53
CA THR A 55 -5.32 11.12 6.50
C THR A 55 -6.38 11.90 5.75
N GLY A 56 -7.14 11.21 4.90
CA GLY A 56 -8.18 11.86 4.13
C GLY A 56 -7.63 12.77 3.04
N LYS A 57 -6.31 12.73 2.85
CA LYS A 57 -5.68 13.57 1.83
C LYS A 57 -4.23 13.12 1.61
N THR A 58 -4.04 12.16 0.72
CA THR A 58 -2.72 11.64 0.41
C THR A 58 -2.62 11.19 -1.03
N ARG A 59 -1.41 10.88 -1.47
CA ARG A 59 -1.17 10.42 -2.82
C ARG A 59 0.10 9.59 -2.88
N THR A 60 0.05 8.44 -2.21
CA THR A 60 1.18 7.54 -2.16
C THR A 60 0.73 6.09 -2.29
N ARG A 61 0.59 5.62 -3.53
CA ARG A 61 0.16 4.26 -3.78
C ARG A 61 1.29 3.41 -4.34
N LYS A 62 2.09 4.02 -5.21
CA LYS A 62 3.21 3.34 -5.82
C LYS A 62 4.27 2.98 -4.80
N GLN A 63 4.37 3.77 -3.75
CA GLN A 63 5.33 3.54 -2.69
C GLN A 63 4.89 2.39 -1.79
N VAL A 64 3.59 2.20 -1.69
CA VAL A 64 3.04 1.14 -0.86
C VAL A 64 3.07 -0.20 -1.59
N SER A 65 3.22 -0.16 -2.90
CA SER A 65 3.28 -1.37 -3.69
C SER A 65 4.72 -1.88 -3.75
N SER A 66 5.65 -0.94 -3.68
CA SER A 66 7.06 -1.26 -3.71
C SER A 66 7.49 -1.89 -2.38
N HIS A 67 6.86 -1.44 -1.31
CA HIS A 67 7.16 -1.96 0.01
C HIS A 67 6.69 -3.40 0.17
N ILE A 68 5.60 -3.73 -0.49
CA ILE A 68 5.05 -5.08 -0.44
C ILE A 68 5.92 -6.05 -1.22
N GLN A 69 6.60 -5.54 -2.24
CA GLN A 69 7.46 -6.35 -3.08
C GLN A 69 8.75 -6.69 -2.34
N VAL A 70 9.16 -5.80 -1.46
CA VAL A 70 10.38 -5.99 -0.68
C VAL A 70 10.17 -7.04 0.40
N LEU A 71 8.94 -7.15 0.86
CA LEU A 71 8.59 -8.12 1.90
C LEU A 71 8.59 -9.53 1.32
N ALA A 72 8.30 -9.63 0.03
CA ALA A 72 8.27 -10.91 -0.64
C ALA A 72 9.67 -11.48 -0.82
N ARG A 73 10.65 -10.59 -0.91
CA ARG A 73 12.04 -10.99 -1.08
C ARG A 73 12.60 -11.56 0.21
N ARG A 74 12.07 -11.08 1.33
CA ARG A 74 12.52 -11.54 2.64
C ARG A 74 11.97 -12.93 2.94
N LYS A 75 10.83 -13.26 2.35
CA LYS A 75 10.21 -14.55 2.54
C LYS A 75 10.91 -15.63 1.72
N SER A 76 11.56 -15.21 0.65
CA SER A 76 12.28 -16.14 -0.23
C SER A 76 13.41 -16.84 0.52
N ARG A 77 13.82 -16.27 1.65
CA ARG A 77 14.89 -16.85 2.45
C ARG A 77 14.51 -18.24 2.95
N ASP A 78 13.21 -18.56 2.91
CA ASP A 78 12.73 -19.85 3.36
C ASP A 78 13.18 -20.96 2.43
N LEU A 79 13.16 -20.67 1.14
CA LEU A 79 13.58 -21.63 0.13
C LEU A 79 14.34 -20.94 -0.99
N VAL A 80 15.55 -20.47 -0.67
CA VAL A 80 16.39 -19.79 -1.65
C VAL A 80 16.67 -20.69 -2.86
N PRO A 81 16.08 -20.37 -4.03
CA PRO A 81 16.28 -21.16 -5.25
C PRO A 81 17.69 -21.04 -5.80
N ARG A 82 18.43 -20.05 -5.32
CA ARG A 82 19.80 -19.83 -5.78
C ARG A 82 20.69 -21.02 -5.43
N MET A 1 11.67 28.12 -2.80
CA MET A 1 11.74 27.37 -1.53
C MET A 1 10.51 26.50 -1.32
N ASP A 2 10.62 25.23 -1.72
CA ASP A 2 9.52 24.29 -1.59
C ASP A 2 9.13 24.11 -0.12
N ASN A 3 8.22 24.96 0.35
CA ASN A 3 7.76 24.90 1.73
C ASN A 3 7.11 23.55 2.03
N ASP A 4 6.68 22.86 0.99
CA ASP A 4 6.04 21.56 1.15
C ASP A 4 6.99 20.55 1.80
N ALA A 5 8.27 20.83 1.73
CA ALA A 5 9.29 19.95 2.31
C ALA A 5 9.65 20.37 3.72
N GLU A 6 8.74 21.08 4.40
CA GLU A 6 8.97 21.54 5.76
C GLU A 6 8.35 20.61 6.77
N GLY A 7 8.08 19.40 6.34
CA GLY A 7 7.48 18.40 7.20
C GLY A 7 6.01 18.67 7.44
N VAL A 8 5.34 19.24 6.45
CA VAL A 8 3.91 19.54 6.57
C VAL A 8 3.09 18.27 6.79
N TRP A 9 3.67 17.13 6.45
CA TRP A 9 3.00 15.85 6.61
C TRP A 9 2.69 15.58 8.07
N SER A 10 2.08 14.42 8.34
CA SER A 10 1.73 14.04 9.69
C SER A 10 2.08 12.57 9.96
N PRO A 11 2.35 12.23 11.23
CA PRO A 11 2.71 10.85 11.60
C PRO A 11 1.55 9.88 11.42
N ASP A 12 0.34 10.42 11.33
CA ASP A 12 -0.85 9.60 11.15
C ASP A 12 -0.92 9.02 9.74
N ILE A 13 -0.24 9.69 8.81
CA ILE A 13 -0.22 9.26 7.43
C ILE A 13 0.77 8.13 7.24
N GLU A 14 1.90 8.25 7.91
CA GLU A 14 2.94 7.23 7.84
C GLU A 14 2.49 5.97 8.57
N GLN A 15 1.56 6.15 9.52
CA GLN A 15 1.04 5.04 10.28
C GLN A 15 0.09 4.21 9.44
N SER A 16 -0.73 4.90 8.66
CA SER A 16 -1.66 4.24 7.77
C SER A 16 -0.91 3.43 6.73
N PHE A 17 0.36 3.78 6.53
CA PHE A 17 1.21 3.08 5.58
C PHE A 17 1.45 1.66 6.03
N GLN A 18 1.82 1.50 7.28
CA GLN A 18 2.08 0.19 7.84
C GLN A 18 0.78 -0.61 7.90
N GLU A 19 -0.30 0.09 8.17
CA GLU A 19 -1.60 -0.54 8.26
C GLU A 19 -2.05 -1.06 6.90
N ALA A 20 -1.62 -0.37 5.85
CA ALA A 20 -1.97 -0.78 4.51
C ALA A 20 -1.00 -1.83 4.00
N LEU A 21 0.24 -1.71 4.44
CA LEU A 21 1.28 -2.64 4.07
C LEU A 21 1.19 -3.91 4.92
N SER A 22 0.63 -3.77 6.11
CA SER A 22 0.48 -4.89 7.02
C SER A 22 -0.77 -5.69 6.67
N ILE A 23 -1.80 -4.98 6.22
CA ILE A 23 -3.04 -5.61 5.85
C ILE A 23 -2.99 -6.13 4.41
N TYR A 24 -2.11 -5.54 3.60
CA TYR A 24 -1.96 -5.93 2.21
C TYR A 24 -0.55 -6.44 1.93
N PRO A 25 -0.29 -7.73 2.19
CA PRO A 25 1.01 -8.35 1.97
C PRO A 25 1.18 -8.83 0.53
N PRO A 26 2.38 -9.30 0.17
CA PRO A 26 2.67 -9.79 -1.18
C PRO A 26 1.91 -11.08 -1.51
N CYS A 27 1.32 -11.70 -0.50
CA CYS A 27 0.57 -12.92 -0.69
C CYS A 27 -0.89 -12.75 -0.29
N GLY A 28 -1.74 -13.66 -0.73
CA GLY A 28 -3.15 -13.59 -0.41
C GLY A 28 -4.01 -13.33 -1.64
N ARG A 29 -3.51 -13.69 -2.81
CA ARG A 29 -4.24 -13.48 -4.05
C ARG A 29 -5.50 -14.35 -4.10
N ARG A 30 -6.65 -13.69 -4.18
CA ARG A 30 -7.92 -14.40 -4.23
C ARG A 30 -8.89 -13.73 -5.21
N LYS A 31 -9.57 -14.53 -6.02
CA LYS A 31 -10.51 -14.01 -6.98
C LYS A 31 -11.65 -13.26 -6.30
N ILE A 32 -11.50 -11.94 -6.19
CA ILE A 32 -12.49 -11.11 -5.55
C ILE A 32 -13.77 -11.02 -6.39
N ILE A 33 -14.82 -10.45 -5.82
CA ILE A 33 -16.08 -10.30 -6.50
C ILE A 33 -16.93 -9.20 -5.87
N LEU A 34 -16.72 -7.96 -6.31
CA LEU A 34 -17.46 -6.82 -5.79
C LEU A 34 -18.95 -6.93 -6.10
N SER A 35 -19.27 -6.84 -7.38
CA SER A 35 -20.65 -6.93 -7.82
C SER A 35 -20.83 -8.06 -8.83
N ASP A 36 -20.46 -7.78 -10.08
CA ASP A 36 -20.59 -8.76 -11.14
C ASP A 36 -19.25 -8.96 -11.86
N GLU A 37 -18.51 -7.87 -12.06
CA GLU A 37 -17.22 -7.94 -12.73
C GLU A 37 -16.32 -8.99 -12.09
N GLY A 38 -15.98 -8.76 -10.84
CA GLY A 38 -15.13 -9.69 -10.12
C GLY A 38 -13.80 -9.91 -10.80
N LYS A 39 -13.38 -8.94 -11.61
CA LYS A 39 -12.12 -9.03 -12.31
C LYS A 39 -11.50 -7.65 -12.43
N MET A 40 -10.69 -7.30 -11.45
CA MET A 40 -10.01 -6.02 -11.43
C MET A 40 -8.67 -6.15 -10.72
N TYR A 41 -7.65 -6.52 -11.48
CA TYR A 41 -6.31 -6.68 -10.93
C TYR A 41 -5.69 -5.34 -10.56
N GLY A 42 -6.03 -4.85 -9.36
CA GLY A 42 -5.49 -3.59 -8.90
C GLY A 42 -5.43 -3.51 -7.39
N ARG A 43 -4.23 -3.70 -6.84
CA ARG A 43 -4.04 -3.65 -5.40
C ARG A 43 -3.68 -2.23 -4.94
N ASN A 44 -3.10 -1.46 -5.85
CA ASN A 44 -2.69 -0.10 -5.54
C ASN A 44 -3.88 0.76 -5.15
N GLU A 45 -5.06 0.38 -5.61
CA GLU A 45 -6.28 1.11 -5.29
C GLU A 45 -6.79 0.75 -3.91
N LEU A 46 -6.41 -0.44 -3.44
CA LEU A 46 -6.83 -0.89 -2.12
C LEU A 46 -5.97 -0.27 -1.04
N ILE A 47 -4.70 -0.06 -1.34
CA ILE A 47 -3.78 0.54 -0.40
C ILE A 47 -3.99 2.04 -0.34
N ALA A 48 -4.30 2.61 -1.49
CA ALA A 48 -4.54 4.03 -1.59
C ALA A 48 -5.89 4.40 -0.96
N ARG A 49 -6.79 3.43 -0.92
CA ARG A 49 -8.10 3.64 -0.33
C ARG A 49 -7.98 3.74 1.18
N TYR A 50 -6.98 3.06 1.73
CA TYR A 50 -6.74 3.08 3.16
C TYR A 50 -6.25 4.44 3.59
N ILE A 51 -5.21 4.91 2.95
CA ILE A 51 -4.64 6.21 3.25
C ILE A 51 -5.63 7.31 2.96
N LYS A 52 -6.48 7.08 1.96
CA LYS A 52 -7.50 8.03 1.57
C LYS A 52 -8.63 8.07 2.60
N LEU A 53 -8.78 6.99 3.34
CA LEU A 53 -9.82 6.89 4.36
C LEU A 53 -9.32 7.40 5.71
N ARG A 54 -8.00 7.39 5.90
CA ARG A 54 -7.40 7.83 7.15
C ARG A 54 -7.86 9.23 7.52
N THR A 55 -7.57 10.19 6.66
CA THR A 55 -7.94 11.58 6.89
C THR A 55 -8.79 12.15 5.75
N GLY A 56 -8.64 11.58 4.57
CA GLY A 56 -9.38 12.05 3.43
C GLY A 56 -8.58 12.98 2.56
N LYS A 57 -7.64 13.69 3.17
CA LYS A 57 -6.80 14.63 2.46
C LYS A 57 -5.36 14.15 2.42
N THR A 58 -5.04 13.33 1.42
CA THR A 58 -3.69 12.80 1.26
C THR A 58 -3.36 12.58 -0.20
N ARG A 59 -2.08 12.32 -0.48
CA ARG A 59 -1.63 12.07 -1.83
C ARG A 59 -0.34 11.24 -1.80
N THR A 60 -0.48 10.01 -1.33
CA THR A 60 0.66 9.10 -1.24
C THR A 60 0.25 7.69 -1.64
N ARG A 61 0.08 7.46 -2.94
CA ARG A 61 -0.30 6.15 -3.44
C ARG A 61 0.87 5.47 -4.14
N LYS A 62 1.70 6.27 -4.78
CA LYS A 62 2.86 5.75 -5.49
C LYS A 62 3.94 5.31 -4.50
N GLN A 63 3.99 5.99 -3.37
CA GLN A 63 4.96 5.66 -2.33
C GLN A 63 4.58 4.38 -1.61
N VAL A 64 3.29 4.06 -1.63
CA VAL A 64 2.79 2.86 -0.98
C VAL A 64 3.08 1.63 -1.82
N SER A 65 3.26 1.82 -3.13
CA SER A 65 3.56 0.72 -4.02
C SER A 65 5.02 0.33 -3.92
N SER A 66 5.85 1.33 -3.64
CA SER A 66 7.27 1.12 -3.49
C SER A 66 7.57 0.32 -2.23
N HIS A 67 6.80 0.61 -1.20
CA HIS A 67 6.96 -0.07 0.09
C HIS A 67 6.54 -1.53 0.00
N ILE A 68 5.73 -1.85 -1.00
CA ILE A 68 5.27 -3.22 -1.19
C ILE A 68 6.31 -4.04 -1.96
N GLN A 69 7.16 -3.34 -2.71
CA GLN A 69 8.20 -3.99 -3.48
C GLN A 69 9.38 -4.37 -2.61
N VAL A 70 9.61 -3.57 -1.56
CA VAL A 70 10.70 -3.83 -0.65
C VAL A 70 10.34 -4.95 0.32
N LEU A 71 9.07 -4.99 0.69
CA LEU A 71 8.57 -6.01 1.59
C LEU A 71 8.46 -7.35 0.88
N ALA A 72 8.24 -7.28 -0.44
CA ALA A 72 8.12 -8.49 -1.25
C ALA A 72 9.48 -9.14 -1.45
N ARG A 73 10.53 -8.32 -1.41
CA ARG A 73 11.88 -8.81 -1.59
C ARG A 73 12.35 -9.59 -0.36
N ARG A 74 11.80 -9.23 0.80
CA ARG A 74 12.14 -9.89 2.05
C ARG A 74 11.53 -11.28 2.12
N LYS A 75 10.39 -11.45 1.44
CA LYS A 75 9.70 -12.73 1.43
C LYS A 75 10.38 -13.71 0.48
N SER A 76 11.13 -13.19 -0.48
CA SER A 76 11.84 -14.01 -1.44
C SER A 76 12.88 -14.89 -0.77
N ARG A 77 13.25 -14.54 0.46
CA ARG A 77 14.23 -15.31 1.21
C ARG A 77 13.79 -16.76 1.39
N ASP A 78 12.49 -17.00 1.22
CA ASP A 78 11.94 -18.34 1.37
C ASP A 78 12.38 -19.24 0.21
N LEU A 79 12.73 -18.62 -0.92
CA LEU A 79 13.16 -19.37 -2.09
C LEU A 79 14.46 -20.12 -1.81
N VAL A 80 14.33 -21.29 -1.17
CA VAL A 80 15.49 -22.10 -0.84
C VAL A 80 16.24 -22.54 -2.10
N PRO A 81 17.44 -21.99 -2.34
CA PRO A 81 18.25 -22.33 -3.52
C PRO A 81 18.76 -23.77 -3.48
N ARG A 82 18.67 -24.40 -2.32
CA ARG A 82 19.12 -25.78 -2.16
C ARG A 82 18.47 -26.42 -0.93
N MET A 1 12.62 13.30 -2.65
CA MET A 1 13.62 13.48 -1.57
C MET A 1 13.90 14.96 -1.31
N ASP A 2 12.88 15.79 -1.54
CA ASP A 2 13.02 17.23 -1.33
C ASP A 2 13.36 17.55 0.12
N ASN A 3 13.81 18.77 0.37
CA ASN A 3 14.16 19.20 1.72
C ASN A 3 12.96 19.13 2.65
N ASP A 4 11.76 19.17 2.07
CA ASP A 4 10.54 19.12 2.85
C ASP A 4 10.41 17.79 3.59
N ALA A 5 11.13 16.78 3.12
CA ALA A 5 11.11 15.47 3.73
C ALA A 5 12.21 15.31 4.77
N GLU A 6 12.67 16.42 5.32
CA GLU A 6 13.73 16.40 6.32
C GLU A 6 13.18 16.45 7.73
N GLY A 7 11.92 16.11 7.84
CA GLY A 7 11.23 16.12 9.12
C GLY A 7 10.01 17.02 9.13
N VAL A 8 10.09 18.11 8.37
CA VAL A 8 8.99 19.06 8.30
C VAL A 8 7.75 18.44 7.65
N TRP A 9 7.97 17.39 6.87
CA TRP A 9 6.90 16.70 6.18
C TRP A 9 5.85 16.18 7.18
N SER A 10 4.58 16.29 6.80
CA SER A 10 3.49 15.83 7.66
C SER A 10 3.59 14.34 7.91
N PRO A 11 3.92 13.93 9.15
CA PRO A 11 4.05 12.51 9.51
C PRO A 11 2.72 11.77 9.47
N ASP A 12 1.62 12.53 9.43
CA ASP A 12 0.29 11.94 9.38
C ASP A 12 0.09 11.13 8.10
N ILE A 13 0.87 11.46 7.09
CA ILE A 13 0.79 10.76 5.82
C ILE A 13 1.38 9.37 5.93
N GLU A 14 2.65 9.34 6.33
CA GLU A 14 3.35 8.08 6.51
C GLU A 14 2.70 7.28 7.64
N GLN A 15 1.97 7.98 8.50
CA GLN A 15 1.29 7.34 9.61
C GLN A 15 0.01 6.68 9.15
N SER A 16 -0.70 7.36 8.27
CA SER A 16 -1.95 6.84 7.73
C SER A 16 -1.66 5.66 6.81
N PHE A 17 -0.44 5.62 6.27
CA PHE A 17 -0.04 4.54 5.38
C PHE A 17 0.18 3.25 6.16
N GLN A 18 0.60 3.39 7.40
CA GLN A 18 0.83 2.23 8.25
C GLN A 18 -0.47 1.53 8.56
N GLU A 19 -1.54 2.30 8.67
CA GLU A 19 -2.85 1.75 8.95
C GLU A 19 -3.28 0.81 7.84
N ALA A 20 -2.88 1.12 6.63
CA ALA A 20 -3.21 0.31 5.48
C ALA A 20 -2.27 -0.90 5.40
N LEU A 21 -1.06 -0.72 5.88
CA LEU A 21 -0.08 -1.77 5.88
C LEU A 21 -0.29 -2.72 7.05
N SER A 22 -0.82 -2.17 8.14
CA SER A 22 -1.11 -2.95 9.33
C SER A 22 -2.42 -3.71 9.14
N ILE A 23 -3.33 -3.11 8.40
CA ILE A 23 -4.63 -3.71 8.12
C ILE A 23 -4.56 -4.56 6.86
N TYR A 24 -3.78 -4.09 5.91
CA TYR A 24 -3.61 -4.77 4.63
C TYR A 24 -2.16 -5.24 4.46
N PRO A 25 -1.82 -6.42 5.02
CA PRO A 25 -0.48 -6.98 4.92
C PRO A 25 -0.31 -7.85 3.69
N PRO A 26 0.94 -8.26 3.39
CA PRO A 26 1.24 -9.10 2.22
C PRO A 26 0.86 -10.55 2.45
N CYS A 27 0.84 -10.96 3.71
CA CYS A 27 0.50 -12.32 4.06
C CYS A 27 -0.98 -12.45 4.40
N GLY A 28 -1.42 -13.69 4.64
CA GLY A 28 -2.81 -13.93 4.97
C GLY A 28 -3.76 -13.43 3.90
N ARG A 29 -3.26 -13.34 2.67
CA ARG A 29 -4.07 -12.87 1.55
C ARG A 29 -3.48 -13.32 0.22
N ARG A 30 -3.93 -14.47 -0.27
CA ARG A 30 -3.44 -15.00 -1.53
C ARG A 30 -3.77 -14.07 -2.69
N LYS A 31 -2.99 -14.14 -3.75
CA LYS A 31 -3.20 -13.30 -4.93
C LYS A 31 -4.54 -13.60 -5.58
N ILE A 32 -5.56 -12.83 -5.21
CA ILE A 32 -6.89 -13.01 -5.75
C ILE A 32 -6.99 -12.44 -7.17
N ILE A 33 -8.05 -12.84 -7.88
CA ILE A 33 -8.26 -12.37 -9.24
C ILE A 33 -9.59 -12.89 -9.80
N LEU A 34 -10.45 -11.96 -10.21
CA LEU A 34 -11.76 -12.31 -10.74
C LEU A 34 -11.74 -12.40 -12.27
N SER A 35 -10.63 -12.85 -12.84
CA SER A 35 -10.49 -12.97 -14.28
C SER A 35 -11.70 -13.67 -14.89
N ASP A 36 -12.33 -14.53 -14.11
CA ASP A 36 -13.50 -15.27 -14.55
C ASP A 36 -14.73 -14.36 -14.58
N GLU A 37 -15.01 -13.74 -13.44
CA GLU A 37 -16.16 -12.85 -13.32
C GLU A 37 -16.00 -11.61 -14.20
N GLY A 38 -14.75 -11.29 -14.53
CA GLY A 38 -14.48 -10.13 -15.36
C GLY A 38 -14.83 -8.83 -14.66
N LYS A 39 -14.81 -8.85 -13.34
CA LYS A 39 -15.09 -7.68 -12.54
C LYS A 39 -14.25 -7.68 -11.29
N MET A 40 -13.08 -7.05 -11.38
CA MET A 40 -12.16 -6.96 -10.27
C MET A 40 -11.36 -5.67 -10.34
N TYR A 41 -11.92 -4.60 -9.78
CA TYR A 41 -11.27 -3.30 -9.78
C TYR A 41 -10.05 -3.30 -8.87
N GLY A 42 -9.23 -2.26 -8.99
CA GLY A 42 -8.04 -2.16 -8.17
C GLY A 42 -8.35 -2.16 -6.69
N ARG A 43 -7.93 -3.21 -5.99
CA ARG A 43 -8.17 -3.32 -4.55
C ARG A 43 -7.46 -2.20 -3.80
N ASN A 44 -6.34 -1.75 -4.34
CA ASN A 44 -5.58 -0.68 -3.71
C ASN A 44 -6.45 0.55 -3.49
N GLU A 45 -7.51 0.67 -4.29
CA GLU A 45 -8.42 1.80 -4.16
C GLU A 45 -9.17 1.74 -2.84
N LEU A 46 -9.41 0.53 -2.37
CA LEU A 46 -10.11 0.33 -1.12
C LEU A 46 -9.28 0.86 0.04
N ILE A 47 -8.06 0.40 0.09
CA ILE A 47 -7.12 0.82 1.13
C ILE A 47 -6.86 2.31 1.02
N ALA A 48 -6.74 2.77 -0.20
CA ALA A 48 -6.50 4.17 -0.47
C ALA A 48 -7.71 5.01 -0.08
N ARG A 49 -8.88 4.39 -0.07
CA ARG A 49 -10.11 5.07 0.31
C ARG A 49 -10.11 5.34 1.80
N TYR A 50 -9.44 4.47 2.54
CA TYR A 50 -9.35 4.61 3.99
C TYR A 50 -8.49 5.81 4.35
N ILE A 51 -7.29 5.84 3.80
CA ILE A 51 -6.37 6.93 4.03
C ILE A 51 -6.92 8.23 3.48
N LYS A 52 -7.69 8.11 2.41
CA LYS A 52 -8.29 9.27 1.76
C LYS A 52 -9.45 9.80 2.60
N LEU A 53 -10.08 8.91 3.36
CA LEU A 53 -11.20 9.28 4.20
C LEU A 53 -10.72 9.75 5.57
N ARG A 54 -9.56 9.26 5.99
CA ARG A 54 -9.00 9.62 7.28
C ARG A 54 -8.53 11.07 7.30
N THR A 55 -7.61 11.38 6.39
CA THR A 55 -7.07 12.73 6.28
C THR A 55 -8.06 13.66 5.59
N GLY A 56 -8.97 13.09 4.82
CA GLY A 56 -9.96 13.87 4.12
C GLY A 56 -9.40 14.60 2.91
N LYS A 57 -8.12 14.37 2.62
CA LYS A 57 -7.46 15.00 1.48
C LYS A 57 -6.11 14.37 1.20
N THR A 58 -6.11 13.31 0.40
CA THR A 58 -4.88 12.60 0.06
C THR A 58 -4.96 12.00 -1.34
N ARG A 59 -3.82 11.59 -1.87
CA ARG A 59 -3.76 10.98 -3.18
C ARG A 59 -2.53 10.09 -3.28
N THR A 60 -2.53 9.01 -2.51
CA THR A 60 -1.43 8.08 -2.50
C THR A 60 -1.94 6.63 -2.56
N ARG A 61 -2.17 6.14 -3.77
CA ARG A 61 -2.64 4.78 -3.96
C ARG A 61 -1.55 3.91 -4.59
N LYS A 62 -0.81 4.50 -5.50
CA LYS A 62 0.27 3.81 -6.17
C LYS A 62 1.41 3.52 -5.20
N GLN A 63 1.53 4.37 -4.18
CA GLN A 63 2.55 4.22 -3.17
C GLN A 63 2.26 3.02 -2.27
N VAL A 64 0.97 2.69 -2.14
CA VAL A 64 0.55 1.58 -1.33
C VAL A 64 0.97 0.26 -1.96
N SER A 65 1.02 0.24 -3.28
CA SER A 65 1.41 -0.95 -4.02
C SER A 65 2.93 -1.07 -4.01
N SER A 66 3.58 0.08 -4.06
CA SER A 66 5.03 0.14 -4.04
C SER A 66 5.55 -0.26 -2.67
N HIS A 67 4.79 0.10 -1.64
CA HIS A 67 5.15 -0.20 -0.27
C HIS A 67 5.13 -1.70 -0.03
N ILE A 68 4.13 -2.37 -0.60
CA ILE A 68 4.00 -3.81 -0.46
C ILE A 68 5.17 -4.52 -1.14
N GLN A 69 5.73 -3.87 -2.14
CA GLN A 69 6.86 -4.44 -2.87
C GLN A 69 8.11 -4.47 -1.98
N VAL A 70 8.15 -3.56 -1.01
CA VAL A 70 9.28 -3.49 -0.10
C VAL A 70 9.29 -4.67 0.87
N LEU A 71 8.13 -4.91 1.46
CA LEU A 71 7.99 -6.01 2.40
C LEU A 71 8.07 -7.34 1.67
N ALA A 72 7.69 -7.34 0.40
CA ALA A 72 7.72 -8.53 -0.41
C ALA A 72 9.15 -8.84 -0.86
N ARG A 73 9.97 -7.79 -0.94
CA ARG A 73 11.35 -7.95 -1.35
C ARG A 73 12.19 -8.53 -0.21
N ARG A 74 11.78 -8.27 1.01
CA ARG A 74 12.49 -8.76 2.18
C ARG A 74 12.16 -10.23 2.43
N LYS A 75 10.97 -10.64 2.04
CA LYS A 75 10.53 -12.02 2.22
C LYS A 75 10.94 -12.88 1.03
N SER A 76 11.15 -12.24 -0.12
CA SER A 76 11.54 -12.95 -1.32
C SER A 76 12.92 -13.59 -1.18
N ARG A 77 13.67 -13.15 -0.17
CA ARG A 77 15.00 -13.69 0.08
C ARG A 77 14.95 -15.20 0.31
N ASP A 78 13.77 -15.70 0.66
CA ASP A 78 13.59 -17.13 0.91
C ASP A 78 13.45 -17.89 -0.40
N LEU A 79 12.72 -17.30 -1.34
CA LEU A 79 12.50 -17.91 -2.63
C LEU A 79 12.53 -16.85 -3.73
N VAL A 80 13.71 -16.30 -3.99
CA VAL A 80 13.88 -15.28 -5.02
C VAL A 80 13.41 -15.79 -6.38
N PRO A 81 12.67 -14.97 -7.14
CA PRO A 81 12.17 -15.36 -8.47
C PRO A 81 13.29 -15.54 -9.48
N ARG A 82 13.29 -16.67 -10.18
CA ARG A 82 14.31 -16.96 -11.17
C ARG A 82 14.31 -15.92 -12.28
N MET A 1 16.37 16.13 -8.09
CA MET A 1 16.04 15.30 -6.92
C MET A 1 15.33 16.12 -5.84
N ASP A 2 14.11 15.72 -5.50
CA ASP A 2 13.34 16.42 -4.49
C ASP A 2 14.05 16.41 -3.14
N ASN A 3 13.43 17.02 -2.14
CA ASN A 3 14.01 17.08 -0.81
C ASN A 3 13.33 16.10 0.13
N ASP A 4 12.81 15.01 -0.43
CA ASP A 4 12.13 13.98 0.33
C ASP A 4 13.09 13.31 1.33
N ALA A 5 14.39 13.44 1.07
CA ALA A 5 15.39 12.85 1.93
C ALA A 5 15.29 13.37 3.36
N GLU A 6 14.65 14.53 3.52
CA GLU A 6 14.48 15.14 4.83
C GLU A 6 13.11 14.82 5.41
N GLY A 7 12.51 13.78 4.89
CA GLY A 7 11.20 13.36 5.34
C GLY A 7 10.17 14.47 5.29
N VAL A 8 10.24 15.30 4.25
CA VAL A 8 9.31 16.41 4.09
C VAL A 8 7.87 15.91 3.99
N TRP A 9 7.72 14.68 3.54
CA TRP A 9 6.40 14.07 3.40
C TRP A 9 5.81 13.73 4.76
N SER A 10 4.49 13.80 4.85
CA SER A 10 3.80 13.49 6.10
C SER A 10 4.12 12.07 6.57
N PRO A 11 4.91 11.94 7.66
CA PRO A 11 5.28 10.63 8.20
C PRO A 11 4.10 9.89 8.83
N ASP A 12 3.04 10.64 9.14
CA ASP A 12 1.86 10.05 9.75
C ASP A 12 1.12 9.16 8.77
N ILE A 13 1.22 9.50 7.50
CA ILE A 13 0.56 8.73 6.45
C ILE A 13 1.22 7.36 6.30
N GLU A 14 2.51 7.31 6.56
CA GLU A 14 3.25 6.06 6.46
C GLU A 14 2.73 5.07 7.48
N GLN A 15 2.30 5.59 8.62
CA GLN A 15 1.75 4.78 9.67
C GLN A 15 0.44 4.14 9.23
N SER A 16 -0.50 5.00 8.88
CA SER A 16 -1.80 4.55 8.42
C SER A 16 -1.63 3.69 7.16
N PHE A 17 -0.51 3.89 6.48
CA PHE A 17 -0.21 3.13 5.27
C PHE A 17 0.13 1.69 5.60
N GLN A 18 0.75 1.49 6.75
CA GLN A 18 1.12 0.15 7.19
C GLN A 18 -0.13 -0.68 7.43
N GLU A 19 -1.16 -0.03 7.94
CA GLU A 19 -2.42 -0.71 8.21
C GLU A 19 -2.98 -1.33 6.95
N ALA A 20 -2.76 -0.66 5.83
CA ALA A 20 -3.22 -1.14 4.55
C ALA A 20 -2.28 -2.21 4.01
N LEU A 21 -1.02 -2.14 4.41
CA LEU A 21 -0.03 -3.11 3.99
C LEU A 21 -0.12 -4.36 4.84
N SER A 22 -0.49 -4.18 6.10
CA SER A 22 -0.62 -5.30 7.03
C SER A 22 -1.94 -6.02 6.75
N ILE A 23 -2.93 -5.26 6.34
CA ILE A 23 -4.24 -5.82 6.02
C ILE A 23 -4.32 -6.23 4.56
N TYR A 24 -3.67 -5.45 3.72
CA TYR A 24 -3.65 -5.70 2.29
C TYR A 24 -2.22 -5.97 1.80
N PRO A 25 -1.77 -7.23 1.91
CA PRO A 25 -0.44 -7.63 1.48
C PRO A 25 -0.40 -8.00 0.00
N PRO A 26 0.81 -8.01 -0.61
CA PRO A 26 0.97 -8.35 -2.02
C PRO A 26 0.62 -9.81 -2.32
N CYS A 27 0.66 -10.63 -1.29
CA CYS A 27 0.35 -12.05 -1.43
C CYS A 27 -1.15 -12.30 -1.24
N GLY A 28 -1.55 -13.55 -1.45
CA GLY A 28 -2.95 -13.91 -1.31
C GLY A 28 -3.84 -13.21 -2.32
N ARG A 29 -3.34 -13.06 -3.54
CA ARG A 29 -4.10 -12.40 -4.60
C ARG A 29 -5.36 -13.20 -4.93
N ARG A 30 -6.46 -12.83 -4.27
CA ARG A 30 -7.75 -13.50 -4.50
C ARG A 30 -8.23 -13.28 -5.93
N LYS A 31 -8.96 -14.26 -6.46
CA LYS A 31 -9.50 -14.17 -7.81
C LYS A 31 -10.45 -13.00 -7.95
N ILE A 32 -10.54 -12.44 -9.15
CA ILE A 32 -11.41 -11.31 -9.42
C ILE A 32 -11.57 -11.08 -10.91
N ILE A 33 -12.82 -11.05 -11.37
CA ILE A 33 -13.12 -10.82 -12.78
C ILE A 33 -14.51 -10.23 -12.96
N LEU A 34 -14.56 -9.04 -13.55
CA LEU A 34 -15.83 -8.36 -13.78
C LEU A 34 -16.69 -9.12 -14.78
N SER A 35 -16.05 -9.95 -15.59
CA SER A 35 -16.76 -10.74 -16.59
C SER A 35 -17.77 -11.67 -15.93
N ASP A 36 -17.52 -12.02 -14.68
CA ASP A 36 -18.40 -12.90 -13.93
C ASP A 36 -18.85 -12.24 -12.63
N GLU A 37 -17.90 -12.04 -11.73
CA GLU A 37 -18.19 -11.42 -10.44
C GLU A 37 -18.71 -10.00 -10.61
N GLY A 38 -18.45 -9.41 -11.77
CA GLY A 38 -18.89 -8.05 -12.02
C GLY A 38 -18.25 -7.04 -11.09
N LYS A 39 -17.13 -7.42 -10.49
CA LYS A 39 -16.41 -6.55 -9.60
C LYS A 39 -14.91 -6.79 -9.73
N MET A 40 -14.30 -6.03 -10.61
CA MET A 40 -12.87 -6.14 -10.84
C MET A 40 -12.29 -4.79 -11.25
N TYR A 41 -11.92 -4.00 -10.26
CA TYR A 41 -11.36 -2.68 -10.50
C TYR A 41 -10.30 -2.34 -9.45
N GLY A 42 -9.77 -1.13 -9.51
CA GLY A 42 -8.77 -0.70 -8.56
C GLY A 42 -9.21 -0.90 -7.11
N ARG A 43 -8.72 -1.96 -6.48
CA ARG A 43 -9.06 -2.26 -5.10
C ARG A 43 -8.35 -1.32 -4.14
N ASN A 44 -7.20 -0.82 -4.56
CA ASN A 44 -6.41 0.08 -3.73
C ASN A 44 -7.28 1.21 -3.18
N GLU A 45 -8.34 1.54 -3.90
CA GLU A 45 -9.26 2.59 -3.48
C GLU A 45 -9.98 2.19 -2.20
N LEU A 46 -10.19 0.88 -2.04
CA LEU A 46 -10.86 0.36 -0.88
C LEU A 46 -10.02 0.56 0.36
N ILE A 47 -8.80 0.08 0.29
CA ILE A 47 -7.85 0.20 1.38
C ILE A 47 -7.51 1.66 1.64
N ALA A 48 -7.56 2.45 0.58
CA ALA A 48 -7.27 3.87 0.70
C ALA A 48 -8.43 4.61 1.33
N ARG A 49 -9.63 4.05 1.19
CA ARG A 49 -10.81 4.65 1.77
C ARG A 49 -10.79 4.48 3.28
N TYR A 50 -10.15 3.42 3.73
CA TYR A 50 -10.03 3.14 5.15
C TYR A 50 -9.14 4.17 5.82
N ILE A 51 -7.94 4.30 5.28
CA ILE A 51 -6.97 5.26 5.80
C ILE A 51 -7.49 6.68 5.65
N LYS A 52 -8.26 6.90 4.60
CA LYS A 52 -8.83 8.21 4.32
C LYS A 52 -9.97 8.51 5.29
N LEU A 53 -10.60 7.46 5.79
CA LEU A 53 -11.72 7.61 6.73
C LEU A 53 -11.23 7.63 8.17
N ARG A 54 -10.07 7.03 8.40
CA ARG A 54 -9.50 6.97 9.75
C ARG A 54 -8.65 8.19 10.06
N THR A 55 -7.62 8.39 9.26
CA THR A 55 -6.71 9.52 9.44
C THR A 55 -7.28 10.81 8.84
N GLY A 56 -8.24 10.66 7.92
CA GLY A 56 -8.83 11.82 7.29
C GLY A 56 -7.84 12.62 6.47
N LYS A 57 -6.68 12.01 6.18
CA LYS A 57 -5.65 12.67 5.40
C LYS A 57 -5.65 12.17 3.96
N THR A 58 -4.63 12.57 3.19
CA THR A 58 -4.51 12.16 1.80
C THR A 58 -4.69 10.66 1.65
N ARG A 59 -4.80 10.20 0.41
CA ARG A 59 -4.97 8.78 0.12
C ARG A 59 -4.48 8.47 -1.28
N THR A 60 -3.18 8.61 -1.48
CA THR A 60 -2.57 8.34 -2.77
C THR A 60 -2.76 6.89 -3.18
N ARG A 61 -2.62 6.61 -4.47
CA ARG A 61 -2.78 5.26 -4.98
C ARG A 61 -1.44 4.66 -5.36
N LYS A 62 -0.59 5.50 -5.93
CA LYS A 62 0.74 5.06 -6.35
C LYS A 62 1.61 4.77 -5.14
N GLN A 63 1.32 5.45 -4.04
CA GLN A 63 2.06 5.27 -2.81
C GLN A 63 1.72 3.92 -2.18
N VAL A 64 0.52 3.42 -2.46
CA VAL A 64 0.08 2.14 -1.94
C VAL A 64 0.82 1.00 -2.60
N SER A 65 1.26 1.22 -3.83
CA SER A 65 2.01 0.21 -4.57
C SER A 65 3.47 0.29 -4.20
N SER A 66 3.91 1.50 -3.89
CA SER A 66 5.27 1.76 -3.49
C SER A 66 5.51 1.26 -2.08
N HIS A 67 4.46 1.34 -1.27
CA HIS A 67 4.54 0.90 0.12
C HIS A 67 4.68 -0.61 0.20
N ILE A 68 4.08 -1.31 -0.75
CA ILE A 68 4.14 -2.76 -0.79
C ILE A 68 5.53 -3.24 -1.19
N GLN A 69 6.23 -2.41 -1.95
CA GLN A 69 7.57 -2.73 -2.40
C GLN A 69 8.57 -2.62 -1.26
N VAL A 70 8.27 -1.75 -0.31
CA VAL A 70 9.12 -1.54 0.85
C VAL A 70 9.06 -2.73 1.78
N LEU A 71 7.92 -3.42 1.78
CA LEU A 71 7.74 -4.59 2.63
C LEU A 71 8.59 -5.75 2.14
N ALA A 72 8.84 -5.78 0.84
CA ALA A 72 9.64 -6.83 0.25
C ALA A 72 11.11 -6.70 0.65
N ARG A 73 11.52 -5.47 0.92
CA ARG A 73 12.89 -5.20 1.32
C ARG A 73 13.15 -5.72 2.74
N ARG A 74 12.10 -5.77 3.54
CA ARG A 74 12.21 -6.24 4.91
C ARG A 74 12.44 -7.75 4.94
N LYS A 75 11.93 -8.44 3.92
CA LYS A 75 12.07 -9.88 3.83
C LYS A 75 13.50 -10.27 3.45
N SER A 76 14.20 -9.34 2.80
CA SER A 76 15.57 -9.59 2.38
C SER A 76 16.51 -9.73 3.58
N ARG A 77 16.03 -9.31 4.75
CA ARG A 77 16.82 -9.41 5.97
C ARG A 77 17.28 -10.84 6.23
N ASP A 78 16.58 -11.80 5.64
CA ASP A 78 16.91 -13.20 5.80
C ASP A 78 16.96 -13.92 4.45
N LEU A 79 15.97 -13.66 3.62
CA LEU A 79 15.89 -14.26 2.30
C LEU A 79 16.96 -13.69 1.38
N VAL A 80 18.21 -14.05 1.65
CA VAL A 80 19.34 -13.57 0.85
C VAL A 80 19.24 -14.10 -0.59
N PRO A 81 18.96 -13.21 -1.56
CA PRO A 81 18.85 -13.59 -2.98
C PRO A 81 20.19 -14.00 -3.57
N ARG A 82 21.28 -13.68 -2.88
CA ARG A 82 22.61 -14.01 -3.34
C ARG A 82 23.01 -15.40 -2.85
N MET A 1 2.98 22.21 -4.46
CA MET A 1 2.94 22.84 -3.12
C MET A 1 3.77 22.05 -2.11
N ASP A 2 5.07 22.33 -2.07
CA ASP A 2 5.97 21.64 -1.15
C ASP A 2 5.58 21.90 0.30
N ASN A 3 4.63 21.11 0.80
CA ASN A 3 4.16 21.23 2.16
C ASN A 3 5.29 21.02 3.17
N ASP A 4 6.35 20.34 2.73
CA ASP A 4 7.50 20.06 3.58
C ASP A 4 8.15 21.35 4.06
N ALA A 5 7.89 22.45 3.35
CA ALA A 5 8.45 23.75 3.71
C ALA A 5 8.06 24.15 5.12
N GLU A 6 6.98 23.57 5.63
CA GLU A 6 6.50 23.87 6.97
C GLU A 6 6.49 22.63 7.84
N GLY A 7 7.24 21.65 7.42
CA GLY A 7 7.33 20.39 8.15
C GLY A 7 5.98 19.75 8.39
N VAL A 8 5.02 20.06 7.53
CA VAL A 8 3.68 19.52 7.64
C VAL A 8 3.67 18.01 7.41
N TRP A 9 4.72 17.51 6.77
CA TRP A 9 4.83 16.08 6.49
C TRP A 9 4.77 15.25 7.78
N SER A 10 3.58 14.73 8.08
CA SER A 10 3.39 13.93 9.28
C SER A 10 3.77 12.48 9.04
N PRO A 11 4.30 11.80 10.06
CA PRO A 11 4.70 10.40 9.94
C PRO A 11 3.52 9.45 9.84
N ASP A 12 2.32 9.97 10.13
CA ASP A 12 1.10 9.16 10.06
C ASP A 12 0.91 8.58 8.67
N ILE A 13 1.53 9.22 7.68
CA ILE A 13 1.43 8.75 6.30
C ILE A 13 2.16 7.43 6.12
N GLU A 14 3.44 7.45 6.44
CA GLU A 14 4.26 6.25 6.34
C GLU A 14 3.73 5.17 7.26
N GLN A 15 3.02 5.58 8.30
CA GLN A 15 2.45 4.67 9.26
C GLN A 15 1.21 4.01 8.69
N SER A 16 0.39 4.82 8.03
CA SER A 16 -0.82 4.33 7.42
C SER A 16 -0.49 3.38 6.27
N PHE A 17 0.72 3.54 5.73
CA PHE A 17 1.18 2.70 4.64
C PHE A 17 1.41 1.27 5.11
N GLN A 18 1.85 1.14 6.36
CA GLN A 18 2.09 -0.18 6.93
C GLN A 18 0.79 -0.94 7.06
N GLU A 19 -0.27 -0.23 7.38
CA GLU A 19 -1.58 -0.83 7.54
C GLU A 19 -2.01 -1.50 6.25
N ALA A 20 -1.64 -0.88 5.13
CA ALA A 20 -1.97 -1.42 3.83
C ALA A 20 -1.02 -2.54 3.46
N LEU A 21 0.18 -2.51 4.03
CA LEU A 21 1.17 -3.52 3.77
C LEU A 21 0.93 -4.74 4.64
N SER A 22 0.42 -4.49 5.85
CA SER A 22 0.13 -5.56 6.79
C SER A 22 -1.18 -6.23 6.41
N ILE A 23 -2.08 -5.44 5.84
CA ILE A 23 -3.38 -5.93 5.41
C ILE A 23 -3.32 -6.41 3.97
N TYR A 24 -2.54 -5.70 3.17
CA TYR A 24 -2.39 -6.00 1.76
C TYR A 24 -0.94 -6.39 1.44
N PRO A 25 -0.58 -7.67 1.64
CA PRO A 25 0.76 -8.17 1.37
C PRO A 25 0.93 -8.59 -0.09
N PRO A 26 2.17 -8.93 -0.49
CA PRO A 26 2.46 -9.34 -1.87
C PRO A 26 1.72 -10.62 -2.27
N CYS A 27 1.27 -11.36 -1.28
CA CYS A 27 0.55 -12.60 -1.51
C CYS A 27 -0.26 -13.01 -0.28
N GLY A 28 -1.19 -13.94 -0.47
CA GLY A 28 -2.01 -14.39 0.63
C GLY A 28 -3.45 -14.65 0.22
N ARG A 29 -4.00 -13.75 -0.60
CA ARG A 29 -5.37 -13.88 -1.06
C ARG A 29 -5.60 -13.06 -2.33
N ARG A 30 -6.14 -13.71 -3.36
CA ARG A 30 -6.42 -13.04 -4.62
C ARG A 30 -7.73 -13.52 -5.21
N LYS A 31 -8.83 -12.89 -4.81
CA LYS A 31 -10.15 -13.25 -5.30
C LYS A 31 -11.08 -12.03 -5.32
N ILE A 32 -11.40 -11.56 -6.52
CA ILE A 32 -12.28 -10.41 -6.68
C ILE A 32 -13.12 -10.52 -7.94
N ILE A 33 -14.43 -10.39 -7.79
CA ILE A 33 -15.34 -10.48 -8.92
C ILE A 33 -15.88 -9.11 -9.30
N LEU A 34 -15.63 -8.69 -10.53
CA LEU A 34 -16.08 -7.41 -11.02
C LEU A 34 -17.24 -7.57 -12.00
N SER A 35 -17.33 -8.75 -12.61
CA SER A 35 -18.39 -9.03 -13.58
C SER A 35 -19.74 -9.12 -12.89
N ASP A 36 -19.72 -9.49 -11.61
CA ASP A 36 -20.95 -9.63 -10.83
C ASP A 36 -21.38 -8.29 -10.25
N GLU A 37 -20.61 -7.78 -9.30
CA GLU A 37 -20.90 -6.52 -8.66
C GLU A 37 -20.83 -5.35 -9.64
N GLY A 38 -20.05 -5.54 -10.70
CA GLY A 38 -19.91 -4.49 -11.71
C GLY A 38 -19.27 -3.24 -11.16
N LYS A 39 -18.66 -3.34 -9.99
CA LYS A 39 -18.00 -2.23 -9.36
C LYS A 39 -16.76 -2.69 -8.60
N MET A 40 -15.64 -2.70 -9.28
CA MET A 40 -14.39 -3.13 -8.69
C MET A 40 -13.22 -2.39 -9.32
N TYR A 41 -12.92 -1.22 -8.78
CA TYR A 41 -11.82 -0.40 -9.29
C TYR A 41 -10.48 -1.04 -8.98
N GLY A 42 -9.39 -0.34 -9.31
CA GLY A 42 -8.06 -0.86 -9.05
C GLY A 42 -7.87 -1.31 -7.61
N ARG A 43 -7.23 -2.45 -7.43
CA ARG A 43 -7.00 -2.99 -6.10
C ARG A 43 -6.08 -2.08 -5.29
N ASN A 44 -5.27 -1.28 -5.98
CA ASN A 44 -4.37 -0.37 -5.31
C ASN A 44 -5.14 0.84 -4.78
N GLU A 45 -6.28 1.12 -5.38
CA GLU A 45 -7.10 2.23 -4.96
C GLU A 45 -7.69 1.96 -3.58
N LEU A 46 -7.94 0.70 -3.29
CA LEU A 46 -8.49 0.30 -2.01
C LEU A 46 -7.49 0.57 -0.90
N ILE A 47 -6.31 0.02 -1.07
CA ILE A 47 -5.23 0.18 -0.11
C ILE A 47 -4.80 1.63 -0.03
N ALA A 48 -4.92 2.32 -1.15
CA ALA A 48 -4.56 3.73 -1.21
C ALA A 48 -5.61 4.58 -0.53
N ARG A 49 -6.83 4.06 -0.45
CA ARG A 49 -7.91 4.78 0.20
C ARG A 49 -7.71 4.77 1.72
N TYR A 50 -7.04 3.73 2.20
CA TYR A 50 -6.75 3.60 3.61
C TYR A 50 -5.76 4.65 4.06
N ILE A 51 -4.65 4.72 3.36
CA ILE A 51 -3.62 5.69 3.66
C ILE A 51 -4.13 7.11 3.43
N LYS A 52 -4.98 7.26 2.44
CA LYS A 52 -5.56 8.55 2.11
C LYS A 52 -6.66 8.93 3.09
N LEU A 53 -7.27 7.92 3.69
CA LEU A 53 -8.34 8.14 4.65
C LEU A 53 -7.78 8.40 6.04
N ARG A 54 -6.57 7.89 6.30
CA ARG A 54 -5.93 8.08 7.59
C ARG A 54 -5.53 9.53 7.80
N THR A 55 -4.70 10.02 6.91
CA THR A 55 -4.22 11.40 6.97
C THR A 55 -5.28 12.38 6.48
N GLY A 56 -6.25 11.86 5.72
CA GLY A 56 -7.30 12.71 5.20
C GLY A 56 -6.87 13.56 4.01
N LYS A 57 -5.61 13.41 3.60
CA LYS A 57 -5.08 14.16 2.48
C LYS A 57 -3.75 13.59 2.02
N THR A 58 -3.80 12.61 1.12
CA THR A 58 -2.60 11.98 0.59
C THR A 58 -2.81 11.53 -0.85
N ARG A 59 -1.71 11.16 -1.50
CA ARG A 59 -1.75 10.69 -2.87
C ARG A 59 -0.54 9.81 -3.15
N THR A 60 -0.51 8.66 -2.49
CA THR A 60 0.58 7.70 -2.66
C THR A 60 0.05 6.31 -2.99
N ARG A 61 -0.10 6.03 -4.28
CA ARG A 61 -0.59 4.74 -4.72
C ARG A 61 0.52 3.94 -5.39
N LYS A 62 1.40 4.65 -6.07
CA LYS A 62 2.53 4.01 -6.75
C LYS A 62 3.53 3.49 -5.74
N GLN A 63 3.58 4.13 -4.57
CA GLN A 63 4.50 3.73 -3.52
C GLN A 63 4.04 2.42 -2.89
N VAL A 64 2.75 2.16 -2.94
CA VAL A 64 2.17 0.95 -2.38
C VAL A 64 2.54 -0.26 -3.22
N SER A 65 2.76 -0.04 -4.51
CA SER A 65 3.13 -1.11 -5.42
C SER A 65 4.62 -1.35 -5.34
N SER A 66 5.36 -0.27 -5.14
CA SER A 66 6.79 -0.33 -5.01
C SER A 66 7.18 -0.95 -3.68
N HIS A 67 6.35 -0.70 -2.68
CA HIS A 67 6.59 -1.23 -1.34
C HIS A 67 6.40 -2.74 -1.31
N ILE A 68 5.51 -3.24 -2.15
CA ILE A 68 5.25 -4.66 -2.22
C ILE A 68 6.39 -5.40 -2.89
N GLN A 69 7.10 -4.70 -3.77
CA GLN A 69 8.23 -5.28 -4.48
C GLN A 69 9.44 -5.41 -3.58
N VAL A 70 9.56 -4.47 -2.64
CA VAL A 70 10.67 -4.47 -1.70
C VAL A 70 10.49 -5.56 -0.65
N LEU A 71 9.24 -5.88 -0.36
CA LEU A 71 8.92 -6.91 0.61
C LEU A 71 9.23 -8.29 0.05
N ALA A 72 9.17 -8.41 -1.27
CA ALA A 72 9.45 -9.67 -1.93
C ALA A 72 10.95 -10.00 -1.89
N ARG A 73 11.76 -8.96 -1.86
CA ARG A 73 13.21 -9.13 -1.81
C ARG A 73 13.65 -9.57 -0.41
N ARG A 74 12.92 -9.12 0.59
CA ARG A 74 13.22 -9.46 1.98
C ARG A 74 12.82 -10.89 2.28
N LYS A 75 11.83 -11.39 1.54
CA LYS A 75 11.34 -12.74 1.73
C LYS A 75 12.27 -13.75 1.06
N SER A 76 13.03 -13.29 0.08
CA SER A 76 13.96 -14.15 -0.64
C SER A 76 15.00 -14.74 0.30
N ARG A 77 15.18 -14.12 1.46
CA ARG A 77 16.14 -14.59 2.44
C ARG A 77 15.77 -15.98 2.95
N ASP A 78 14.52 -16.39 2.70
CA ASP A 78 14.05 -17.70 3.14
C ASP A 78 14.83 -18.82 2.47
N LEU A 79 15.46 -18.52 1.33
CA LEU A 79 16.24 -19.50 0.60
C LEU A 79 17.45 -19.96 1.40
N VAL A 80 17.20 -20.84 2.37
CA VAL A 80 18.27 -21.36 3.22
C VAL A 80 19.27 -22.18 2.40
N PRO A 81 20.51 -21.66 2.21
CA PRO A 81 21.54 -22.36 1.45
C PRO A 81 22.02 -23.64 2.14
N ARG A 82 22.04 -24.74 1.39
CA ARG A 82 22.49 -26.01 1.93
C ARG A 82 22.90 -26.96 0.81
N MET A 1 0.89 17.20 0.85
CA MET A 1 1.81 16.50 1.79
C MET A 1 1.96 17.28 3.09
N ASP A 2 1.13 16.95 4.08
CA ASP A 2 1.18 17.62 5.37
C ASP A 2 2.54 17.45 6.04
N ASN A 3 3.32 18.53 6.04
CA ASN A 3 4.65 18.50 6.64
C ASN A 3 4.66 19.22 7.99
N ASP A 4 3.50 19.25 8.64
CA ASP A 4 3.36 19.91 9.94
C ASP A 4 3.91 19.03 11.06
N ALA A 5 4.19 17.77 10.75
CA ALA A 5 4.71 16.83 11.75
C ALA A 5 5.85 17.44 12.54
N GLU A 6 6.84 17.93 11.82
CA GLU A 6 8.01 18.56 12.45
C GLU A 6 8.20 19.99 11.96
N GLY A 7 7.16 20.50 11.36
CA GLY A 7 7.18 21.86 10.84
C GLY A 7 8.10 22.03 9.63
N VAL A 8 8.67 20.93 9.15
CA VAL A 8 9.56 20.96 8.01
C VAL A 8 9.15 19.95 6.95
N TRP A 9 9.53 18.70 7.18
CA TRP A 9 9.20 17.62 6.26
C TRP A 9 7.83 17.02 6.58
N SER A 10 7.48 15.94 5.88
CA SER A 10 6.21 15.28 6.09
C SER A 10 6.39 13.76 6.14
N PRO A 11 6.72 13.22 7.32
CA PRO A 11 6.92 11.79 7.50
C PRO A 11 5.61 11.01 7.53
N ASP A 12 4.51 11.72 7.71
CA ASP A 12 3.18 11.10 7.76
C ASP A 12 2.85 10.44 6.42
N ILE A 13 3.47 10.92 5.36
CA ILE A 13 3.24 10.38 4.02
C ILE A 13 3.88 9.02 3.89
N GLU A 14 5.18 8.97 4.16
CA GLU A 14 5.93 7.72 4.09
C GLU A 14 5.41 6.75 5.13
N GLN A 15 4.81 7.29 6.19
CA GLN A 15 4.26 6.49 7.26
C GLN A 15 2.94 5.86 6.83
N SER A 16 2.12 6.66 6.17
CA SER A 16 0.84 6.20 5.67
C SER A 16 1.04 5.15 4.59
N PHE A 17 2.23 5.17 3.97
CA PHE A 17 2.56 4.21 2.92
C PHE A 17 2.76 2.83 3.50
N GLN A 18 3.48 2.77 4.62
CA GLN A 18 3.74 1.50 5.28
C GLN A 18 2.44 0.92 5.82
N GLU A 19 1.52 1.79 6.17
CA GLU A 19 0.23 1.37 6.70
C GLU A 19 -0.56 0.63 5.63
N ALA A 20 -0.41 1.06 4.40
CA ALA A 20 -1.10 0.43 3.29
C ALA A 20 -0.38 -0.82 2.84
N LEU A 21 0.94 -0.82 3.02
CA LEU A 21 1.77 -1.95 2.66
C LEU A 21 1.73 -3.00 3.77
N SER A 22 1.56 -2.53 4.99
CA SER A 22 1.48 -3.42 6.15
C SER A 22 0.11 -4.08 6.21
N ILE A 23 -0.90 -3.33 5.80
CA ILE A 23 -2.26 -3.82 5.79
C ILE A 23 -2.54 -4.63 4.54
N TYR A 24 -1.95 -4.18 3.44
CA TYR A 24 -2.11 -4.84 2.15
C TYR A 24 -0.76 -5.36 1.64
N PRO A 25 -0.36 -6.56 2.07
CA PRO A 25 0.89 -7.18 1.66
C PRO A 25 0.76 -7.93 0.34
N PRO A 26 1.91 -8.32 -0.26
CA PRO A 26 1.92 -9.06 -1.52
C PRO A 26 1.33 -10.46 -1.41
N CYS A 27 1.12 -10.91 -0.18
CA CYS A 27 0.56 -12.23 0.08
C CYS A 27 -0.20 -12.26 1.40
N GLY A 28 -0.84 -13.38 1.69
CA GLY A 28 -1.59 -13.52 2.92
C GLY A 28 -3.08 -13.33 2.72
N ARG A 29 -3.44 -12.41 1.82
CA ARG A 29 -4.84 -12.13 1.54
C ARG A 29 -4.99 -11.45 0.18
N ARG A 30 -5.22 -12.26 -0.86
CA ARG A 30 -5.38 -11.76 -2.20
C ARG A 30 -6.47 -12.52 -2.95
N LYS A 31 -7.50 -11.81 -3.40
CA LYS A 31 -8.59 -12.42 -4.12
C LYS A 31 -9.21 -11.44 -5.11
N ILE A 32 -9.77 -11.96 -6.19
CA ILE A 32 -10.40 -11.14 -7.21
C ILE A 32 -11.29 -11.97 -8.13
N ILE A 33 -12.55 -11.57 -8.23
CA ILE A 33 -13.51 -12.28 -9.07
C ILE A 33 -14.80 -11.48 -9.22
N LEU A 34 -14.78 -10.49 -10.10
CA LEU A 34 -15.93 -9.64 -10.34
C LEU A 34 -17.04 -10.39 -11.07
N SER A 35 -16.68 -11.51 -11.70
CA SER A 35 -17.65 -12.32 -12.44
C SER A 35 -18.84 -12.71 -11.56
N ASP A 36 -18.62 -12.69 -10.25
CA ASP A 36 -19.67 -13.04 -9.30
C ASP A 36 -20.09 -11.83 -8.48
N GLU A 37 -19.18 -11.32 -7.66
CA GLU A 37 -19.47 -10.17 -6.81
C GLU A 37 -19.79 -8.94 -7.65
N GLY A 38 -19.28 -8.90 -8.86
CA GLY A 38 -19.53 -7.77 -9.74
C GLY A 38 -19.10 -6.45 -9.15
N LYS A 39 -18.22 -6.50 -8.15
CA LYS A 39 -17.72 -5.32 -7.50
C LYS A 39 -16.27 -5.51 -7.08
N MET A 40 -15.37 -5.15 -7.98
CA MET A 40 -13.95 -5.27 -7.72
C MET A 40 -13.17 -4.18 -8.44
N TYR A 41 -13.05 -3.03 -7.81
CA TYR A 41 -12.34 -1.90 -8.40
C TYR A 41 -10.84 -2.17 -8.45
N GLY A 42 -10.08 -1.18 -8.91
CA GLY A 42 -8.64 -1.33 -9.00
C GLY A 42 -8.00 -1.62 -7.65
N ARG A 43 -7.06 -2.55 -7.63
CA ARG A 43 -6.38 -2.91 -6.40
C ARG A 43 -5.63 -1.72 -5.81
N ASN A 44 -5.21 -0.81 -6.68
CA ASN A 44 -4.49 0.38 -6.25
C ASN A 44 -5.39 1.29 -5.44
N GLU A 45 -6.68 1.25 -5.73
CA GLU A 45 -7.66 2.06 -5.01
C GLU A 45 -7.71 1.63 -3.55
N LEU A 46 -7.41 0.36 -3.31
CA LEU A 46 -7.40 -0.19 -1.97
C LEU A 46 -6.32 0.46 -1.14
N ILE A 47 -5.09 0.33 -1.61
CA ILE A 47 -3.95 0.90 -0.91
C ILE A 47 -4.04 2.42 -0.90
N ALA A 48 -4.64 2.97 -1.94
CA ALA A 48 -4.81 4.41 -2.05
C ALA A 48 -5.96 4.88 -1.15
N ARG A 49 -6.91 3.99 -0.90
CA ARG A 49 -8.03 4.31 -0.05
C ARG A 49 -7.58 4.41 1.39
N TYR A 50 -6.54 3.66 1.72
CA TYR A 50 -6.00 3.67 3.07
C TYR A 50 -5.32 5.00 3.36
N ILE A 51 -4.41 5.37 2.48
CA ILE A 51 -3.68 6.61 2.62
C ILE A 51 -4.62 7.80 2.48
N LYS A 52 -5.64 7.62 1.64
CA LYS A 52 -6.62 8.67 1.41
C LYS A 52 -7.57 8.79 2.60
N LEU A 53 -7.73 7.70 3.33
CA LEU A 53 -8.62 7.68 4.49
C LEU A 53 -7.86 8.06 5.76
N ARG A 54 -6.56 7.82 5.76
CA ARG A 54 -5.72 8.12 6.91
C ARG A 54 -5.45 9.61 7.02
N THR A 55 -4.83 10.16 5.99
CA THR A 55 -4.50 11.57 5.95
C THR A 55 -5.70 12.41 5.50
N GLY A 56 -6.63 11.78 4.80
CA GLY A 56 -7.80 12.48 4.33
C GLY A 56 -7.50 13.47 3.22
N LYS A 57 -6.26 13.44 2.73
CA LYS A 57 -5.84 14.34 1.66
C LYS A 57 -4.49 13.92 1.09
N THR A 58 -4.52 13.02 0.11
CA THR A 58 -3.30 12.53 -0.52
C THR A 58 -3.55 12.18 -1.97
N ARG A 59 -2.47 11.91 -2.70
CA ARG A 59 -2.55 11.54 -4.10
C ARG A 59 -1.34 10.71 -4.49
N THR A 60 -1.25 9.52 -3.92
CA THR A 60 -0.15 8.61 -4.18
C THR A 60 -0.65 7.17 -4.29
N ARG A 61 -0.99 6.76 -5.51
CA ARG A 61 -1.50 5.41 -5.73
C ARG A 61 -0.48 4.57 -6.50
N LYS A 62 0.16 5.19 -7.47
CA LYS A 62 1.15 4.51 -8.28
C LYS A 62 2.42 4.25 -7.48
N GLN A 63 2.68 5.10 -6.50
CA GLN A 63 3.85 4.96 -5.66
C GLN A 63 3.64 3.86 -4.63
N VAL A 64 2.38 3.66 -4.24
CA VAL A 64 2.04 2.64 -3.26
C VAL A 64 1.98 1.26 -3.91
N SER A 65 1.87 1.23 -5.24
CA SER A 65 1.82 -0.02 -5.96
C SER A 65 3.22 -0.52 -6.25
N SER A 66 4.13 0.43 -6.40
CA SER A 66 5.53 0.14 -6.67
C SER A 66 6.19 -0.43 -5.43
N HIS A 67 5.77 0.07 -4.28
CA HIS A 67 6.31 -0.38 -3.00
C HIS A 67 5.93 -1.83 -2.72
N ILE A 68 4.75 -2.22 -3.20
CA ILE A 68 4.27 -3.58 -3.01
C ILE A 68 5.04 -4.57 -3.85
N GLN A 69 5.57 -4.09 -4.98
CA GLN A 69 6.34 -4.93 -5.88
C GLN A 69 7.73 -5.21 -5.31
N VAL A 70 8.23 -4.27 -4.52
CA VAL A 70 9.54 -4.42 -3.90
C VAL A 70 9.49 -5.43 -2.77
N LEU A 71 8.33 -5.54 -2.14
CA LEU A 71 8.14 -6.47 -1.04
C LEU A 71 8.11 -7.90 -1.55
N ALA A 72 7.67 -8.07 -2.80
CA ALA A 72 7.59 -9.38 -3.42
C ALA A 72 8.98 -9.93 -3.72
N ARG A 73 9.91 -9.01 -3.95
CA ARG A 73 11.28 -9.40 -4.26
C ARG A 73 11.98 -9.94 -3.02
N ARG A 74 11.55 -9.47 -1.86
CA ARG A 74 12.13 -9.90 -0.60
C ARG A 74 11.68 -11.32 -0.25
N LYS A 75 10.53 -11.71 -0.77
CA LYS A 75 9.99 -13.03 -0.53
C LYS A 75 10.66 -14.08 -1.40
N SER A 76 11.25 -13.64 -2.50
CA SER A 76 11.92 -14.55 -3.42
C SER A 76 13.11 -15.23 -2.76
N ARG A 77 13.59 -14.64 -1.67
CA ARG A 77 14.72 -15.20 -0.94
C ARG A 77 14.25 -16.11 0.19
N ASP A 78 13.05 -16.66 0.04
CA ASP A 78 12.48 -17.56 1.05
C ASP A 78 13.33 -18.82 1.20
N LEU A 79 14.11 -19.14 0.17
CA LEU A 79 14.97 -20.32 0.20
C LEU A 79 15.99 -20.21 1.32
N VAL A 80 15.60 -20.63 2.52
CA VAL A 80 16.49 -20.58 3.68
C VAL A 80 17.64 -21.56 3.52
N PRO A 81 18.90 -21.09 3.65
CA PRO A 81 20.09 -21.94 3.51
C PRO A 81 20.20 -22.96 4.64
N ARG A 82 19.41 -22.77 5.69
CA ARG A 82 19.43 -23.68 6.84
C ARG A 82 20.82 -23.72 7.47
N MET A 1 15.19 22.86 1.46
CA MET A 1 15.48 23.36 0.09
C MET A 1 14.49 22.80 -0.92
N ASP A 2 14.61 21.50 -1.19
CA ASP A 2 13.72 20.83 -2.15
C ASP A 2 12.27 20.93 -1.68
N ASN A 3 11.35 20.74 -2.62
CA ASN A 3 9.92 20.80 -2.31
C ASN A 3 9.54 19.75 -1.28
N ASP A 4 10.34 18.69 -1.20
CA ASP A 4 10.09 17.61 -0.25
C ASP A 4 10.24 18.09 1.19
N ALA A 5 10.97 19.18 1.38
CA ALA A 5 11.19 19.74 2.70
C ALA A 5 10.17 20.83 3.03
N GLU A 6 9.01 20.78 2.37
CA GLU A 6 7.96 21.76 2.58
C GLU A 6 6.91 21.25 3.55
N GLY A 7 7.29 20.25 4.31
CA GLY A 7 6.39 19.64 5.27
C GLY A 7 5.11 19.15 4.64
N VAL A 8 5.17 18.81 3.37
CA VAL A 8 3.99 18.31 2.65
C VAL A 8 3.51 16.98 3.21
N TRP A 9 4.42 16.26 3.87
CA TRP A 9 4.09 14.97 4.45
C TRP A 9 3.94 15.08 5.96
N SER A 10 3.27 14.09 6.56
CA SER A 10 3.05 14.09 7.99
C SER A 10 3.29 12.68 8.55
N PRO A 11 3.64 12.59 9.84
CA PRO A 11 3.90 11.30 10.50
C PRO A 11 2.64 10.43 10.59
N ASP A 12 1.48 11.07 10.50
CA ASP A 12 0.21 10.37 10.56
C ASP A 12 -0.05 9.59 9.27
N ILE A 13 0.57 10.03 8.19
CA ILE A 13 0.42 9.39 6.90
C ILE A 13 1.28 8.14 6.83
N GLU A 14 2.50 8.26 7.32
CA GLU A 14 3.41 7.14 7.34
C GLU A 14 2.92 6.07 8.31
N GLN A 15 2.17 6.51 9.31
CA GLN A 15 1.61 5.60 10.29
C GLN A 15 0.43 4.86 9.71
N SER A 16 -0.47 5.62 9.12
CA SER A 16 -1.64 5.05 8.49
C SER A 16 -1.21 4.18 7.31
N PHE A 17 0.01 4.42 6.83
CA PHE A 17 0.56 3.66 5.72
C PHE A 17 0.80 2.22 6.13
N GLN A 18 1.29 2.03 7.34
CA GLN A 18 1.54 0.70 7.85
C GLN A 18 0.24 -0.07 8.03
N GLU A 19 -0.83 0.66 8.30
CA GLU A 19 -2.14 0.06 8.50
C GLU A 19 -2.63 -0.54 7.19
N ALA A 20 -2.28 0.10 6.09
CA ALA A 20 -2.68 -0.38 4.77
C ALA A 20 -1.74 -1.46 4.30
N LEU A 21 -0.48 -1.35 4.71
CA LEU A 21 0.52 -2.34 4.34
C LEU A 21 0.43 -3.56 5.25
N SER A 22 -0.07 -3.35 6.46
CA SER A 22 -0.22 -4.43 7.42
C SER A 22 -1.49 -5.21 7.13
N ILE A 23 -2.50 -4.52 6.64
CA ILE A 23 -3.78 -5.13 6.31
C ILE A 23 -3.76 -5.75 4.91
N TYR A 24 -2.87 -5.24 4.06
CA TYR A 24 -2.76 -5.73 2.70
C TYR A 24 -1.37 -6.28 2.43
N PRO A 25 -1.12 -7.56 2.78
CA PRO A 25 0.16 -8.21 2.57
C PRO A 25 0.27 -8.82 1.18
N PRO A 26 1.43 -8.63 0.50
CA PRO A 26 1.64 -9.17 -0.84
C PRO A 26 1.46 -10.67 -0.90
N CYS A 27 2.36 -11.39 -0.25
CA CYS A 27 2.32 -12.85 -0.21
C CYS A 27 1.52 -13.33 0.99
N GLY A 28 0.64 -14.30 0.75
CA GLY A 28 -0.17 -14.84 1.84
C GLY A 28 -1.60 -15.13 1.40
N ARG A 29 -2.18 -14.21 0.64
CA ARG A 29 -3.55 -14.38 0.16
C ARG A 29 -3.80 -13.51 -1.07
N ARG A 30 -4.40 -14.11 -2.09
CA ARG A 30 -4.71 -13.40 -3.32
C ARG A 30 -6.07 -13.84 -3.88
N LYS A 31 -6.92 -12.86 -4.17
CA LYS A 31 -8.25 -13.14 -4.70
C LYS A 31 -8.73 -12.01 -5.61
N ILE A 32 -9.24 -12.37 -6.78
CA ILE A 32 -9.74 -11.40 -7.74
C ILE A 32 -10.57 -12.06 -8.82
N ILE A 33 -11.85 -11.71 -8.88
CA ILE A 33 -12.76 -12.27 -9.87
C ILE A 33 -13.51 -11.18 -10.61
N LEU A 34 -12.88 -10.60 -11.62
CA LEU A 34 -13.49 -9.55 -12.41
C LEU A 34 -14.52 -10.11 -13.38
N SER A 35 -14.32 -11.37 -13.77
CA SER A 35 -15.24 -12.03 -14.70
C SER A 35 -16.63 -12.13 -14.11
N ASP A 36 -16.72 -12.08 -12.79
CA ASP A 36 -18.00 -12.16 -12.10
C ASP A 36 -18.43 -10.80 -11.56
N GLU A 37 -17.61 -10.23 -10.68
CA GLU A 37 -17.91 -8.93 -10.10
C GLU A 37 -17.87 -7.83 -11.15
N GLY A 38 -16.96 -7.98 -12.10
CA GLY A 38 -16.83 -6.99 -13.16
C GLY A 38 -16.53 -5.60 -12.63
N LYS A 39 -16.05 -5.53 -11.39
CA LYS A 39 -15.71 -4.27 -10.77
C LYS A 39 -14.51 -4.45 -9.86
N MET A 40 -13.33 -4.26 -10.41
CA MET A 40 -12.10 -4.37 -9.66
C MET A 40 -11.04 -3.43 -10.21
N TYR A 41 -11.05 -2.20 -9.73
CA TYR A 41 -10.09 -1.19 -10.16
C TYR A 41 -8.68 -1.52 -9.66
N GLY A 42 -7.75 -0.63 -9.93
CA GLY A 42 -6.37 -0.85 -9.51
C GLY A 42 -6.27 -1.16 -8.02
N ARG A 43 -5.47 -2.16 -7.68
CA ARG A 43 -5.28 -2.56 -6.30
C ARG A 43 -4.82 -1.39 -5.43
N ASN A 44 -4.16 -0.43 -6.06
CA ASN A 44 -3.66 0.75 -5.36
C ASN A 44 -4.81 1.52 -4.71
N GLU A 45 -6.00 1.41 -5.30
CA GLU A 45 -7.17 2.08 -4.78
C GLU A 45 -7.64 1.44 -3.48
N LEU A 46 -7.29 0.18 -3.30
CA LEU A 46 -7.68 -0.56 -2.10
C LEU A 46 -6.85 -0.13 -0.90
N ILE A 47 -5.58 0.15 -1.14
CA ILE A 47 -4.69 0.58 -0.08
C ILE A 47 -4.96 2.04 0.27
N ALA A 48 -5.30 2.82 -0.73
CA ALA A 48 -5.60 4.22 -0.53
C ALA A 48 -6.96 4.40 0.10
N ARG A 49 -7.84 3.44 -0.12
CA ARG A 49 -9.17 3.48 0.46
C ARG A 49 -9.11 3.20 1.95
N TYR A 50 -8.09 2.45 2.36
CA TYR A 50 -7.89 2.12 3.75
C TYR A 50 -7.46 3.34 4.54
N ILE A 51 -6.42 3.98 4.05
CA ILE A 51 -5.89 5.18 4.69
C ILE A 51 -6.92 6.29 4.68
N LYS A 52 -7.74 6.31 3.63
CA LYS A 52 -8.78 7.32 3.49
C LYS A 52 -9.93 7.06 4.47
N LEU A 53 -10.09 5.79 4.84
CA LEU A 53 -11.15 5.40 5.76
C LEU A 53 -10.67 5.45 7.21
N ARG A 54 -9.36 5.51 7.41
CA ARG A 54 -8.79 5.54 8.75
C ARG A 54 -8.64 6.97 9.28
N THR A 55 -7.86 7.77 8.57
CA THR A 55 -7.61 9.14 8.97
C THR A 55 -8.41 10.13 8.12
N GLY A 56 -8.71 9.74 6.89
CA GLY A 56 -9.44 10.61 6.00
C GLY A 56 -8.55 11.58 5.25
N LYS A 57 -7.28 11.64 5.64
CA LYS A 57 -6.32 12.52 4.99
C LYS A 57 -5.95 11.99 3.60
N THR A 58 -4.95 12.60 2.99
CA THR A 58 -4.51 12.19 1.66
C THR A 58 -4.37 10.67 1.57
N ARG A 59 -4.25 10.15 0.35
CA ARG A 59 -4.11 8.73 0.14
C ARG A 59 -3.41 8.46 -1.18
N THR A 60 -2.14 8.84 -1.25
CA THR A 60 -1.34 8.63 -2.46
C THR A 60 -1.37 7.17 -2.87
N ARG A 61 -1.15 6.92 -4.16
CA ARG A 61 -1.16 5.56 -4.68
C ARG A 61 0.24 5.11 -5.08
N LYS A 62 1.05 6.06 -5.52
CA LYS A 62 2.41 5.77 -5.94
C LYS A 62 3.32 5.54 -4.74
N GLN A 63 3.03 6.24 -3.65
CA GLN A 63 3.81 6.11 -2.43
C GLN A 63 3.42 4.84 -1.69
N VAL A 64 2.17 4.43 -1.85
CA VAL A 64 1.68 3.23 -1.19
C VAL A 64 2.10 1.98 -1.96
N SER A 65 2.44 2.16 -3.23
CA SER A 65 2.86 1.04 -4.05
C SER A 65 4.35 0.78 -3.85
N SER A 66 5.07 1.86 -3.60
CA SER A 66 6.50 1.78 -3.35
C SER A 66 6.78 1.13 -2.01
N HIS A 67 5.89 1.38 -1.07
CA HIS A 67 6.02 0.84 0.27
C HIS A 67 5.82 -0.68 0.28
N ILE A 68 4.90 -1.14 -0.55
CA ILE A 68 4.61 -2.56 -0.65
C ILE A 68 5.74 -3.28 -1.35
N GLN A 69 6.46 -2.56 -2.21
CA GLN A 69 7.58 -3.13 -2.94
C GLN A 69 8.77 -3.34 -2.02
N VAL A 70 8.87 -2.52 -0.98
CA VAL A 70 9.96 -2.62 -0.03
C VAL A 70 9.77 -3.82 0.90
N LEU A 71 8.53 -4.27 1.04
CA LEU A 71 8.24 -5.41 1.88
C LEU A 71 8.57 -6.71 1.16
N ALA A 72 8.59 -6.66 -0.17
CA ALA A 72 8.90 -7.83 -0.98
C ALA A 72 10.39 -8.11 -0.97
N ARG A 73 11.18 -7.06 -0.86
CA ARG A 73 12.64 -7.20 -0.84
C ARG A 73 13.10 -7.77 0.50
N ARG A 74 12.41 -7.37 1.55
CA ARG A 74 12.73 -7.82 2.90
C ARG A 74 12.33 -9.29 3.08
N LYS A 75 11.31 -9.70 2.35
CA LYS A 75 10.82 -11.08 2.42
C LYS A 75 11.65 -12.00 1.53
N SER A 76 12.36 -11.42 0.57
CA SER A 76 13.19 -12.20 -0.34
C SER A 76 14.30 -12.92 0.40
N ARG A 77 14.58 -12.51 1.64
CA ARG A 77 15.62 -13.14 2.44
C ARG A 77 15.38 -14.64 2.57
N ASP A 78 14.14 -15.06 2.36
CA ASP A 78 13.79 -16.47 2.46
C ASP A 78 13.78 -17.13 1.08
N LEU A 79 14.62 -16.63 0.18
CA LEU A 79 14.71 -17.18 -1.17
C LEU A 79 15.12 -18.64 -1.14
N VAL A 80 14.13 -19.53 -1.16
CA VAL A 80 14.39 -20.96 -1.13
C VAL A 80 13.49 -21.69 -2.14
N PRO A 81 13.80 -21.59 -3.43
CA PRO A 81 13.05 -22.24 -4.49
C PRO A 81 13.38 -23.73 -4.62
N ARG A 82 13.20 -24.46 -3.51
CA ARG A 82 13.49 -25.89 -3.50
C ARG A 82 12.60 -26.62 -4.49
N MET A 1 18.75 20.54 -1.59
CA MET A 1 17.87 19.79 -0.64
C MET A 1 16.40 19.94 -1.04
N ASP A 2 15.68 18.83 -1.00
CA ASP A 2 14.26 18.83 -1.35
C ASP A 2 13.47 19.75 -0.42
N ASN A 3 12.17 19.83 -0.66
CA ASN A 3 11.31 20.68 0.15
C ASN A 3 10.65 19.88 1.28
N ASP A 4 11.32 18.82 1.72
CA ASP A 4 10.79 17.98 2.79
C ASP A 4 10.69 18.75 4.10
N ALA A 5 11.46 19.83 4.22
CA ALA A 5 11.46 20.65 5.41
C ALA A 5 10.10 21.30 5.64
N GLU A 6 9.31 21.41 4.57
CA GLU A 6 7.99 22.01 4.65
C GLU A 6 6.90 20.96 4.77
N GLY A 7 7.33 19.78 5.17
CA GLY A 7 6.41 18.67 5.33
C GLY A 7 5.59 18.40 4.08
N VAL A 8 6.20 18.59 2.92
CA VAL A 8 5.51 18.37 1.66
C VAL A 8 5.01 16.93 1.54
N TRP A 9 5.63 16.03 2.29
CA TRP A 9 5.26 14.63 2.27
C TRP A 9 5.38 14.02 3.67
N SER A 10 4.25 13.94 4.37
CA SER A 10 4.23 13.38 5.72
C SER A 10 4.53 11.88 5.69
N PRO A 11 5.71 11.47 6.21
CA PRO A 11 6.10 10.06 6.23
C PRO A 11 5.26 9.24 7.20
N ASP A 12 4.56 9.91 8.11
CA ASP A 12 3.73 9.25 9.10
C ASP A 12 2.53 8.57 8.44
N ILE A 13 2.17 9.06 7.25
CA ILE A 13 1.05 8.50 6.51
C ILE A 13 1.43 7.17 5.89
N GLU A 14 2.65 7.14 5.37
CA GLU A 14 3.17 5.92 4.75
C GLU A 14 3.27 4.81 5.79
N GLN A 15 3.36 5.22 7.06
CA GLN A 15 3.44 4.28 8.16
C GLN A 15 2.12 3.57 8.37
N SER A 16 1.08 4.36 8.56
CA SER A 16 -0.25 3.82 8.76
C SER A 16 -0.71 3.11 7.50
N PHE A 17 -0.14 3.50 6.37
CA PHE A 17 -0.47 2.91 5.09
C PHE A 17 0.09 1.50 5.00
N GLN A 18 1.24 1.29 5.63
CA GLN A 18 1.87 -0.01 5.63
C GLN A 18 0.97 -1.03 6.28
N GLU A 19 0.25 -0.59 7.31
CA GLU A 19 -0.66 -1.46 8.02
C GLU A 19 -1.75 -1.96 7.10
N ALA A 20 -2.45 -1.02 6.48
CA ALA A 20 -3.49 -1.36 5.54
C ALA A 20 -2.91 -2.03 4.31
N LEU A 21 -1.64 -1.77 4.05
CA LEU A 21 -0.93 -2.35 2.92
C LEU A 21 -0.55 -3.78 3.21
N SER A 22 -0.07 -4.02 4.42
CA SER A 22 0.32 -5.36 4.83
C SER A 22 -0.93 -6.19 5.10
N ILE A 23 -1.96 -5.51 5.55
CA ILE A 23 -3.24 -6.14 5.85
C ILE A 23 -4.04 -6.40 4.57
N TYR A 24 -3.62 -5.77 3.46
CA TYR A 24 -4.31 -5.93 2.19
C TYR A 24 -3.45 -6.65 1.15
N PRO A 25 -3.31 -7.99 1.25
CA PRO A 25 -2.54 -8.78 0.32
C PRO A 25 -3.41 -9.40 -0.78
N PRO A 26 -3.33 -8.88 -2.02
CA PRO A 26 -4.12 -9.39 -3.13
C PRO A 26 -3.56 -10.68 -3.70
N CYS A 27 -2.41 -10.56 -4.35
CA CYS A 27 -1.74 -11.70 -4.95
C CYS A 27 -0.27 -11.40 -5.21
N GLY A 28 0.53 -11.36 -4.14
CA GLY A 28 1.95 -11.08 -4.30
C GLY A 28 2.23 -9.59 -4.44
N ARG A 29 1.43 -8.91 -5.25
CA ARG A 29 1.61 -7.48 -5.47
C ARG A 29 0.29 -6.83 -5.86
N ARG A 30 0.34 -5.53 -6.14
CA ARG A 30 -0.86 -4.79 -6.52
C ARG A 30 -1.41 -5.30 -7.85
N LYS A 31 -2.25 -6.32 -7.78
CA LYS A 31 -2.84 -6.89 -8.98
C LYS A 31 -4.22 -7.48 -8.67
N ILE A 32 -5.27 -6.69 -8.91
CA ILE A 32 -6.62 -7.14 -8.66
C ILE A 32 -7.06 -8.17 -9.69
N ILE A 33 -7.82 -9.17 -9.24
CA ILE A 33 -8.29 -10.22 -10.11
C ILE A 33 -9.81 -10.37 -10.04
N LEU A 34 -10.50 -10.02 -11.12
CA LEU A 34 -11.95 -10.10 -11.17
C LEU A 34 -12.39 -11.18 -12.15
N SER A 35 -11.56 -11.45 -13.16
CA SER A 35 -11.88 -12.45 -14.16
C SER A 35 -12.09 -13.82 -13.53
N ASP A 36 -11.56 -14.00 -12.32
CA ASP A 36 -11.69 -15.26 -11.61
C ASP A 36 -12.76 -15.18 -10.54
N GLU A 37 -12.52 -14.33 -9.54
CA GLU A 37 -13.47 -14.16 -8.45
C GLU A 37 -14.76 -13.52 -8.91
N GLY A 38 -14.65 -12.61 -9.87
CA GLY A 38 -15.82 -11.93 -10.40
C GLY A 38 -16.28 -10.79 -9.53
N LYS A 39 -15.64 -10.62 -8.37
CA LYS A 39 -15.97 -9.55 -7.46
C LYS A 39 -14.72 -9.06 -6.75
N MET A 40 -14.09 -8.06 -7.34
CA MET A 40 -12.87 -7.49 -6.79
C MET A 40 -12.77 -6.01 -7.14
N TYR A 41 -13.38 -5.17 -6.32
CA TYR A 41 -13.36 -3.73 -6.54
C TYR A 41 -11.96 -3.17 -6.31
N GLY A 42 -11.76 -1.91 -6.68
CA GLY A 42 -10.46 -1.28 -6.51
C GLY A 42 -9.94 -1.40 -5.09
N ARG A 43 -9.02 -2.32 -4.88
CA ARG A 43 -8.43 -2.54 -3.56
C ARG A 43 -7.69 -1.31 -3.08
N ASN A 44 -7.22 -0.50 -4.02
CA ASN A 44 -6.49 0.72 -3.69
C ASN A 44 -7.36 1.68 -2.90
N GLU A 45 -8.65 1.68 -3.23
CA GLU A 45 -9.61 2.54 -2.55
C GLU A 45 -9.80 2.10 -1.11
N LEU A 46 -9.55 0.82 -0.85
CA LEU A 46 -9.68 0.26 0.48
C LEU A 46 -8.56 0.75 1.39
N ILE A 47 -7.35 0.71 0.86
CA ILE A 47 -6.17 1.14 1.61
C ILE A 47 -6.19 2.65 1.81
N ALA A 48 -6.85 3.36 0.91
CA ALA A 48 -6.94 4.81 1.00
C ALA A 48 -8.05 5.22 1.96
N ARG A 49 -8.99 4.30 2.20
CA ARG A 49 -10.08 4.56 3.11
C ARG A 49 -9.60 4.42 4.55
N TYR A 50 -8.58 3.58 4.73
CA TYR A 50 -8.00 3.35 6.03
C TYR A 50 -7.28 4.60 6.52
N ILE A 51 -6.39 5.10 5.68
CA ILE A 51 -5.64 6.29 6.00
C ILE A 51 -6.56 7.48 6.19
N LYS A 52 -7.62 7.52 5.40
CA LYS A 52 -8.60 8.59 5.48
C LYS A 52 -9.40 8.50 6.77
N LEU A 53 -9.52 7.29 7.30
CA LEU A 53 -10.27 7.06 8.52
C LEU A 53 -9.39 7.29 9.75
N ARG A 54 -8.08 7.21 9.56
CA ARG A 54 -7.14 7.41 10.66
C ARG A 54 -7.21 8.82 11.21
N THR A 55 -7.34 9.78 10.30
CA THR A 55 -7.42 11.18 10.68
C THR A 55 -7.96 12.04 9.55
N GLY A 56 -7.52 11.73 8.33
CA GLY A 56 -7.96 12.46 7.17
C GLY A 56 -6.82 13.10 6.41
N LYS A 57 -5.62 12.55 6.58
CA LYS A 57 -4.44 13.06 5.91
C LYS A 57 -4.48 12.74 4.41
N THR A 58 -3.37 12.99 3.73
CA THR A 58 -3.28 12.73 2.29
C THR A 58 -3.80 11.33 1.96
N ARG A 59 -3.96 11.05 0.67
CA ARG A 59 -4.44 9.76 0.23
C ARG A 59 -3.98 9.48 -1.19
N THR A 60 -2.68 9.31 -1.36
CA THR A 60 -2.10 9.04 -2.66
C THR A 60 -2.61 7.70 -3.19
N ARG A 61 -2.61 7.55 -4.52
CA ARG A 61 -3.07 6.33 -5.14
C ARG A 61 -1.93 5.58 -5.78
N LYS A 62 -1.06 6.31 -6.45
CA LYS A 62 0.10 5.71 -7.11
C LYS A 62 1.10 5.19 -6.09
N GLN A 63 1.18 5.89 -4.96
CA GLN A 63 2.10 5.50 -3.90
C GLN A 63 1.56 4.30 -3.15
N VAL A 64 0.24 4.11 -3.19
CA VAL A 64 -0.39 2.99 -2.51
C VAL A 64 -0.30 1.72 -3.34
N SER A 65 -0.06 1.86 -4.64
CA SER A 65 0.06 0.71 -5.52
C SER A 65 1.51 0.26 -5.58
N SER A 66 2.40 1.23 -5.50
CA SER A 66 3.83 0.98 -5.50
C SER A 66 4.26 0.41 -4.18
N HIS A 67 3.54 0.78 -3.12
CA HIS A 67 3.84 0.31 -1.78
C HIS A 67 3.52 -1.16 -1.62
N ILE A 68 2.52 -1.63 -2.37
CA ILE A 68 2.13 -3.04 -2.31
C ILE A 68 3.16 -3.92 -2.99
N GLN A 69 3.84 -3.36 -3.98
CA GLN A 69 4.86 -4.10 -4.72
C GLN A 69 6.12 -4.23 -3.87
N VAL A 70 6.36 -3.25 -3.03
CA VAL A 70 7.53 -3.25 -2.16
C VAL A 70 7.38 -4.30 -1.06
N LEU A 71 6.13 -4.61 -0.72
CA LEU A 71 5.85 -5.59 0.31
C LEU A 71 6.18 -7.00 -0.19
N ALA A 72 6.06 -7.19 -1.49
CA ALA A 72 6.35 -8.49 -2.09
C ALA A 72 7.83 -8.79 -2.04
N ARG A 73 8.64 -7.74 -2.08
CA ARG A 73 10.10 -7.88 -2.04
C ARG A 73 10.54 -8.35 -0.66
N ARG A 74 9.77 -7.99 0.35
CA ARG A 74 10.08 -8.36 1.73
C ARG A 74 9.87 -9.86 1.93
N LYS A 75 8.97 -10.44 1.16
CA LYS A 75 8.67 -11.86 1.25
C LYS A 75 9.82 -12.69 0.70
N SER A 76 10.54 -12.13 -0.25
CA SER A 76 11.66 -12.81 -0.86
C SER A 76 12.83 -12.94 0.11
N ARG A 77 12.82 -12.14 1.16
CA ARG A 77 13.87 -12.18 2.17
C ARG A 77 13.90 -13.52 2.89
N ASP A 78 12.83 -14.31 2.74
CA ASP A 78 12.74 -15.60 3.38
C ASP A 78 13.21 -16.72 2.45
N LEU A 79 14.15 -16.40 1.58
CA LEU A 79 14.67 -17.37 0.63
C LEU A 79 15.42 -18.48 1.36
N VAL A 80 14.67 -19.43 1.91
CA VAL A 80 15.26 -20.55 2.63
C VAL A 80 16.22 -21.34 1.74
N PRO A 81 17.54 -21.26 2.00
CA PRO A 81 18.54 -21.97 1.21
C PRO A 81 18.47 -23.48 1.42
N ARG A 82 17.76 -24.16 0.52
CA ARG A 82 17.61 -25.61 0.61
C ARG A 82 16.94 -26.02 1.92
N MET A 1 7.37 28.24 9.11
CA MET A 1 7.51 27.73 7.73
C MET A 1 8.69 26.76 7.61
N ASP A 2 8.39 25.47 7.65
CA ASP A 2 9.41 24.44 7.55
C ASP A 2 10.16 24.53 6.22
N ASN A 3 11.45 24.82 6.29
CA ASN A 3 12.27 24.94 5.09
C ASN A 3 12.67 23.57 4.54
N ASP A 4 13.40 22.83 5.35
CA ASP A 4 13.86 21.50 4.96
C ASP A 4 13.32 20.43 5.91
N ALA A 5 13.96 20.31 7.06
CA ALA A 5 13.57 19.33 8.07
C ALA A 5 13.01 20.01 9.31
N GLU A 6 12.49 21.23 9.14
CA GLU A 6 11.93 21.98 10.25
C GLU A 6 10.43 21.80 10.35
N GLY A 7 9.96 20.72 9.78
CA GLY A 7 8.54 20.42 9.80
C GLY A 7 8.02 19.92 8.46
N VAL A 8 8.84 19.99 7.42
CA VAL A 8 8.44 19.54 6.10
C VAL A 8 8.15 18.04 6.09
N TRP A 9 8.72 17.33 7.06
CA TRP A 9 8.53 15.89 7.16
C TRP A 9 7.06 15.55 7.38
N SER A 10 6.61 14.46 6.77
CA SER A 10 5.22 14.02 6.90
C SER A 10 5.15 12.51 7.10
N PRO A 11 5.29 12.06 8.36
CA PRO A 11 5.25 10.63 8.68
C PRO A 11 3.84 10.04 8.51
N ASP A 12 2.85 10.91 8.41
CA ASP A 12 1.47 10.46 8.24
C ASP A 12 1.28 9.75 6.91
N ILE A 13 2.14 10.06 5.96
CA ILE A 13 2.08 9.45 4.64
C ILE A 13 2.56 8.01 4.69
N GLU A 14 3.77 7.84 5.20
CA GLU A 14 4.35 6.51 5.34
C GLU A 14 3.54 5.69 6.33
N GLN A 15 2.82 6.38 7.22
CA GLN A 15 2.00 5.72 8.21
C GLN A 15 0.71 5.22 7.58
N SER A 16 0.13 6.07 6.75
CA SER A 16 -1.10 5.72 6.06
C SER A 16 -0.84 4.60 5.04
N PHE A 17 0.42 4.46 4.66
CA PHE A 17 0.82 3.44 3.70
C PHE A 17 0.80 2.07 4.35
N GLN A 18 1.28 2.00 5.58
CA GLN A 18 1.30 0.75 6.31
C GLN A 18 -0.11 0.29 6.63
N GLU A 19 -1.00 1.26 6.83
CA GLU A 19 -2.38 0.97 7.13
C GLU A 19 -3.06 0.28 5.95
N ALA A 20 -2.64 0.65 4.76
CA ALA A 20 -3.19 0.08 3.55
C ALA A 20 -2.50 -1.24 3.23
N LEU A 21 -1.23 -1.32 3.62
CA LEU A 21 -0.45 -2.52 3.40
C LEU A 21 -0.74 -3.55 4.48
N SER A 22 -1.13 -3.08 5.65
CA SER A 22 -1.45 -3.95 6.76
C SER A 22 -2.87 -4.48 6.62
N ILE A 23 -3.74 -3.66 6.05
CA ILE A 23 -5.12 -4.05 5.84
C ILE A 23 -5.29 -4.88 4.57
N TYR A 24 -4.32 -4.77 3.67
CA TYR A 24 -4.36 -5.51 2.42
C TYR A 24 -3.17 -6.48 2.30
N PRO A 25 -3.32 -7.69 2.87
CA PRO A 25 -2.28 -8.70 2.82
C PRO A 25 -2.33 -9.55 1.55
N PRO A 26 -1.34 -9.39 0.66
CA PRO A 26 -1.29 -10.14 -0.59
C PRO A 26 -1.03 -11.64 -0.38
N CYS A 27 -0.66 -12.00 0.85
CA CYS A 27 -0.38 -13.39 1.18
C CYS A 27 -1.60 -14.27 0.93
N GLY A 28 -1.72 -14.78 -0.30
CA GLY A 28 -2.85 -15.63 -0.64
C GLY A 28 -4.18 -14.92 -0.49
N ARG A 29 -4.27 -13.70 -1.02
CA ARG A 29 -5.50 -12.92 -0.94
C ARG A 29 -6.64 -13.63 -1.66
N ARG A 30 -7.73 -13.88 -0.94
CA ARG A 30 -8.89 -14.54 -1.51
C ARG A 30 -9.45 -13.74 -2.68
N LYS A 31 -9.06 -14.13 -3.90
CA LYS A 31 -9.53 -13.45 -5.10
C LYS A 31 -11.04 -13.56 -5.23
N ILE A 32 -11.75 -12.54 -4.76
CA ILE A 32 -13.19 -12.52 -4.82
C ILE A 32 -13.69 -12.34 -6.25
N ILE A 33 -14.67 -13.14 -6.64
CA ILE A 33 -15.24 -13.07 -7.97
C ILE A 33 -16.12 -11.84 -8.15
N LEU A 34 -16.44 -11.54 -9.40
CA LEU A 34 -17.29 -10.39 -9.70
C LEU A 34 -18.72 -10.81 -9.98
N SER A 35 -18.90 -12.06 -10.40
CA SER A 35 -20.21 -12.59 -10.70
C SER A 35 -21.12 -12.54 -9.48
N ASP A 36 -20.52 -12.52 -8.30
CA ASP A 36 -21.26 -12.47 -7.06
C ASP A 36 -20.82 -11.29 -6.20
N GLU A 37 -19.55 -11.27 -5.83
CA GLU A 37 -19.00 -10.20 -5.00
C GLU A 37 -19.07 -8.86 -5.72
N GLY A 38 -19.08 -8.91 -7.05
CA GLY A 38 -19.16 -7.69 -7.84
C GLY A 38 -18.04 -6.71 -7.51
N LYS A 39 -16.88 -7.26 -7.22
CA LYS A 39 -15.71 -6.46 -6.90
C LYS A 39 -14.45 -7.13 -7.42
N MET A 40 -14.09 -6.78 -8.64
CA MET A 40 -12.90 -7.32 -9.28
C MET A 40 -12.28 -6.29 -10.22
N TYR A 41 -11.43 -5.44 -9.67
CA TYR A 41 -10.77 -4.40 -10.45
C TYR A 41 -9.34 -4.18 -9.95
N GLY A 42 -8.67 -3.20 -10.53
CA GLY A 42 -7.30 -2.91 -10.13
C GLY A 42 -7.16 -2.70 -8.63
N ARG A 43 -6.47 -3.63 -7.97
CA ARG A 43 -6.27 -3.55 -6.53
C ARG A 43 -5.58 -2.25 -6.14
N ASN A 44 -4.83 -1.68 -7.08
CA ASN A 44 -4.10 -0.44 -6.84
C ASN A 44 -5.06 0.67 -6.41
N GLU A 45 -6.29 0.59 -6.89
CA GLU A 45 -7.31 1.59 -6.57
C GLU A 45 -7.82 1.40 -5.14
N LEU A 46 -7.69 0.17 -4.65
CA LEU A 46 -8.14 -0.16 -3.30
C LEU A 46 -7.14 0.32 -2.26
N ILE A 47 -5.87 0.31 -2.62
CA ILE A 47 -4.82 0.75 -1.72
C ILE A 47 -4.73 2.26 -1.72
N ALA A 48 -5.02 2.86 -2.86
CA ALA A 48 -4.97 4.30 -2.99
C ALA A 48 -6.24 4.91 -2.39
N ARG A 49 -7.31 4.15 -2.41
CA ARG A 49 -8.57 4.60 -1.84
C ARG A 49 -8.45 4.69 -0.32
N TYR A 50 -7.60 3.85 0.24
CA TYR A 50 -7.38 3.84 1.67
C TYR A 50 -6.67 5.10 2.11
N ILE A 51 -5.51 5.33 1.51
CA ILE A 51 -4.72 6.51 1.83
C ILE A 51 -5.48 7.78 1.46
N LYS A 52 -6.42 7.65 0.53
CA LYS A 52 -7.21 8.79 0.10
C LYS A 52 -8.33 9.08 1.09
N LEU A 53 -8.78 8.04 1.78
CA LEU A 53 -9.86 8.18 2.75
C LEU A 53 -9.30 8.48 4.14
N ARG A 54 -8.07 8.05 4.39
CA ARG A 54 -7.43 8.27 5.68
C ARG A 54 -7.06 9.74 5.86
N THR A 55 -6.23 10.24 4.96
CA THR A 55 -5.79 11.62 5.01
C THR A 55 -6.83 12.57 4.40
N GLY A 56 -7.68 12.02 3.55
CA GLY A 56 -8.71 12.81 2.91
C GLY A 56 -8.17 13.70 1.81
N LYS A 57 -6.88 13.59 1.53
CA LYS A 57 -6.24 14.38 0.49
C LYS A 57 -4.85 13.85 0.17
N THR A 58 -4.78 12.88 -0.75
CA THR A 58 -3.52 12.28 -1.13
C THR A 58 -3.55 11.85 -2.59
N ARG A 59 -2.38 11.46 -3.11
CA ARG A 59 -2.27 11.00 -4.48
C ARG A 59 -1.06 10.10 -4.62
N THR A 60 -1.13 8.95 -3.97
CA THR A 60 -0.05 7.98 -4.01
C THR A 60 -0.60 6.56 -4.13
N ARG A 61 -0.77 6.10 -5.36
CA ARG A 61 -1.29 4.76 -5.61
C ARG A 61 -0.20 3.85 -6.14
N LYS A 62 0.64 4.39 -6.99
CA LYS A 62 1.73 3.65 -7.59
C LYS A 62 2.79 3.32 -6.54
N GLN A 63 2.93 4.22 -5.57
CA GLN A 63 3.90 4.04 -4.50
C GLN A 63 3.44 2.97 -3.53
N VAL A 64 2.13 2.78 -3.44
CA VAL A 64 1.56 1.77 -2.55
C VAL A 64 1.66 0.38 -3.14
N SER A 65 1.84 0.31 -4.46
CA SER A 65 1.97 -0.97 -5.14
C SER A 65 3.41 -1.45 -5.07
N SER A 66 4.31 -0.50 -5.08
CA SER A 66 5.74 -0.78 -5.01
C SER A 66 6.11 -1.27 -3.62
N HIS A 67 5.41 -0.75 -2.63
CA HIS A 67 5.65 -1.11 -1.24
C HIS A 67 5.24 -2.55 -0.98
N ILE A 68 4.19 -2.99 -1.65
CA ILE A 68 3.70 -4.35 -1.49
C ILE A 68 4.65 -5.35 -2.14
N GLN A 69 5.38 -4.89 -3.14
CA GLN A 69 6.34 -5.72 -3.84
C GLN A 69 7.56 -5.97 -2.96
N VAL A 70 7.84 -5.03 -2.07
CA VAL A 70 8.97 -5.14 -1.16
C VAL A 70 8.74 -6.23 -0.12
N LEU A 71 7.46 -6.45 0.20
CA LEU A 71 7.10 -7.46 1.18
C LEU A 71 7.36 -8.86 0.65
N ALA A 72 7.20 -9.01 -0.66
CA ALA A 72 7.42 -10.29 -1.32
C ALA A 72 8.90 -10.65 -1.31
N ARG A 73 9.75 -9.64 -1.30
CA ARG A 73 11.19 -9.84 -1.28
C ARG A 73 11.64 -10.37 0.06
N ARG A 74 10.89 -10.06 1.11
CA ARG A 74 11.20 -10.51 2.46
C ARG A 74 10.97 -12.01 2.58
N LYS A 75 10.00 -12.51 1.83
CA LYS A 75 9.67 -13.93 1.86
C LYS A 75 10.65 -14.73 1.01
N SER A 76 11.17 -14.09 -0.03
CA SER A 76 12.13 -14.73 -0.93
C SER A 76 13.56 -14.59 -0.41
N ARG A 77 13.75 -13.76 0.61
CA ARG A 77 15.07 -13.54 1.18
C ARG A 77 15.71 -14.86 1.61
N ASP A 78 14.88 -15.87 1.84
CA ASP A 78 15.38 -17.18 2.26
C ASP A 78 16.24 -17.82 1.17
N LEU A 79 15.97 -17.43 -0.07
CA LEU A 79 16.72 -17.96 -1.21
C LEU A 79 18.15 -17.42 -1.22
N VAL A 80 19.01 -18.04 -0.42
CA VAL A 80 20.41 -17.64 -0.33
C VAL A 80 21.09 -17.72 -1.69
N PRO A 81 21.40 -16.55 -2.30
CA PRO A 81 22.06 -16.50 -3.61
C PRO A 81 23.50 -16.99 -3.56
N ARG A 82 23.67 -18.27 -3.22
CA ARG A 82 25.01 -18.85 -3.13
C ARG A 82 25.86 -18.14 -2.09
#